data_5SJF
#
_entry.id   5SJF
#
_cell.length_a   136.770
_cell.length_b   136.770
_cell.length_c   236.650
_cell.angle_alpha   90.000
_cell.angle_beta   90.000
_cell.angle_gamma   120.000
#
_symmetry.space_group_name_H-M   'H 3'
#
loop_
_entity.id
_entity.type
_entity.pdbx_description
1 polymer "cAMP and cAMP-inhibited cGMP 3',5'-cyclic phosphodiesterase 10A"
2 non-polymer 'ZINC ION'
3 non-polymer 'MAGNESIUM ION'
4 non-polymer 'CHLORIDE ION'
5 non-polymer 3-[1-(quinolin-4-yl)-1H-pyrazol-5-yl]-1-[3-(trifluoromethoxy)phenyl]pyridazin-4(1H)-one
6 non-polymer GLYCEROL
7 water water
#
_entity_poly.entity_id   1
_entity_poly.type   'polypeptide(L)'
_entity_poly.pdbx_seq_one_letter_code
;GSSICTSEEWQGLMQFTLPVRLCKEIELFHFDIGPFENMWPGIFVYMVHRSCGTSCFELEKL(CME)RFIMSVKKNYRRV
PYHNWKHAVTVAHCMYAILQNNHTLFTDLERKGLLIACLCHDLDHRGFSNSYLQKFDHPLAALYSTSTMEQHHFSQTVSI
LQLEGHNIFSTLSSSEYEQVLEIIRKAIIATDLALYFGNRKQLEEMYQTGSLNLNNQSHRDRVIGLMMTACDLCSVTKLW
PVTKLTANDIYAEFWAEGDEMKKLGIQPIPMMDRDKKDEVPQGQLGFYNAVAIPCYTTLTQILPPTEPLLKACRDNLSQW
EKVIRGEETATWISSPSVAQKAAASED
;
_entity_poly.pdbx_strand_id   A,B,C,D
#
loop_
_chem_comp.id
_chem_comp.type
_chem_comp.name
_chem_comp.formula
CL non-polymer 'CHLORIDE ION' 'Cl -1'
GOL non-polymer GLYCEROL 'C3 H8 O3'
K1X non-polymer 3-[1-(quinolin-4-yl)-1H-pyrazol-5-yl]-1-[3-(trifluoromethoxy)phenyl]pyridazin-4(1H)-one 'C23 H14 F3 N5 O2'
MG non-polymer 'MAGNESIUM ION' 'Mg 2'
ZN non-polymer 'ZINC ION' 'Zn 2'
#
# COMPACT_ATOMS: atom_id res chain seq x y z
N GLY A 12 34.85 31.66 7.64
CA GLY A 12 35.08 33.06 8.13
C GLY A 12 34.62 34.11 7.13
N LEU A 13 34.94 33.92 5.84
CA LEU A 13 34.43 34.72 4.69
C LEU A 13 33.26 33.97 4.02
N MET A 14 32.73 32.94 4.69
CA MET A 14 31.58 32.09 4.23
C MET A 14 30.31 32.63 4.89
N GLN A 15 29.69 33.63 4.25
CA GLN A 15 28.37 34.20 4.64
C GLN A 15 27.26 33.23 4.25
N PHE A 16 26.08 33.45 4.81
CA PHE A 16 24.82 32.78 4.42
C PHE A 16 23.94 33.84 3.74
N THR A 17 23.33 33.47 2.62
CA THR A 17 22.36 34.31 1.87
C THR A 17 21.10 33.50 1.60
N LEU A 18 19.96 34.16 1.67
CA LEU A 18 18.64 33.54 1.40
C LEU A 18 18.20 34.05 0.05
N PRO A 19 17.30 33.34 -0.65
CA PRO A 19 16.60 33.90 -1.80
C PRO A 19 15.98 35.26 -1.44
N VAL A 20 15.76 36.11 -2.46
CA VAL A 20 15.34 37.52 -2.29
C VAL A 20 14.08 37.61 -1.41
N ARG A 21 13.01 36.86 -1.70
CA ARG A 21 11.75 37.00 -0.91
C ARG A 21 12.05 36.70 0.57
N LEU A 22 12.84 35.66 0.87
CA LEU A 22 13.17 35.24 2.27
C LEU A 22 14.09 36.28 2.91
N CYS A 23 15.05 36.82 2.17
CA CYS A 23 16.00 37.84 2.68
C CYS A 23 15.20 39.06 3.20
N LYS A 24 14.14 39.47 2.50
CA LYS A 24 13.30 40.64 2.87
C LYS A 24 12.30 40.27 3.96
N GLU A 25 11.58 39.17 3.77
CA GLU A 25 10.46 38.75 4.65
C GLU A 25 10.96 38.31 6.04
N ILE A 26 12.18 37.77 6.15
CA ILE A 26 12.71 37.21 7.43
C ILE A 26 12.88 38.35 8.45
N GLU A 27 12.95 39.61 8.01
CA GLU A 27 13.13 40.78 8.91
C GLU A 27 11.82 41.14 9.59
N LEU A 28 10.69 40.75 8.98
CA LEU A 28 9.34 41.05 9.48
C LEU A 28 8.93 40.04 10.55
N PHE A 29 8.14 40.49 11.52
CA PHE A 29 7.64 39.72 12.67
C PHE A 29 6.78 38.55 12.16
N HIS A 30 5.97 38.73 11.12
CA HIS A 30 4.96 37.72 10.66
C HIS A 30 5.56 36.70 9.68
N PHE A 31 6.88 36.68 9.48
CA PHE A 31 7.54 35.66 8.63
C PHE A 31 7.10 34.25 9.02
N ASP A 32 6.77 33.43 8.02
CA ASP A 32 6.55 31.97 8.13
C ASP A 32 7.76 31.25 7.51
N ILE A 33 8.37 30.28 8.21
CA ILE A 33 9.64 29.67 7.74
C ILE A 33 9.40 28.69 6.58
N GLY A 34 8.15 28.38 6.25
CA GLY A 34 7.85 27.55 5.07
C GLY A 34 7.91 26.05 5.37
N PRO A 35 7.49 25.22 4.38
CA PRO A 35 7.41 23.77 4.53
C PRO A 35 8.67 22.98 4.17
N PHE A 36 9.77 23.64 3.78
CA PHE A 36 11.05 22.99 3.40
C PHE A 36 11.96 22.85 4.62
N GLU A 37 11.80 21.74 5.37
CA GLU A 37 12.56 21.40 6.62
C GLU A 37 14.06 21.67 6.42
N ASN A 38 14.60 21.25 5.28
CA ASN A 38 16.06 21.26 4.98
C ASN A 38 16.58 22.70 4.89
N MET A 39 15.71 23.69 4.71
CA MET A 39 16.16 25.10 4.71
C MET A 39 16.20 25.67 6.14
N TRP A 40 15.63 25.00 7.15
CA TRP A 40 15.46 25.63 8.49
C TRP A 40 16.80 25.86 9.18
N PRO A 41 17.76 24.89 9.18
CA PRO A 41 19.09 25.14 9.74
C PRO A 41 19.81 26.38 9.15
N GLY A 42 19.77 26.54 7.83
CA GLY A 42 20.37 27.71 7.17
C GLY A 42 19.67 29.00 7.57
N ILE A 43 18.35 28.97 7.70
CA ILE A 43 17.58 30.15 8.21
C ILE A 43 18.08 30.51 9.61
N PHE A 44 18.26 29.55 10.51
CA PHE A 44 18.71 29.80 11.90
C PHE A 44 20.14 30.35 11.93
N VAL A 45 21.06 29.80 11.15
CA VAL A 45 22.47 30.26 11.13
C VAL A 45 22.49 31.69 10.60
N TYR A 46 21.73 31.98 9.55
CA TYR A 46 21.57 33.33 8.96
C TYR A 46 21.18 34.32 10.06
N MET A 47 20.22 33.95 10.90
CA MET A 47 19.68 34.84 11.97
C MET A 47 20.74 35.04 13.07
N VAL A 48 21.47 33.99 13.43
CA VAL A 48 22.57 34.07 14.44
C VAL A 48 23.65 35.03 13.91
N HIS A 49 24.09 34.86 12.66
CA HIS A 49 25.18 35.69 12.07
C HIS A 49 24.79 37.16 12.07
N ARG A 50 23.55 37.49 11.71
CA ARG A 50 23.07 38.89 11.58
C ARG A 50 22.74 39.48 12.96
N SER A 51 22.29 38.64 13.90
CA SER A 51 21.79 39.04 15.24
C SER A 51 22.96 39.15 16.23
N CYS A 52 23.95 38.28 16.08
CA CYS A 52 25.02 38.09 17.07
C CYS A 52 26.35 38.47 16.44
N GLY A 53 26.66 37.91 15.26
CA GLY A 53 27.91 38.10 14.52
C GLY A 53 28.36 36.79 13.90
N THR A 54 29.19 36.84 12.85
CA THR A 54 29.71 35.63 12.15
C THR A 54 30.82 34.97 12.99
N SER A 55 31.33 35.68 13.99
CA SER A 55 32.53 35.29 14.80
C SER A 55 32.15 34.64 16.14
N CYS A 56 30.89 34.73 16.59
CA CYS A 56 30.52 34.35 17.97
C CYS A 56 30.38 32.82 18.12
N PHE A 57 30.10 32.08 17.04
CA PHE A 57 30.07 30.58 17.07
C PHE A 57 30.98 30.04 15.97
N GLU A 58 31.63 28.90 16.22
CA GLU A 58 32.36 28.09 15.21
C GLU A 58 31.29 27.39 14.35
N LEU A 59 31.26 27.67 13.04
CA LEU A 59 30.20 27.18 12.13
C LEU A 59 30.03 25.66 12.25
N GLU A 60 31.14 24.91 12.24
CA GLU A 60 31.15 23.43 12.30
C GLU A 60 30.44 22.93 13.57
N LYS A 61 30.75 23.54 14.72
CA LYS A 61 30.15 23.19 16.04
C LYS A 61 28.66 23.58 16.03
N LEU A 62 28.36 24.77 15.51
CA LEU A 62 26.98 25.32 15.50
C LEU A 62 26.08 24.36 14.72
N CME A 63 26.55 23.93 13.54
CA CME A 63 25.81 23.03 12.62
CB CME A 63 26.48 22.91 11.28
SG CME A 63 26.23 24.35 10.22
SD CME A 63 24.24 24.31 9.79
CE CME A 63 24.15 23.65 8.10
CZ CME A 63 23.39 24.55 7.18
OH CME A 63 23.32 24.01 5.88
C CME A 63 25.59 21.69 13.31
O CME A 63 24.47 21.13 13.20
N ARG A 64 26.60 21.19 14.00
CA ARG A 64 26.53 19.91 14.74
C ARG A 64 25.51 20.05 15.87
N PHE A 65 25.52 21.16 16.60
CA PHE A 65 24.58 21.45 17.70
C PHE A 65 23.14 21.49 17.17
N ILE A 66 22.89 22.25 16.10
CA ILE A 66 21.56 22.41 15.44
C ILE A 66 21.02 21.02 15.04
N MET A 67 21.84 20.19 14.43
CA MET A 67 21.38 18.87 13.93
C MET A 67 21.04 17.94 15.12
N SER A 68 21.77 17.99 16.23
CA SER A 68 21.46 17.16 17.42
C SER A 68 20.18 17.69 18.10
N VAL A 69 20.03 19.00 18.22
CA VAL A 69 18.75 19.59 18.73
C VAL A 69 17.60 19.08 17.87
N LYS A 70 17.71 19.17 16.55
CA LYS A 70 16.65 18.71 15.64
C LYS A 70 16.28 17.25 15.93
N LYS A 71 17.29 16.40 16.12
CA LYS A 71 17.10 14.96 16.37
C LYS A 71 16.31 14.74 17.66
N ASN A 72 16.39 15.67 18.62
CA ASN A 72 15.80 15.50 19.96
C ASN A 72 14.43 16.17 20.08
N TYR A 73 13.91 16.79 19.01
CA TYR A 73 12.47 17.14 18.86
C TYR A 73 11.75 15.92 18.29
N ARG A 74 10.49 15.71 18.64
CA ARG A 74 9.72 14.50 18.29
C ARG A 74 8.71 14.80 17.19
N ARG A 75 8.08 13.77 16.64
CA ARG A 75 7.12 13.88 15.51
C ARG A 75 5.71 14.09 16.06
N VAL A 76 5.46 15.22 16.70
CA VAL A 76 4.14 15.59 17.29
C VAL A 76 3.55 16.73 16.45
N PRO A 77 2.22 16.93 16.46
CA PRO A 77 1.58 17.88 15.54
C PRO A 77 2.02 19.35 15.67
N TYR A 78 2.33 19.82 16.89
CA TYR A 78 2.63 21.25 17.15
C TYR A 78 4.01 21.44 17.78
N HIS A 79 4.31 20.81 18.92
CA HIS A 79 5.54 21.01 19.72
C HIS A 79 6.75 20.30 19.08
N ASN A 80 7.07 20.68 17.85
CA ASN A 80 8.05 20.00 16.96
C ASN A 80 9.15 20.98 16.54
N TRP A 81 10.08 20.51 15.73
CA TRP A 81 11.26 21.24 15.21
C TRP A 81 10.82 22.56 14.57
N LYS A 82 9.73 22.55 13.82
CA LYS A 82 9.20 23.77 13.13
C LYS A 82 8.84 24.85 14.15
N HIS A 83 8.18 24.48 15.26
CA HIS A 83 7.86 25.41 16.37
C HIS A 83 9.15 26.00 16.96
N ALA A 84 10.17 25.17 17.20
CA ALA A 84 11.49 25.58 17.74
C ALA A 84 12.07 26.70 16.88
N VAL A 85 12.10 26.51 15.57
CA VAL A 85 12.73 27.49 14.65
C VAL A 85 11.84 28.74 14.53
N THR A 86 10.53 28.58 14.54
CA THR A 86 9.54 29.70 14.46
C THR A 86 9.73 30.63 15.67
N VAL A 87 9.87 30.04 16.86
CA VAL A 87 10.05 30.80 18.13
C VAL A 87 11.40 31.53 18.11
N ALA A 88 12.45 30.90 17.59
CA ALA A 88 13.78 31.53 17.40
C ALA A 88 13.66 32.70 16.43
N HIS A 89 12.91 32.57 15.34
CA HIS A 89 12.78 33.67 14.35
C HIS A 89 12.08 34.88 15.00
N CYS A 90 11.06 34.68 15.81
CA CYS A 90 10.39 35.80 16.54
C CYS A 90 11.38 36.49 17.49
N MET A 91 12.25 35.74 18.18
CA MET A 91 13.28 36.36 19.06
C MET A 91 14.26 37.16 18.19
N TYR A 92 14.61 36.64 17.02
CA TYR A 92 15.50 37.35 16.05
C TYR A 92 14.90 38.73 15.71
N ALA A 93 13.62 38.76 15.32
CA ALA A 93 12.90 40.00 14.96
C ALA A 93 12.93 40.99 16.13
N ILE A 94 12.69 40.52 17.36
CA ILE A 94 12.69 41.38 18.58
C ILE A 94 14.08 41.96 18.78
N LEU A 95 15.12 41.13 18.71
CA LEU A 95 16.52 41.57 18.95
C LEU A 95 16.93 42.54 17.84
N GLN A 96 16.48 42.33 16.60
CA GLN A 96 16.92 43.18 15.47
C GLN A 96 16.24 44.56 15.56
N ASN A 97 15.06 44.65 16.17
CA ASN A 97 14.26 45.90 16.31
C ASN A 97 14.61 46.63 17.62
N ASN A 98 15.44 46.04 18.48
CA ASN A 98 15.90 46.60 19.79
C ASN A 98 17.41 46.42 19.89
N HIS A 99 18.09 46.76 18.80
CA HIS A 99 19.54 46.59 18.50
C HIS A 99 20.40 46.80 19.75
N THR A 100 20.31 47.96 20.38
CA THR A 100 21.30 48.45 21.38
C THR A 100 20.95 48.01 22.81
N LEU A 101 19.79 47.38 23.03
CA LEU A 101 19.29 47.12 24.41
C LEU A 101 19.92 45.87 25.05
N PHE A 102 20.56 44.96 24.30
CA PHE A 102 20.94 43.61 24.83
C PHE A 102 22.43 43.36 24.66
N THR A 103 23.02 42.67 25.64
CA THR A 103 24.48 42.37 25.69
C THR A 103 24.82 41.34 24.63
N ASP A 104 26.12 41.15 24.38
CA ASP A 104 26.65 40.13 23.42
C ASP A 104 26.15 38.74 23.86
N LEU A 105 26.21 38.47 25.16
CA LEU A 105 25.90 37.15 25.78
C LEU A 105 24.39 36.89 25.69
N GLU A 106 23.55 37.90 25.94
CA GLU A 106 22.07 37.74 25.87
C GLU A 106 21.69 37.36 24.43
N ARG A 107 22.34 37.96 23.43
CA ARG A 107 22.00 37.72 22.00
C ARG A 107 22.40 36.29 21.64
N LYS A 108 23.59 35.86 22.08
CA LYS A 108 24.11 34.47 21.97
C LYS A 108 23.08 33.50 22.57
N GLY A 109 22.71 33.72 23.84
CA GLY A 109 21.94 32.76 24.64
C GLY A 109 20.48 32.69 24.27
N LEU A 110 19.87 33.80 23.84
CA LEU A 110 18.39 33.87 23.71
C LEU A 110 17.94 33.12 22.45
N LEU A 111 18.71 33.15 21.36
CA LEU A 111 18.36 32.39 20.12
C LEU A 111 18.57 30.90 20.39
N ILE A 112 19.64 30.54 21.09
CA ILE A 112 19.88 29.13 21.49
C ILE A 112 18.73 28.69 22.42
N ALA A 113 18.35 29.53 23.39
CA ALA A 113 17.27 29.19 24.35
C ALA A 113 15.96 28.92 23.58
N CYS A 114 15.65 29.71 22.57
CA CYS A 114 14.38 29.57 21.82
C CYS A 114 14.43 28.26 21.03
N LEU A 115 15.56 27.95 20.39
CA LEU A 115 15.68 26.70 19.60
C LEU A 115 15.51 25.46 20.49
N CYS A 116 15.92 25.54 21.76
CA CYS A 116 15.94 24.40 22.70
C CYS A 116 14.76 24.40 23.67
N HIS A 117 13.85 25.40 23.64
CA HIS A 117 12.88 25.62 24.76
C HIS A 117 11.84 24.49 24.88
N ASP A 118 11.62 23.65 23.85
CA ASP A 118 10.62 22.55 23.91
C ASP A 118 11.28 21.20 23.57
N LEU A 119 12.59 21.07 23.79
CA LEU A 119 13.35 19.83 23.50
C LEU A 119 12.67 18.61 24.14
N ASP A 120 12.43 17.58 23.32
CA ASP A 120 11.92 16.26 23.76
C ASP A 120 10.48 16.37 24.27
N HIS A 121 9.69 17.32 23.75
CA HIS A 121 8.26 17.48 24.09
C HIS A 121 7.46 16.33 23.46
N ARG A 122 6.50 15.74 24.19
CA ARG A 122 5.66 14.64 23.63
C ARG A 122 4.22 15.10 23.41
N GLY A 123 3.93 16.39 23.58
CA GLY A 123 2.60 16.95 23.30
C GLY A 123 1.69 16.93 24.51
N PHE A 124 2.25 16.69 25.70
CA PHE A 124 1.49 16.62 26.98
C PHE A 124 1.90 17.76 27.92
N SER A 125 0.90 18.37 28.55
CA SER A 125 1.03 19.42 29.59
C SER A 125 1.60 18.86 30.90
N ASN A 126 2.09 19.77 31.74
CA ASN A 126 2.63 19.48 33.09
C ASN A 126 1.54 18.76 33.91
N SER A 127 0.28 19.19 33.77
CA SER A 127 -0.91 18.61 34.41
C SER A 127 -1.01 17.12 34.12
N TYR A 128 -0.95 16.75 32.83
CA TYR A 128 -1.14 15.33 32.43
C TYR A 128 0.00 14.52 33.07
N LEU A 129 1.24 15.01 33.01
CA LEU A 129 2.40 14.33 33.62
C LEU A 129 2.13 14.08 35.12
N GLN A 130 1.55 15.05 35.85
CA GLN A 130 1.27 14.93 37.31
C GLN A 130 0.22 13.84 37.54
N LYS A 131 -0.85 13.84 36.76
CA LYS A 131 -1.96 12.86 36.93
C LYS A 131 -1.53 11.46 36.48
N PHE A 132 -0.73 11.35 35.43
CA PHE A 132 -0.18 10.04 34.99
C PHE A 132 0.78 9.51 36.06
N ASP A 133 1.39 10.43 36.82
CA ASP A 133 2.48 10.14 37.79
C ASP A 133 3.73 9.76 36.99
N HIS A 134 4.08 10.56 35.99
CA HIS A 134 5.31 10.40 35.18
C HIS A 134 6.53 10.61 36.07
N PRO A 135 7.63 9.82 35.90
CA PRO A 135 8.87 10.05 36.64
C PRO A 135 9.38 11.50 36.64
N LEU A 136 9.26 12.23 35.53
CA LEU A 136 9.69 13.65 35.42
C LEU A 136 8.94 14.49 36.48
N ALA A 137 7.70 14.13 36.83
CA ALA A 137 6.88 14.88 37.81
C ALA A 137 7.42 14.67 39.24
N ALA A 138 8.12 13.56 39.49
CA ALA A 138 8.78 13.28 40.80
C ALA A 138 10.12 14.01 40.88
N LEU A 139 10.83 14.08 39.76
CA LEU A 139 12.14 14.76 39.62
C LEU A 139 11.95 16.29 39.73
N TYR A 140 10.86 16.83 39.15
CA TYR A 140 10.54 18.28 39.12
C TYR A 140 9.04 18.52 39.33
N SER A 141 8.66 19.02 40.51
CA SER A 141 7.24 19.20 40.93
C SER A 141 6.61 20.36 40.16
N THR A 142 7.37 21.44 39.95
CA THR A 142 6.88 22.62 39.20
C THR A 142 7.70 22.82 37.91
N SER A 143 7.06 23.41 36.91
CA SER A 143 7.65 23.66 35.56
C SER A 143 8.27 22.35 35.05
N THR A 144 7.54 21.22 35.20
CA THR A 144 8.08 19.85 35.01
C THR A 144 8.73 19.75 33.62
N MET A 145 7.98 20.03 32.55
CA MET A 145 8.51 19.83 31.18
C MET A 145 9.64 20.85 30.93
N GLU A 146 9.53 22.04 31.51
CA GLU A 146 10.49 23.15 31.25
C GLU A 146 11.84 22.81 31.89
N GLN A 147 11.87 22.19 33.06
CA GLN A 147 13.15 21.76 33.67
C GLN A 147 13.74 20.63 32.82
N HIS A 148 12.90 19.75 32.26
CA HIS A 148 13.35 18.66 31.36
C HIS A 148 13.97 19.28 30.10
N HIS A 149 13.32 20.26 29.46
CA HIS A 149 13.86 20.93 28.23
C HIS A 149 15.23 21.52 28.54
N PHE A 150 15.42 22.18 29.68
CA PHE A 150 16.74 22.77 30.03
C PHE A 150 17.77 21.64 30.20
N SER A 151 17.36 20.54 30.81
CA SER A 151 18.23 19.36 31.09
C SER A 151 18.70 18.75 29.78
N GLN A 152 17.80 18.68 28.79
CA GLN A 152 18.13 18.17 27.42
C GLN A 152 19.13 19.11 26.74
N THR A 153 19.01 20.43 26.96
CA THR A 153 19.92 21.45 26.39
C THR A 153 21.33 21.22 26.94
N VAL A 154 21.48 21.10 28.25
CA VAL A 154 22.78 20.82 28.92
C VAL A 154 23.37 19.49 28.37
N SER A 155 22.56 18.45 28.20
CA SER A 155 23.02 17.13 27.68
C SER A 155 23.68 17.35 26.33
N ILE A 156 22.97 18.03 25.43
CA ILE A 156 23.44 18.25 24.04
C ILE A 156 24.71 19.11 24.09
N LEU A 157 24.74 20.18 24.90
CA LEU A 157 25.92 21.08 25.01
C LEU A 157 27.16 20.28 25.46
N GLN A 158 26.98 19.11 26.08
CA GLN A 158 28.07 18.30 26.67
C GLN A 158 28.48 17.13 25.76
N LEU A 159 27.75 16.84 24.69
CA LEU A 159 28.21 15.88 23.63
C LEU A 159 29.55 16.39 23.08
N GLU A 160 30.45 15.47 22.71
CA GLU A 160 31.74 15.78 22.07
C GLU A 160 31.54 16.64 20.82
N GLY A 161 32.32 17.72 20.69
CA GLY A 161 32.34 18.64 19.54
C GLY A 161 31.11 19.53 19.48
N HIS A 162 30.30 19.59 20.56
CA HIS A 162 28.99 20.30 20.58
C HIS A 162 29.07 21.53 21.46
N ASN A 163 30.22 21.86 22.06
CA ASN A 163 30.28 23.06 22.94
C ASN A 163 30.50 24.33 22.10
N ILE A 164 29.39 24.92 21.69
CA ILE A 164 29.31 26.16 20.90
C ILE A 164 29.78 27.36 21.72
N PHE A 165 29.93 27.22 23.05
CA PHE A 165 30.33 28.34 23.95
C PHE A 165 31.79 28.18 24.41
N SER A 166 32.58 27.35 23.72
CA SER A 166 33.93 26.89 24.14
C SER A 166 34.90 28.04 24.40
N THR A 167 34.80 29.17 23.68
CA THR A 167 35.76 30.30 23.79
C THR A 167 35.34 31.27 24.91
N LEU A 168 34.19 31.08 25.56
CA LEU A 168 33.80 31.88 26.76
C LEU A 168 34.65 31.40 27.95
N SER A 169 35.01 32.31 28.86
CA SER A 169 35.59 31.97 30.18
C SER A 169 34.55 31.16 30.94
N SER A 170 34.97 30.47 32.00
CA SER A 170 34.06 29.63 32.81
C SER A 170 32.93 30.50 33.40
N SER A 171 33.23 31.73 33.82
CA SER A 171 32.23 32.63 34.46
C SER A 171 31.24 33.15 33.39
N GLU A 172 31.71 33.43 32.18
CA GLU A 172 30.86 33.86 31.03
C GLU A 172 29.99 32.69 30.58
N TYR A 173 30.56 31.49 30.53
CA TYR A 173 29.84 30.23 30.22
C TYR A 173 28.70 30.05 31.22
N GLU A 174 28.97 30.27 32.51
CA GLU A 174 28.00 30.09 33.64
C GLU A 174 26.88 31.14 33.52
N GLN A 175 27.21 32.38 33.16
CA GLN A 175 26.21 33.46 32.91
C GLN A 175 25.28 33.09 31.74
N VAL A 176 25.81 32.62 30.60
CA VAL A 176 24.97 32.36 29.41
C VAL A 176 24.07 31.15 29.70
N LEU A 177 24.56 30.13 30.44
CA LEU A 177 23.73 28.95 30.79
C LEU A 177 22.63 29.35 31.77
N GLU A 178 22.87 30.39 32.58
CA GLU A 178 21.87 30.94 33.52
C GLU A 178 20.82 31.80 32.78
N ILE A 179 21.23 32.56 31.76
CA ILE A 179 20.29 33.23 30.81
C ILE A 179 19.39 32.15 30.18
N ILE A 180 19.98 31.06 29.68
CA ILE A 180 19.24 30.00 28.96
C ILE A 180 18.26 29.32 29.93
N ARG A 181 18.70 29.00 31.16
CA ARG A 181 17.86 28.29 32.16
C ARG A 181 16.62 29.15 32.44
N LYS A 182 16.80 30.41 32.82
CA LYS A 182 15.67 31.31 33.16
C LYS A 182 14.75 31.48 31.95
N ALA A 183 15.31 31.66 30.76
CA ALA A 183 14.54 31.87 29.51
C ALA A 183 13.64 30.66 29.31
N ILE A 184 14.19 29.44 29.50
CA ILE A 184 13.44 28.20 29.20
C ILE A 184 12.36 28.02 30.27
N ILE A 185 12.68 28.20 31.56
CA ILE A 185 11.69 28.09 32.67
C ILE A 185 10.55 29.08 32.43
N ALA A 186 10.84 30.27 31.88
CA ALA A 186 9.83 31.35 31.67
C ALA A 186 8.75 30.93 30.66
N THR A 187 9.00 29.91 29.84
CA THR A 187 8.02 29.43 28.82
C THR A 187 6.95 28.59 29.50
N ASP A 188 7.10 28.28 30.78
CA ASP A 188 5.99 27.72 31.59
C ASP A 188 4.93 28.82 31.72
N LEU A 189 3.81 28.69 31.01
CA LEU A 189 2.76 29.74 30.91
C LEU A 189 2.13 30.00 32.29
N ALA A 190 2.14 29.03 33.20
CA ALA A 190 1.66 29.21 34.59
C ALA A 190 2.43 30.36 35.24
N LEU A 191 3.71 30.55 34.92
CA LEU A 191 4.58 31.59 35.54
C LEU A 191 4.33 32.96 34.86
N TYR A 192 3.80 32.97 33.65
CA TYR A 192 3.66 34.19 32.83
C TYR A 192 2.75 35.20 33.57
N PHE A 193 1.65 34.73 34.15
CA PHE A 193 0.55 35.60 34.63
C PHE A 193 1.13 36.57 35.67
N GLY A 194 1.78 36.05 36.70
CA GLY A 194 2.44 36.87 37.74
C GLY A 194 3.52 37.74 37.15
N ASN A 195 4.31 37.22 36.20
CA ASN A 195 5.44 37.96 35.60
C ASN A 195 4.92 39.24 34.89
N ARG A 196 3.90 39.10 34.04
CA ARG A 196 3.33 40.25 33.31
C ARG A 196 2.70 41.25 34.30
N LYS A 197 1.99 40.77 35.32
CA LYS A 197 1.38 41.62 36.38
C LYS A 197 2.47 42.52 36.99
N GLN A 198 3.60 41.93 37.39
CA GLN A 198 4.71 42.65 38.06
C GLN A 198 5.32 43.66 37.11
N LEU A 199 5.53 43.29 35.84
CA LEU A 199 6.10 44.19 34.81
C LEU A 199 5.13 45.35 34.57
N GLU A 200 3.83 45.06 34.58
CA GLU A 200 2.74 46.06 34.38
C GLU A 200 2.86 47.11 35.48
N GLU A 201 2.97 46.68 36.74
CA GLU A 201 3.08 47.58 37.93
C GLU A 201 4.38 48.38 37.85
N MET A 202 5.51 47.72 37.62
CA MET A 202 6.84 48.38 37.54
C MET A 202 6.79 49.46 36.45
N TYR A 203 6.16 49.15 35.32
CA TYR A 203 6.09 50.11 34.18
C TYR A 203 5.21 51.31 34.56
N GLN A 204 4.04 51.06 35.14
CA GLN A 204 3.00 52.10 35.48
C GLN A 204 3.52 53.05 36.56
N THR A 205 4.18 52.53 37.60
CA THR A 205 4.81 53.33 38.68
C THR A 205 6.22 53.81 38.28
N GLY A 206 6.65 53.59 37.03
CA GLY A 206 7.94 54.10 36.48
C GLY A 206 9.16 53.56 37.20
N SER A 207 9.03 52.49 38.00
CA SER A 207 10.15 51.84 38.74
C SER A 207 10.93 50.85 37.85
N LEU A 208 10.45 50.51 36.66
CA LEU A 208 11.14 49.53 35.79
C LEU A 208 12.50 50.10 35.38
N ASN A 209 13.55 49.29 35.53
CA ASN A 209 14.96 49.71 35.43
C ASN A 209 15.76 48.59 34.75
N LEU A 210 16.18 48.77 33.50
CA LEU A 210 16.88 47.73 32.68
C LEU A 210 18.32 47.51 33.17
N ASN A 211 18.80 48.28 34.15
CA ASN A 211 20.13 48.08 34.77
C ASN A 211 20.01 47.15 35.99
N ASN A 212 18.80 46.93 36.48
CA ASN A 212 18.53 45.96 37.57
C ASN A 212 18.42 44.57 36.93
N GLN A 213 19.39 43.68 37.18
CA GLN A 213 19.42 42.32 36.60
C GLN A 213 18.10 41.58 36.84
N SER A 214 17.47 41.70 38.01
CA SER A 214 16.21 41.00 38.33
C SER A 214 15.06 41.57 37.48
N HIS A 215 15.18 42.83 37.04
CA HIS A 215 14.22 43.48 36.10
C HIS A 215 14.51 42.98 34.68
N ARG A 216 15.78 42.89 34.27
CA ARG A 216 16.15 42.32 32.96
C ARG A 216 15.56 40.91 32.81
N ASP A 217 15.71 40.08 33.85
CA ASP A 217 15.25 38.67 33.86
C ASP A 217 13.75 38.63 33.54
N ARG A 218 12.96 39.54 34.13
CA ARG A 218 11.49 39.56 33.96
C ARG A 218 11.15 39.88 32.50
N VAL A 219 11.82 40.89 31.95
CA VAL A 219 11.63 41.39 30.56
C VAL A 219 12.00 40.27 29.58
N ILE A 220 13.11 39.57 29.81
CA ILE A 220 13.50 38.41 28.96
C ILE A 220 12.42 37.32 29.09
N GLY A 221 11.95 37.05 30.31
CA GLY A 221 10.82 36.14 30.54
C GLY A 221 9.63 36.50 29.65
N LEU A 222 9.29 37.78 29.56
CA LEU A 222 8.08 38.22 28.80
C LEU A 222 8.35 38.09 27.30
N MET A 223 9.56 38.42 26.85
CA MET A 223 10.01 38.18 25.45
C MET A 223 9.83 36.70 25.10
N MET A 224 10.14 35.79 26.03
CA MET A 224 10.09 34.34 25.77
C MET A 224 8.62 33.93 25.64
N THR A 225 7.72 34.48 26.46
CA THR A 225 6.27 34.23 26.32
C THR A 225 5.84 34.72 24.93
N ALA A 226 6.18 35.96 24.57
CA ALA A 226 5.79 36.60 23.30
C ALA A 226 6.26 35.75 22.10
N CYS A 227 7.50 35.29 22.10
CA CYS A 227 8.06 34.46 21.00
C CYS A 227 7.32 33.11 20.98
N ASP A 228 7.10 32.52 22.14
CA ASP A 228 6.41 31.21 22.26
C ASP A 228 4.97 31.29 21.71
N LEU A 229 4.27 32.40 21.92
CA LEU A 229 2.84 32.55 21.50
C LEU A 229 2.77 33.04 20.05
N CYS A 230 3.89 33.26 19.35
CA CYS A 230 3.98 34.09 18.12
C CYS A 230 3.14 33.52 16.97
N SER A 231 2.54 32.34 17.09
CA SER A 231 1.62 31.83 16.03
C SER A 231 0.37 32.70 15.96
N VAL A 232 -0.02 33.39 17.04
CA VAL A 232 -1.21 34.28 17.08
C VAL A 232 -0.88 35.65 16.46
N THR A 233 0.36 35.89 16.03
CA THR A 233 0.82 37.18 15.43
C THR A 233 1.16 36.99 13.94
N LYS A 234 0.85 35.83 13.37
CA LYS A 234 1.07 35.58 11.91
C LYS A 234 -0.14 36.11 11.13
N LEU A 235 -0.02 36.18 9.82
CA LEU A 235 -1.19 36.45 8.95
C LEU A 235 -2.23 35.35 9.19
N TRP A 236 -3.51 35.70 9.04
CA TRP A 236 -4.67 34.86 9.44
C TRP A 236 -4.56 33.43 8.91
N PRO A 237 -4.23 33.20 7.62
CA PRO A 237 -4.20 31.83 7.08
C PRO A 237 -3.21 30.93 7.83
N VAL A 238 -2.05 31.46 8.22
CA VAL A 238 -1.00 30.74 9.01
C VAL A 238 -1.55 30.46 10.42
N THR A 239 -2.05 31.49 11.11
CA THR A 239 -2.65 31.41 12.46
C THR A 239 -3.77 30.36 12.50
N LYS A 240 -4.67 30.40 11.52
CA LYS A 240 -5.82 29.47 11.48
C LYS A 240 -5.34 28.03 11.30
N LEU A 241 -4.38 27.77 10.40
CA LEU A 241 -3.86 26.40 10.16
C LEU A 241 -3.02 25.92 11.35
N THR A 242 -2.23 26.78 11.98
CA THR A 242 -1.46 26.40 13.20
C THR A 242 -2.42 25.96 14.33
N ALA A 243 -3.56 26.63 14.49
CA ALA A 243 -4.60 26.29 15.51
C ALA A 243 -5.00 24.83 15.40
N ASN A 244 -5.15 24.31 14.17
CA ASN A 244 -5.43 22.86 13.91
C ASN A 244 -4.35 21.97 14.56
N ASP A 245 -3.07 22.30 14.40
CA ASP A 245 -1.98 21.47 15.00
C ASP A 245 -2.02 21.58 16.53
N ILE A 246 -2.26 22.78 17.06
CA ILE A 246 -2.36 23.02 18.53
C ILE A 246 -3.44 22.10 19.11
N TYR A 247 -4.63 22.10 18.52
CA TYR A 247 -5.81 21.37 19.08
C TYR A 247 -5.68 19.87 18.83
N ALA A 248 -4.99 19.43 17.76
CA ALA A 248 -4.66 18.00 17.57
C ALA A 248 -3.95 17.46 18.82
N GLU A 249 -2.99 18.21 19.36
CA GLU A 249 -2.25 17.79 20.58
C GLU A 249 -3.21 17.83 21.77
N PHE A 250 -3.94 18.94 21.95
CA PHE A 250 -4.91 19.11 23.06
C PHE A 250 -5.85 17.91 23.11
N TRP A 251 -6.43 17.51 21.97
CA TRP A 251 -7.46 16.45 21.91
C TRP A 251 -6.83 15.08 22.25
N ALA A 252 -5.59 14.82 21.81
CA ALA A 252 -4.83 13.61 22.17
C ALA A 252 -4.65 13.55 23.69
N GLU A 253 -4.28 14.66 24.33
CA GLU A 253 -4.14 14.73 25.81
C GLU A 253 -5.51 14.48 26.45
N GLY A 254 -6.58 15.03 25.88
CA GLY A 254 -7.96 14.81 26.34
C GLY A 254 -8.28 13.33 26.37
N ASP A 255 -7.92 12.63 25.30
CA ASP A 255 -8.15 11.18 25.16
C ASP A 255 -7.39 10.47 26.28
N GLU A 256 -6.14 10.86 26.55
CA GLU A 256 -5.28 10.22 27.57
C GLU A 256 -5.82 10.51 28.97
N MET A 257 -6.39 11.70 29.20
CA MET A 257 -7.10 12.03 30.47
C MET A 257 -8.26 11.03 30.66
N LYS A 258 -9.10 10.82 29.64
CA LYS A 258 -10.26 9.91 29.74
C LYS A 258 -9.78 8.49 30.03
N LYS A 259 -8.63 8.09 29.49
CA LYS A 259 -8.05 6.75 29.79
C LYS A 259 -7.68 6.66 31.28
N LEU A 260 -7.26 7.75 31.90
CA LEU A 260 -6.89 7.76 33.35
C LEU A 260 -8.14 7.78 34.23
N GLY A 261 -9.32 7.99 33.64
CA GLY A 261 -10.61 8.05 34.32
C GLY A 261 -10.94 9.48 34.72
N ILE A 262 -10.44 10.46 33.97
CA ILE A 262 -10.64 11.91 34.25
C ILE A 262 -11.29 12.58 33.04
N GLN A 263 -12.42 13.25 33.27
CA GLN A 263 -13.06 14.15 32.27
C GLN A 263 -12.09 15.30 32.03
N PRO A 264 -11.58 15.47 30.81
CA PRO A 264 -10.73 16.62 30.50
C PRO A 264 -11.54 17.92 30.42
N ILE A 265 -10.87 19.03 30.71
CA ILE A 265 -11.38 20.41 30.45
C ILE A 265 -11.84 20.48 28.99
N PRO A 266 -12.82 21.34 28.65
CA PRO A 266 -13.40 21.34 27.31
C PRO A 266 -12.38 21.63 26.20
N MET A 267 -11.40 22.50 26.46
CA MET A 267 -10.28 22.82 25.53
C MET A 267 -9.68 21.53 24.98
N MET A 268 -9.56 20.49 25.82
CA MET A 268 -8.85 19.21 25.46
C MET A 268 -9.84 18.12 25.05
N ASP A 269 -11.15 18.40 25.02
CA ASP A 269 -12.19 17.37 24.69
C ASP A 269 -12.55 17.49 23.21
N ARG A 270 -12.38 16.42 22.44
CA ARG A 270 -12.55 16.47 20.96
C ARG A 270 -14.04 16.37 20.63
N ASP A 271 -14.87 16.04 21.61
CA ASP A 271 -16.36 16.05 21.49
C ASP A 271 -16.87 17.50 21.53
N LYS A 272 -16.06 18.44 22.04
CA LYS A 272 -16.47 19.86 22.25
C LYS A 272 -15.73 20.75 21.25
N LYS A 273 -15.54 20.23 20.03
CA LYS A 273 -14.82 20.85 18.90
C LYS A 273 -15.51 22.18 18.54
N ASP A 274 -16.84 22.19 18.59
CA ASP A 274 -17.72 23.37 18.34
C ASP A 274 -17.35 24.57 19.24
N GLU A 275 -16.70 24.36 20.39
CA GLU A 275 -16.41 25.42 21.39
C GLU A 275 -15.06 26.13 21.13
N VAL A 276 -14.34 25.75 20.07
CA VAL A 276 -12.94 26.21 19.79
C VAL A 276 -12.92 27.70 19.49
N PRO A 277 -13.76 28.22 18.56
CA PRO A 277 -13.76 29.65 18.27
C PRO A 277 -13.91 30.55 19.52
N GLN A 278 -14.83 30.22 20.43
CA GLN A 278 -15.01 30.99 21.70
C GLN A 278 -13.80 30.72 22.62
N GLY A 279 -13.27 29.49 22.61
CA GLY A 279 -12.00 29.15 23.31
C GLY A 279 -10.85 30.05 22.87
N GLN A 280 -10.67 30.30 21.58
CA GLN A 280 -9.61 31.21 21.07
C GLN A 280 -9.86 32.65 21.55
N LEU A 281 -11.10 33.15 21.47
CA LEU A 281 -11.49 34.49 22.02
C LEU A 281 -10.94 34.62 23.44
N GLY A 282 -11.23 33.64 24.30
CA GLY A 282 -10.79 33.64 25.71
C GLY A 282 -9.29 33.76 25.82
N PHE A 283 -8.57 32.96 25.02
CA PHE A 283 -7.08 32.90 25.07
C PHE A 283 -6.51 34.23 24.62
N TYR A 284 -7.04 34.84 23.56
CA TYR A 284 -6.56 36.15 23.07
C TYR A 284 -6.81 37.20 24.16
N ASN A 285 -8.00 37.22 24.76
CA ASN A 285 -8.38 38.26 25.76
C ASN A 285 -7.60 38.03 27.07
N ALA A 286 -7.53 36.79 27.56
CA ALA A 286 -6.88 36.44 28.87
C ALA A 286 -5.34 36.39 28.78
N VAL A 287 -4.75 36.02 27.65
CA VAL A 287 -3.28 35.72 27.58
C VAL A 287 -2.57 36.60 26.54
N ALA A 288 -2.92 36.43 25.26
CA ALA A 288 -2.16 36.98 24.11
C ALA A 288 -2.18 38.53 24.13
N ILE A 289 -3.35 39.14 24.15
CA ILE A 289 -3.48 40.63 24.06
C ILE A 289 -2.68 41.26 25.22
N PRO A 290 -2.92 40.87 26.49
CA PRO A 290 -2.16 41.43 27.62
C PRO A 290 -0.64 41.27 27.45
N CYS A 291 -0.20 40.11 26.95
CA CYS A 291 1.23 39.77 26.77
C CYS A 291 1.89 40.79 25.82
N TYR A 292 1.36 40.93 24.60
CA TYR A 292 1.94 41.81 23.56
C TYR A 292 1.67 43.29 23.95
N THR A 293 0.58 43.58 24.68
CA THR A 293 0.30 44.96 25.17
C THR A 293 1.42 45.37 26.13
N THR A 294 1.63 44.61 27.20
CA THR A 294 2.73 44.86 28.18
C THR A 294 4.10 44.84 27.48
N LEU A 295 4.32 43.98 26.48
CA LEU A 295 5.65 43.92 25.78
C LEU A 295 5.85 45.21 24.97
N THR A 296 4.81 45.74 24.35
CA THR A 296 4.92 46.96 23.52
C THR A 296 5.21 48.17 24.43
N GLN A 297 4.62 48.22 25.62
CA GLN A 297 4.91 49.30 26.62
C GLN A 297 6.40 49.30 26.91
N ILE A 298 6.99 48.13 27.16
CA ILE A 298 8.42 48.01 27.58
C ILE A 298 9.34 48.17 26.36
N LEU A 299 8.97 47.61 25.22
CA LEU A 299 9.82 47.61 23.99
C LEU A 299 8.99 48.11 22.81
N PRO A 300 8.86 49.44 22.65
CA PRO A 300 7.97 50.03 21.65
C PRO A 300 8.09 49.44 20.24
N PRO A 301 9.29 49.16 19.70
CA PRO A 301 9.39 48.55 18.36
C PRO A 301 8.74 47.18 18.12
N THR A 302 8.23 46.48 19.16
CA THR A 302 7.54 45.19 19.01
C THR A 302 6.04 45.40 18.74
N GLU A 303 5.62 46.64 18.48
CA GLU A 303 4.18 46.97 18.30
C GLU A 303 3.55 46.12 17.19
N PRO A 304 4.26 45.79 16.09
CA PRO A 304 3.65 44.97 15.03
C PRO A 304 3.09 43.65 15.56
N LEU A 305 3.68 43.08 16.62
CA LEU A 305 3.19 41.82 17.26
C LEU A 305 1.79 42.05 17.86
N LEU A 306 1.60 43.14 18.61
CA LEU A 306 0.27 43.50 19.18
C LEU A 306 -0.72 43.74 18.03
N LYS A 307 -0.33 44.50 17.02
CA LYS A 307 -1.22 44.84 15.88
C LYS A 307 -1.73 43.54 15.22
N ALA A 308 -0.83 42.60 14.91
CA ALA A 308 -1.15 41.33 14.21
C ALA A 308 -2.04 40.46 15.10
N CYS A 309 -1.78 40.49 16.41
CA CYS A 309 -2.57 39.77 17.43
C CYS A 309 -4.01 40.29 17.43
N ARG A 310 -4.20 41.61 17.45
CA ARG A 310 -5.56 42.22 17.43
C ARG A 310 -6.28 41.81 16.13
N ASP A 311 -5.57 41.86 14.98
CA ASP A 311 -6.12 41.48 13.65
C ASP A 311 -6.67 40.05 13.75
N ASN A 312 -5.94 39.14 14.41
CA ASN A 312 -6.36 37.72 14.53
C ASN A 312 -7.54 37.62 15.49
N LEU A 313 -7.57 38.40 16.57
CA LEU A 313 -8.73 38.43 17.50
C LEU A 313 -9.98 38.77 16.68
N SER A 314 -9.89 39.81 15.86
CA SER A 314 -11.00 40.28 14.99
C SER A 314 -11.43 39.18 14.00
N GLN A 315 -10.48 38.41 13.45
CA GLN A 315 -10.79 37.24 12.57
C GLN A 315 -11.57 36.17 13.34
N TRP A 316 -11.22 35.89 14.60
CA TRP A 316 -11.93 34.84 15.41
C TRP A 316 -13.37 35.30 15.71
N GLU A 317 -13.57 36.60 15.93
CA GLU A 317 -14.95 37.14 16.15
C GLU A 317 -15.78 36.94 14.88
N LYS A 318 -15.19 37.14 13.69
CA LYS A 318 -15.87 36.85 12.41
C LYS A 318 -16.27 35.38 12.34
N VAL A 319 -15.41 34.47 12.79
CA VAL A 319 -15.74 33.01 12.78
C VAL A 319 -17.00 32.80 13.62
N ILE A 320 -17.05 33.35 14.84
CA ILE A 320 -18.19 33.13 15.79
C ILE A 320 -19.49 33.64 15.14
N ARG A 321 -19.42 34.75 14.40
CA ARG A 321 -20.58 35.45 13.79
C ARG A 321 -20.93 34.86 12.42
N GLY A 322 -20.30 33.75 12.03
CA GLY A 322 -20.57 33.02 10.78
C GLY A 322 -20.24 33.82 9.53
N GLU A 323 -19.41 34.87 9.63
CA GLU A 323 -18.85 35.61 8.47
C GLU A 323 -17.68 34.79 7.89
N GLU A 324 -17.22 33.77 8.63
CA GLU A 324 -16.37 32.66 8.13
C GLU A 324 -16.29 31.55 9.19
N GLN B 11 26.92 -17.68 -10.83
CA GLN B 11 25.51 -17.39 -10.44
C GLN B 11 24.89 -16.37 -11.41
N GLY B 12 24.67 -16.78 -12.67
CA GLY B 12 24.11 -15.95 -13.76
C GLY B 12 22.95 -16.61 -14.50
N LEU B 13 22.43 -17.72 -13.96
CA LEU B 13 21.15 -18.37 -14.37
C LEU B 13 20.15 -18.29 -13.20
N MET B 14 20.13 -17.15 -12.50
CA MET B 14 19.17 -16.83 -11.41
C MET B 14 18.04 -15.99 -12.00
N GLN B 15 16.95 -16.62 -12.45
CA GLN B 15 15.76 -15.89 -12.93
C GLN B 15 14.88 -15.54 -11.71
N PHE B 16 14.49 -14.27 -11.59
CA PHE B 16 13.53 -13.79 -10.57
C PHE B 16 12.15 -14.34 -10.89
N THR B 17 11.45 -14.82 -9.87
CA THR B 17 10.09 -15.40 -10.00
C THR B 17 9.12 -14.65 -9.10
N LEU B 18 7.88 -14.51 -9.55
CA LEU B 18 6.80 -13.89 -8.77
C LEU B 18 5.80 -14.99 -8.41
N PRO B 19 5.04 -14.83 -7.31
CA PRO B 19 3.88 -15.69 -7.06
C PRO B 19 2.98 -15.73 -8.29
N VAL B 20 2.13 -16.76 -8.39
CA VAL B 20 1.29 -17.02 -9.59
C VAL B 20 0.41 -15.80 -9.91
N ARG B 21 -0.31 -15.24 -8.93
CA ARG B 21 -1.28 -14.15 -9.22
C ARG B 21 -0.55 -12.92 -9.75
N LEU B 22 0.61 -12.56 -9.20
CA LEU B 22 1.40 -11.38 -9.66
C LEU B 22 1.92 -11.70 -11.05
N CYS B 23 2.45 -12.91 -11.23
CA CYS B 23 3.09 -13.35 -12.49
C CYS B 23 2.15 -13.12 -13.69
N LYS B 24 0.86 -13.43 -13.57
CA LYS B 24 -0.12 -13.29 -14.68
C LYS B 24 -0.67 -11.86 -14.77
N GLU B 25 -0.82 -11.16 -13.63
CA GLU B 25 -1.41 -9.80 -13.56
C GLU B 25 -0.39 -8.76 -14.07
N ILE B 26 0.91 -8.99 -13.87
CA ILE B 26 1.94 -7.93 -14.11
C ILE B 26 1.97 -7.60 -15.60
N GLU B 27 1.52 -8.52 -16.44
CA GLU B 27 1.51 -8.37 -17.91
C GLU B 27 0.36 -7.45 -18.33
N LEU B 28 -0.65 -7.25 -17.48
CA LEU B 28 -1.81 -6.35 -17.74
C LEU B 28 -1.45 -4.89 -17.40
N PHE B 29 -1.95 -3.96 -18.21
CA PHE B 29 -1.78 -2.50 -18.02
C PHE B 29 -2.36 -2.08 -16.65
N HIS B 30 -3.42 -2.73 -16.15
CA HIS B 30 -4.15 -2.25 -14.94
C HIS B 30 -3.64 -2.90 -13.64
N PHE B 31 -2.54 -3.64 -13.69
CA PHE B 31 -1.87 -4.22 -12.50
C PHE B 31 -1.63 -3.14 -11.44
N ASP B 32 -1.97 -3.47 -10.19
CA ASP B 32 -1.60 -2.67 -8.98
C ASP B 32 -0.46 -3.42 -8.29
N ILE B 33 0.61 -2.74 -7.89
CA ILE B 33 1.83 -3.39 -7.31
C ILE B 33 1.62 -3.78 -5.84
N GLY B 34 0.50 -3.41 -5.23
CA GLY B 34 0.14 -3.86 -3.88
C GLY B 34 0.84 -3.10 -2.76
N PRO B 35 0.45 -3.38 -1.49
CA PRO B 35 0.91 -2.63 -0.32
C PRO B 35 2.19 -3.11 0.37
N PHE B 36 2.82 -4.19 -0.09
CA PHE B 36 4.05 -4.73 0.52
C PHE B 36 5.29 -4.10 -0.14
N GLU B 37 5.79 -3.00 0.41
CA GLU B 37 6.96 -2.22 -0.10
C GLU B 37 8.16 -3.13 -0.36
N ASN B 38 8.38 -4.13 0.50
CA ASN B 38 9.60 -5.00 0.42
C ASN B 38 9.55 -5.85 -0.85
N MET B 39 8.40 -6.01 -1.49
CA MET B 39 8.28 -6.78 -2.77
C MET B 39 8.55 -5.91 -4.00
N TRP B 40 8.51 -4.58 -3.88
CA TRP B 40 8.58 -3.71 -5.09
C TRP B 40 9.94 -3.84 -5.77
N PRO B 41 11.09 -3.86 -5.07
CA PRO B 41 12.39 -4.03 -5.73
C PRO B 41 12.47 -5.28 -6.61
N GLY B 42 12.00 -6.41 -6.09
CA GLY B 42 12.00 -7.69 -6.81
C GLY B 42 11.13 -7.61 -8.06
N ILE B 43 9.97 -6.96 -7.98
CA ILE B 43 9.02 -6.68 -9.10
C ILE B 43 9.76 -5.86 -10.17
N PHE B 44 10.50 -4.83 -9.78
CA PHE B 44 11.23 -3.98 -10.74
C PHE B 44 12.32 -4.80 -11.45
N VAL B 45 13.10 -5.59 -10.70
CA VAL B 45 14.22 -6.41 -11.28
C VAL B 45 13.62 -7.43 -12.24
N TYR B 46 12.53 -8.08 -11.84
CA TYR B 46 11.75 -8.98 -12.72
C TYR B 46 11.46 -8.26 -14.03
N MET B 47 10.91 -7.03 -13.94
CA MET B 47 10.48 -6.28 -15.15
C MET B 47 11.69 -6.00 -16.03
N VAL B 48 12.83 -5.62 -15.45
CA VAL B 48 14.09 -5.36 -16.22
C VAL B 48 14.55 -6.65 -16.93
N HIS B 49 14.61 -7.79 -16.23
CA HIS B 49 15.12 -9.08 -16.80
C HIS B 49 14.28 -9.48 -18.00
N ARG B 50 12.95 -9.42 -17.90
CA ARG B 50 12.02 -9.79 -18.99
C ARG B 50 11.97 -8.68 -20.05
N SER B 51 12.35 -7.45 -19.69
CA SER B 51 12.20 -6.26 -20.54
C SER B 51 13.40 -6.16 -21.49
N CYS B 52 14.62 -6.18 -20.96
CA CYS B 52 15.82 -6.04 -21.83
C CYS B 52 16.77 -7.25 -21.70
N GLY B 53 16.69 -8.05 -20.63
CA GLY B 53 17.51 -9.27 -20.47
C GLY B 53 18.18 -9.40 -19.10
N THR B 54 18.66 -10.60 -18.78
CA THR B 54 19.42 -10.93 -17.54
C THR B 54 20.82 -10.33 -17.61
N SER B 55 21.34 -10.19 -18.84
CA SER B 55 22.71 -9.70 -19.16
C SER B 55 22.78 -8.17 -19.03
N CYS B 56 21.64 -7.48 -19.14
CA CYS B 56 21.51 -5.99 -19.19
C CYS B 56 22.30 -5.34 -18.05
N PHE B 57 22.15 -5.83 -16.83
CA PHE B 57 22.65 -5.19 -15.59
C PHE B 57 23.29 -6.24 -14.70
N GLU B 58 24.37 -5.86 -14.03
CA GLU B 58 24.98 -6.69 -12.96
C GLU B 58 24.06 -6.54 -11.74
N LEU B 59 23.55 -7.66 -11.21
CA LEU B 59 22.45 -7.69 -10.22
C LEU B 59 22.87 -6.99 -8.93
N GLU B 60 24.13 -7.13 -8.52
CA GLU B 60 24.68 -6.49 -7.30
C GLU B 60 24.56 -4.96 -7.45
N LYS B 61 25.07 -4.38 -8.55
CA LYS B 61 24.98 -2.91 -8.84
C LYS B 61 23.51 -2.49 -8.96
N LEU B 62 22.67 -3.24 -9.67
CA LEU B 62 21.24 -2.88 -9.89
C LEU B 62 20.52 -2.79 -8.56
N CME B 63 20.68 -3.78 -7.67
CA CME B 63 19.99 -3.84 -6.36
CB CME B 63 20.08 -5.22 -5.68
SG CME B 63 18.98 -6.51 -6.35
SD CME B 63 17.09 -5.92 -5.80
CE CME B 63 16.91 -6.46 -4.07
CZ CME B 63 15.85 -7.51 -3.90
OH CME B 63 16.35 -8.59 -3.15
C CME B 63 20.48 -2.68 -5.48
O CME B 63 19.66 -2.08 -4.78
N ARG B 64 21.76 -2.35 -5.54
CA ARG B 64 22.35 -1.19 -4.81
C ARG B 64 21.72 0.13 -5.34
N PHE B 65 21.67 0.31 -6.66
CA PHE B 65 21.03 1.49 -7.32
C PHE B 65 19.58 1.63 -6.86
N ILE B 66 18.80 0.56 -6.97
CA ILE B 66 17.36 0.55 -6.60
C ILE B 66 17.19 1.05 -5.15
N MET B 67 18.01 0.59 -4.22
CA MET B 67 17.82 0.87 -2.77
C MET B 67 18.22 2.32 -2.49
N SER B 68 19.21 2.86 -3.20
CA SER B 68 19.59 4.30 -3.12
C SER B 68 18.47 5.18 -3.71
N VAL B 69 17.83 4.76 -4.80
CA VAL B 69 16.67 5.48 -5.38
C VAL B 69 15.52 5.53 -4.35
N LYS B 70 15.12 4.39 -3.78
CA LYS B 70 14.06 4.34 -2.74
C LYS B 70 14.35 5.34 -1.61
N LYS B 71 15.57 5.33 -1.12
CA LYS B 71 16.01 6.16 0.03
C LYS B 71 15.78 7.65 -0.29
N ASN B 72 15.80 8.02 -1.56
CA ASN B 72 15.78 9.45 -1.99
C ASN B 72 14.39 9.85 -2.49
N TYR B 73 13.39 8.98 -2.38
CA TYR B 73 11.95 9.35 -2.42
C TYR B 73 11.51 9.65 -0.99
N ARG B 74 10.53 10.53 -0.84
CA ARG B 74 10.10 11.05 0.48
C ARG B 74 8.78 10.43 0.87
N ARG B 75 8.43 10.56 2.16
CA ARG B 75 7.18 10.03 2.74
C ARG B 75 6.07 11.04 2.49
N VAL B 76 5.67 11.19 1.22
CA VAL B 76 4.59 12.12 0.80
C VAL B 76 3.41 11.27 0.35
N PRO B 77 2.18 11.84 0.34
CA PRO B 77 0.98 11.06 0.08
C PRO B 77 0.97 10.37 -1.29
N TYR B 78 1.51 11.02 -2.33
CA TYR B 78 1.39 10.54 -3.74
C TYR B 78 2.75 10.45 -4.43
N HIS B 79 3.57 11.51 -4.47
CA HIS B 79 4.86 11.51 -5.23
C HIS B 79 5.94 10.73 -4.46
N ASN B 80 5.68 9.45 -4.20
CA ASN B 80 6.50 8.58 -3.32
C ASN B 80 7.07 7.41 -4.12
N TRP B 81 7.78 6.52 -3.42
CA TRP B 81 8.43 5.30 -3.96
C TRP B 81 7.37 4.44 -4.68
N LYS B 82 6.16 4.36 -4.16
CA LYS B 82 5.13 3.51 -4.78
C LYS B 82 4.75 4.05 -6.16
N HIS B 83 4.61 5.37 -6.30
CA HIS B 83 4.37 6.04 -7.60
C HIS B 83 5.50 5.70 -8.58
N ALA B 84 6.76 5.79 -8.16
CA ALA B 84 7.94 5.54 -9.03
C ALA B 84 7.83 4.14 -9.65
N VAL B 85 7.50 3.14 -8.83
CA VAL B 85 7.48 1.71 -9.30
C VAL B 85 6.26 1.51 -10.21
N THR B 86 5.13 2.13 -9.87
CA THR B 86 3.87 2.04 -10.65
C THR B 86 4.09 2.61 -12.06
N VAL B 87 4.84 3.71 -12.18
CA VAL B 87 5.10 4.39 -13.47
C VAL B 87 6.07 3.51 -14.27
N ALA B 88 7.07 2.90 -13.63
CA ALA B 88 8.00 1.93 -14.25
C ALA B 88 7.24 0.72 -14.78
N HIS B 89 6.25 0.22 -14.03
CA HIS B 89 5.41 -0.91 -14.47
C HIS B 89 4.60 -0.57 -15.73
N CYS B 90 3.97 0.61 -15.80
CA CYS B 90 3.22 1.03 -17.01
C CYS B 90 4.15 0.99 -18.21
N MET B 91 5.40 1.46 -18.04
CA MET B 91 6.40 1.53 -19.12
C MET B 91 6.79 0.10 -19.53
N TYR B 92 6.95 -0.80 -18.57
CA TYR B 92 7.20 -2.24 -18.80
C TYR B 92 6.08 -2.80 -19.69
N ALA B 93 4.81 -2.52 -19.38
CA ALA B 93 3.63 -2.99 -20.14
C ALA B 93 3.67 -2.45 -21.58
N ILE B 94 4.00 -1.17 -21.77
CA ILE B 94 4.13 -0.55 -23.13
C ILE B 94 5.24 -1.29 -23.90
N LEU B 95 6.40 -1.49 -23.28
CA LEU B 95 7.60 -2.07 -23.95
C LEU B 95 7.35 -3.54 -24.29
N GLN B 96 6.66 -4.29 -23.43
CA GLN B 96 6.37 -5.74 -23.68
C GLN B 96 5.37 -5.89 -24.83
N ASN B 97 4.48 -4.92 -25.08
CA ASN B 97 3.45 -5.00 -26.16
C ASN B 97 3.94 -4.29 -27.45
N ASN B 98 5.16 -3.74 -27.47
CA ASN B 98 5.75 -3.09 -28.66
C ASN B 98 7.26 -3.40 -28.74
N HIS B 99 7.65 -4.65 -28.51
CA HIS B 99 9.05 -5.03 -28.14
C HIS B 99 10.04 -4.76 -29.29
N THR B 100 9.62 -4.84 -30.56
CA THR B 100 10.53 -4.65 -31.73
C THR B 100 10.79 -3.16 -32.01
N LEU B 101 9.92 -2.25 -31.58
CA LEU B 101 10.04 -0.80 -31.91
C LEU B 101 11.28 -0.18 -31.25
N PHE B 102 11.75 -0.69 -30.10
CA PHE B 102 12.73 0.03 -29.25
C PHE B 102 14.08 -0.70 -29.21
N THR B 103 15.15 0.08 -29.17
CA THR B 103 16.55 -0.40 -29.13
C THR B 103 16.87 -0.90 -27.72
N ASP B 104 18.03 -1.55 -27.60
CA ASP B 104 18.51 -2.11 -26.32
C ASP B 104 18.71 -0.95 -25.32
N LEU B 105 19.40 0.11 -25.74
CA LEU B 105 19.68 1.31 -24.91
C LEU B 105 18.37 1.94 -24.43
N GLU B 106 17.33 1.98 -25.29
CA GLU B 106 16.03 2.62 -25.00
C GLU B 106 15.32 1.81 -23.90
N ARG B 107 15.32 0.48 -23.98
CA ARG B 107 14.65 -0.40 -22.98
C ARG B 107 15.34 -0.23 -21.61
N LYS B 108 16.66 -0.29 -21.56
CA LYS B 108 17.46 -0.02 -20.33
C LYS B 108 17.09 1.36 -19.76
N GLY B 109 17.24 2.39 -20.60
CA GLY B 109 17.08 3.81 -20.25
C GLY B 109 15.69 4.11 -19.68
N LEU B 110 14.63 3.63 -20.34
CA LEU B 110 13.25 4.08 -20.06
C LEU B 110 12.74 3.54 -18.72
N LEU B 111 13.07 2.30 -18.37
CA LEU B 111 12.62 1.72 -17.06
C LEU B 111 13.34 2.47 -15.93
N ILE B 112 14.61 2.81 -16.11
CA ILE B 112 15.42 3.57 -15.13
C ILE B 112 14.87 5.01 -15.08
N ALA B 113 14.57 5.60 -16.22
CA ALA B 113 13.98 6.96 -16.25
C ALA B 113 12.70 6.98 -15.40
N CYS B 114 11.82 5.99 -15.56
CA CYS B 114 10.52 5.94 -14.85
C CYS B 114 10.76 5.79 -13.35
N LEU B 115 11.71 4.95 -12.95
CA LEU B 115 11.99 4.73 -11.50
C LEU B 115 12.51 6.03 -10.89
N CYS B 116 13.29 6.82 -11.62
CA CYS B 116 13.97 8.02 -11.05
C CYS B 116 13.17 9.33 -11.28
N HIS B 117 12.06 9.31 -12.02
CA HIS B 117 11.49 10.53 -12.68
C HIS B 117 10.94 11.53 -11.67
N ASP B 118 10.68 11.15 -10.41
CA ASP B 118 10.16 12.07 -9.36
C ASP B 118 11.09 12.09 -8.13
N LEU B 119 12.38 11.79 -8.30
CA LEU B 119 13.34 11.67 -7.17
C LEU B 119 13.30 12.95 -6.32
N ASP B 120 13.17 12.79 -5.00
CA ASP B 120 13.29 13.86 -3.99
C ASP B 120 12.13 14.84 -4.14
N HIS B 121 10.97 14.38 -4.64
CA HIS B 121 9.72 15.17 -4.70
C HIS B 121 9.24 15.50 -3.27
N ARG B 122 8.83 16.74 -3.02
CA ARG B 122 8.36 17.17 -1.67
C ARG B 122 6.84 17.34 -1.70
N GLY B 123 6.18 17.06 -2.83
CA GLY B 123 4.72 17.12 -3.01
C GLY B 123 4.25 18.49 -3.52
N PHE B 124 5.17 19.35 -3.96
CA PHE B 124 4.84 20.74 -4.41
C PHE B 124 5.16 20.93 -5.89
N SER B 125 4.30 21.69 -6.59
CA SER B 125 4.39 22.01 -8.03
C SER B 125 5.53 23.00 -8.28
N ASN B 126 5.94 23.10 -9.54
CA ASN B 126 6.91 24.14 -10.03
C ASN B 126 6.39 25.55 -9.71
N SER B 127 5.08 25.82 -9.84
CA SER B 127 4.46 27.15 -9.54
C SER B 127 4.71 27.52 -8.07
N TYR B 128 4.47 26.60 -7.14
CA TYR B 128 4.69 26.89 -5.70
C TYR B 128 6.19 27.19 -5.44
N LEU B 129 7.12 26.41 -5.99
CA LEU B 129 8.59 26.63 -5.82
C LEU B 129 8.91 28.07 -6.30
N GLN B 130 8.38 28.49 -7.45
CA GLN B 130 8.56 29.86 -8.01
C GLN B 130 8.01 30.91 -7.03
N LYS B 131 6.77 30.77 -6.57
CA LYS B 131 6.15 31.78 -5.64
C LYS B 131 6.88 31.79 -4.29
N PHE B 132 7.38 30.65 -3.83
CA PHE B 132 8.09 30.56 -2.54
C PHE B 132 9.47 31.22 -2.67
N ASP B 133 10.01 31.28 -3.90
CA ASP B 133 11.41 31.67 -4.18
C ASP B 133 12.34 30.58 -3.61
N HIS B 134 12.03 29.31 -3.84
CA HIS B 134 12.90 28.17 -3.49
C HIS B 134 14.21 28.28 -4.28
N PRO B 135 15.38 27.99 -3.66
CA PRO B 135 16.65 27.97 -4.38
C PRO B 135 16.66 27.22 -5.73
N LEU B 136 15.94 26.09 -5.82
CA LEU B 136 15.87 25.27 -7.06
C LEU B 136 15.28 26.11 -8.21
N ALA B 137 14.38 27.06 -7.94
CA ALA B 137 13.76 27.93 -8.97
C ALA B 137 14.80 28.91 -9.57
N ALA B 138 15.87 29.24 -8.86
CA ALA B 138 16.95 30.13 -9.35
C ALA B 138 17.91 29.32 -10.24
N LEU B 139 18.13 28.06 -9.86
CA LEU B 139 18.96 27.06 -10.57
C LEU B 139 18.29 26.71 -11.91
N TYR B 140 16.98 26.45 -11.88
CA TYR B 140 16.17 25.87 -12.98
C TYR B 140 14.89 26.68 -13.13
N SER B 141 14.85 27.65 -14.05
CA SER B 141 13.73 28.61 -14.21
C SER B 141 12.49 27.88 -14.75
N THR B 142 12.69 26.93 -15.66
CA THR B 142 11.59 26.09 -16.24
C THR B 142 11.83 24.62 -15.89
N SER B 143 10.74 23.85 -15.82
CA SER B 143 10.78 22.40 -15.52
C SER B 143 11.65 22.21 -14.26
N THR B 144 11.43 23.05 -13.25
CA THR B 144 12.28 23.22 -12.05
C THR B 144 12.47 21.85 -11.38
N MET B 145 11.39 21.21 -10.98
CA MET B 145 11.46 19.93 -10.23
C MET B 145 12.04 18.84 -11.15
N GLU B 146 11.67 18.84 -12.44
CA GLU B 146 12.10 17.77 -13.37
C GLU B 146 13.62 17.86 -13.57
N GLN B 147 14.16 19.08 -13.66
CA GLN B 147 15.63 19.26 -13.76
C GLN B 147 16.29 18.75 -12.48
N HIS B 148 15.64 18.95 -11.34
CA HIS B 148 16.11 18.43 -10.02
C HIS B 148 16.08 16.89 -10.02
N HIS B 149 15.00 16.29 -10.54
CA HIS B 149 14.87 14.81 -10.54
C HIS B 149 16.03 14.22 -11.34
N PHE B 150 16.41 14.86 -12.47
CA PHE B 150 17.48 14.34 -13.36
C PHE B 150 18.82 14.51 -12.64
N SER B 151 19.05 15.65 -11.99
CA SER B 151 20.28 15.92 -11.20
C SER B 151 20.46 14.85 -10.11
N GLN B 152 19.38 14.45 -9.44
CA GLN B 152 19.39 13.42 -8.37
C GLN B 152 19.75 12.07 -8.98
N THR B 153 19.23 11.76 -10.18
CA THR B 153 19.51 10.51 -10.95
C THR B 153 21.02 10.44 -11.21
N VAL B 154 21.63 11.53 -11.69
CA VAL B 154 23.09 11.59 -11.99
C VAL B 154 23.90 11.38 -10.69
N SER B 155 23.54 12.04 -9.60
CA SER B 155 24.21 11.92 -8.29
C SER B 155 24.26 10.45 -7.86
N ILE B 156 23.12 9.75 -7.91
CA ILE B 156 23.05 8.32 -7.49
C ILE B 156 23.90 7.45 -8.42
N LEU B 157 23.86 7.67 -9.73
CA LEU B 157 24.65 6.88 -10.72
C LEU B 157 26.16 7.02 -10.47
N GLN B 158 26.60 8.08 -9.80
CA GLN B 158 28.03 8.39 -9.57
C GLN B 158 28.47 7.94 -8.17
N LEU B 159 27.55 7.40 -7.35
CA LEU B 159 27.87 6.79 -6.03
C LEU B 159 28.74 5.54 -6.27
N GLU B 160 29.71 5.27 -5.40
CA GLU B 160 30.61 4.09 -5.51
C GLU B 160 29.76 2.83 -5.66
N GLY B 161 30.04 2.01 -6.67
CA GLY B 161 29.35 0.71 -6.88
C GLY B 161 27.94 0.86 -7.42
N HIS B 162 27.52 2.05 -7.86
CA HIS B 162 26.14 2.31 -8.34
C HIS B 162 26.07 2.49 -9.85
N ASN B 163 27.19 2.47 -10.59
CA ASN B 163 27.10 2.69 -12.06
C ASN B 163 26.67 1.42 -12.76
N ILE B 164 25.36 1.27 -12.88
CA ILE B 164 24.64 0.13 -13.54
C ILE B 164 24.93 0.12 -15.04
N PHE B 165 25.54 1.16 -15.60
CA PHE B 165 25.84 1.27 -17.05
C PHE B 165 27.36 1.16 -17.28
N SER B 166 28.07 0.37 -16.46
CA SER B 166 29.56 0.33 -16.44
C SER B 166 30.11 -0.37 -17.69
N THR B 167 29.38 -1.33 -18.26
CA THR B 167 29.83 -2.13 -19.45
C THR B 167 29.52 -1.41 -20.77
N LEU B 168 28.84 -0.26 -20.74
CA LEU B 168 28.54 0.56 -21.94
C LEU B 168 29.82 1.32 -22.33
N SER B 169 30.05 1.56 -23.62
CA SER B 169 31.07 2.53 -24.09
C SER B 169 30.72 3.93 -23.59
N SER B 170 31.73 4.79 -23.51
CA SER B 170 31.58 6.25 -23.27
C SER B 170 30.44 6.83 -24.15
N SER B 171 30.47 6.55 -25.45
CA SER B 171 29.45 6.91 -26.47
C SER B 171 28.05 6.50 -26.02
N GLU B 172 27.87 5.22 -25.72
CA GLU B 172 26.55 4.61 -25.39
C GLU B 172 26.08 5.17 -24.04
N TYR B 173 26.99 5.32 -23.06
CA TYR B 173 26.68 5.85 -21.73
C TYR B 173 26.06 7.24 -21.90
N GLU B 174 26.70 8.07 -22.73
CA GLU B 174 26.20 9.42 -23.04
C GLU B 174 24.82 9.33 -23.70
N GLN B 175 24.59 8.37 -24.60
CA GLN B 175 23.29 8.24 -25.29
C GLN B 175 22.20 7.87 -24.28
N VAL B 176 22.45 6.86 -23.43
CA VAL B 176 21.43 6.37 -22.45
C VAL B 176 21.13 7.50 -21.45
N LEU B 177 22.13 8.26 -21.01
CA LEU B 177 21.88 9.39 -20.08
C LEU B 177 21.07 10.48 -20.79
N GLU B 178 21.22 10.66 -22.11
CA GLU B 178 20.45 11.65 -22.90
C GLU B 178 19.00 11.16 -23.06
N ILE B 179 18.79 9.87 -23.27
CA ILE B 179 17.42 9.26 -23.27
C ILE B 179 16.76 9.57 -21.92
N ILE B 180 17.49 9.31 -20.83
CA ILE B 180 16.96 9.50 -19.44
C ILE B 180 16.64 10.98 -19.23
N ARG B 181 17.54 11.89 -19.59
CA ARG B 181 17.32 13.33 -19.36
C ARG B 181 16.02 13.76 -20.07
N LYS B 182 15.91 13.51 -21.36
CA LYS B 182 14.74 13.94 -22.17
C LYS B 182 13.45 13.31 -21.61
N ALA B 183 13.50 12.04 -21.23
CA ALA B 183 12.33 11.30 -20.68
C ALA B 183 11.89 11.95 -19.37
N ILE B 184 12.82 12.34 -18.49
CA ILE B 184 12.45 12.89 -17.15
C ILE B 184 11.89 14.31 -17.37
N ILE B 185 12.53 15.11 -18.20
CA ILE B 185 12.04 16.48 -18.54
C ILE B 185 10.63 16.39 -19.13
N ALA B 186 10.33 15.39 -19.97
CA ALA B 186 9.01 15.21 -20.64
C ALA B 186 7.88 15.05 -19.60
N THR B 187 8.18 14.64 -18.36
CA THR B 187 7.13 14.44 -17.33
C THR B 187 6.65 15.79 -16.77
N ASP B 188 7.29 16.91 -17.13
CA ASP B 188 6.73 18.27 -16.87
C ASP B 188 5.44 18.38 -17.70
N LEU B 189 4.27 18.33 -17.06
CA LEU B 189 2.98 18.29 -17.79
C LEU B 189 2.78 19.55 -18.64
N ALA B 190 3.43 20.67 -18.31
CA ALA B 190 3.39 21.92 -19.11
C ALA B 190 3.92 21.65 -20.54
N LEU B 191 4.87 20.73 -20.71
CA LEU B 191 5.51 20.46 -22.03
C LEU B 191 4.67 19.47 -22.83
N TYR B 192 3.80 18.72 -22.16
CA TYR B 192 2.96 17.66 -22.76
C TYR B 192 2.04 18.26 -23.84
N PHE B 193 1.35 19.36 -23.56
CA PHE B 193 0.28 19.89 -24.46
C PHE B 193 0.87 20.17 -25.86
N GLY B 194 2.01 20.87 -25.93
CA GLY B 194 2.75 21.12 -27.17
C GLY B 194 3.22 19.84 -27.83
N ASN B 195 3.69 18.86 -27.04
CA ASN B 195 4.31 17.63 -27.59
C ASN B 195 3.20 16.80 -28.25
N ARG B 196 2.08 16.60 -27.55
CA ARG B 196 0.95 15.81 -28.09
C ARG B 196 0.35 16.47 -29.34
N LYS B 197 0.31 17.80 -29.42
CA LYS B 197 -0.26 18.52 -30.60
C LYS B 197 0.63 18.27 -31.82
N GLN B 198 1.94 18.40 -31.68
CA GLN B 198 2.92 18.14 -32.77
C GLN B 198 2.86 16.67 -33.21
N LEU B 199 2.62 15.73 -32.30
CA LEU B 199 2.58 14.27 -32.62
C LEU B 199 1.30 13.95 -33.40
N GLU B 200 0.15 14.43 -32.91
CA GLU B 200 -1.20 14.28 -33.51
C GLU B 200 -1.20 14.81 -34.96
N GLU B 201 -0.56 15.96 -35.21
CA GLU B 201 -0.47 16.58 -36.56
C GLU B 201 0.43 15.74 -37.47
N MET B 202 1.63 15.38 -36.98
CA MET B 202 2.59 14.54 -37.73
C MET B 202 1.94 13.21 -38.10
N TYR B 203 1.15 12.65 -37.19
CA TYR B 203 0.52 11.33 -37.36
C TYR B 203 -0.51 11.42 -38.49
N GLN B 204 -1.44 12.36 -38.39
CA GLN B 204 -2.67 12.34 -39.22
C GLN B 204 -2.36 12.75 -40.65
N THR B 205 -1.21 13.40 -40.89
CA THR B 205 -0.66 13.76 -42.21
C THR B 205 0.37 12.72 -42.67
N GLY B 206 0.58 11.66 -41.89
CA GLY B 206 1.40 10.49 -42.23
C GLY B 206 2.87 10.84 -42.36
N SER B 207 3.32 11.92 -41.70
CA SER B 207 4.72 12.41 -41.74
C SER B 207 5.51 11.92 -40.50
N LEU B 208 4.89 11.17 -39.58
CA LEU B 208 5.57 10.66 -38.36
C LEU B 208 6.48 9.51 -38.77
N ASN B 209 7.79 9.64 -38.49
CA ASN B 209 8.82 8.67 -38.92
C ASN B 209 9.67 8.28 -37.70
N LEU B 210 9.46 7.09 -37.14
CA LEU B 210 10.14 6.63 -35.91
C LEU B 210 11.64 6.42 -36.14
N ASN B 211 12.14 6.43 -37.38
CA ASN B 211 13.60 6.41 -37.66
C ASN B 211 14.18 7.83 -37.67
N ASN B 212 13.34 8.84 -37.45
CA ASN B 212 13.77 10.26 -37.25
C ASN B 212 13.93 10.49 -35.73
N GLN B 213 15.14 10.76 -35.25
CA GLN B 213 15.47 10.76 -33.80
C GLN B 213 14.56 11.78 -33.09
N SER B 214 14.37 12.94 -33.73
CA SER B 214 13.54 14.06 -33.24
C SER B 214 12.09 13.61 -33.05
N HIS B 215 11.58 12.77 -33.95
CA HIS B 215 10.25 12.12 -33.83
C HIS B 215 10.25 11.07 -32.71
N ARG B 216 11.29 10.23 -32.61
CA ARG B 216 11.41 9.19 -31.56
C ARG B 216 11.33 9.87 -30.19
N ASP B 217 12.08 10.96 -30.02
CA ASP B 217 12.12 11.75 -28.76
C ASP B 217 10.70 12.15 -28.36
N ARG B 218 9.86 12.55 -29.31
CA ARG B 218 8.48 13.05 -29.04
C ARG B 218 7.61 11.87 -28.60
N VAL B 219 7.72 10.73 -29.29
CA VAL B 219 6.93 9.52 -28.94
C VAL B 219 7.34 9.04 -27.54
N ILE B 220 8.65 9.03 -27.22
CA ILE B 220 9.13 8.65 -25.86
C ILE B 220 8.56 9.66 -24.85
N GLY B 221 8.62 10.96 -25.15
CA GLY B 221 7.97 12.00 -24.34
C GLY B 221 6.51 11.67 -24.03
N LEU B 222 5.71 11.28 -25.03
CA LEU B 222 4.27 11.00 -24.80
C LEU B 222 4.13 9.66 -24.05
N MET B 223 4.98 8.69 -24.33
CA MET B 223 5.00 7.44 -23.51
C MET B 223 5.23 7.81 -22.02
N MET B 224 6.12 8.75 -21.72
CA MET B 224 6.42 9.15 -20.31
C MET B 224 5.18 9.81 -19.66
N THR B 225 4.52 10.74 -20.35
CA THR B 225 3.24 11.33 -19.88
C THR B 225 2.24 10.20 -19.56
N ALA B 226 2.04 9.25 -20.48
CA ALA B 226 1.05 8.15 -20.35
C ALA B 226 1.33 7.29 -19.11
N CYS B 227 2.58 6.90 -18.91
CA CYS B 227 3.00 6.12 -17.70
C CYS B 227 2.78 6.98 -16.46
N ASP B 228 3.16 8.26 -16.54
CA ASP B 228 3.07 9.18 -15.38
C ASP B 228 1.60 9.32 -14.94
N LEU B 229 0.67 9.37 -15.90
CA LEU B 229 -0.78 9.54 -15.59
C LEU B 229 -1.47 8.20 -15.30
N CYS B 230 -0.77 7.06 -15.29
CA CYS B 230 -1.39 5.71 -15.42
C CYS B 230 -2.34 5.39 -14.26
N SER B 231 -2.38 6.18 -13.18
CA SER B 231 -3.33 5.93 -12.08
C SER B 231 -4.79 6.06 -12.58
N VAL B 232 -5.02 6.83 -13.65
CA VAL B 232 -6.38 7.01 -14.25
C VAL B 232 -6.69 5.85 -15.22
N THR B 233 -5.77 4.89 -15.42
CA THR B 233 -5.95 3.71 -16.31
C THR B 233 -6.07 2.42 -15.51
N LYS B 234 -6.24 2.53 -14.20
CA LYS B 234 -6.46 1.37 -13.30
C LYS B 234 -7.96 1.09 -13.27
N LEU B 235 -8.36 -0.04 -12.69
CA LEU B 235 -9.77 -0.34 -12.39
C LEU B 235 -10.27 0.67 -11.35
N TRP B 236 -11.55 1.03 -11.42
CA TRP B 236 -12.19 2.13 -10.63
C TRP B 236 -11.74 2.13 -9.16
N PRO B 237 -11.79 1.02 -8.40
CA PRO B 237 -11.49 1.08 -6.96
C PRO B 237 -10.06 1.59 -6.67
N VAL B 238 -9.08 1.23 -7.51
CA VAL B 238 -7.68 1.74 -7.43
C VAL B 238 -7.64 3.24 -7.80
N THR B 239 -8.24 3.60 -8.94
CA THR B 239 -8.26 5.00 -9.47
C THR B 239 -8.84 5.93 -8.40
N LYS B 240 -9.91 5.49 -7.74
CA LYS B 240 -10.69 6.32 -6.79
C LYS B 240 -9.86 6.54 -5.52
N LEU B 241 -9.21 5.50 -5.02
CA LEU B 241 -8.37 5.60 -3.81
C LEU B 241 -7.10 6.40 -4.12
N THR B 242 -6.52 6.24 -5.32
CA THR B 242 -5.33 7.04 -5.70
C THR B 242 -5.71 8.54 -5.74
N ALA B 243 -6.94 8.89 -6.13
CA ALA B 243 -7.39 10.31 -6.21
C ALA B 243 -7.26 10.98 -4.83
N ASN B 244 -7.62 10.29 -3.75
CA ASN B 244 -7.48 10.80 -2.34
C ASN B 244 -6.04 11.23 -2.06
N ASP B 245 -5.05 10.43 -2.47
CA ASP B 245 -3.60 10.69 -2.24
C ASP B 245 -3.18 11.93 -3.05
N ILE B 246 -3.56 11.99 -4.34
CA ILE B 246 -3.23 13.14 -5.22
C ILE B 246 -3.78 14.43 -4.58
N TYR B 247 -5.03 14.43 -4.13
CA TYR B 247 -5.70 15.65 -3.59
C TYR B 247 -5.17 15.98 -2.19
N ALA B 248 -4.66 15.01 -1.43
CA ALA B 248 -4.03 15.30 -0.12
C ALA B 248 -2.80 16.19 -0.33
N GLU B 249 -2.00 15.91 -1.38
CA GLU B 249 -0.86 16.78 -1.78
C GLU B 249 -1.41 18.12 -2.26
N PHE B 250 -2.37 18.12 -3.20
CA PHE B 250 -2.90 19.38 -3.78
C PHE B 250 -3.37 20.30 -2.64
N TRP B 251 -4.08 19.75 -1.65
CA TRP B 251 -4.69 20.57 -0.57
C TRP B 251 -3.58 21.16 0.31
N ALA B 252 -2.53 20.38 0.61
CA ALA B 252 -1.35 20.85 1.38
C ALA B 252 -0.64 21.96 0.61
N GLU B 253 -0.52 21.86 -0.72
CA GLU B 253 0.08 22.95 -1.53
C GLU B 253 -0.85 24.18 -1.49
N GLY B 254 -2.15 23.99 -1.60
CA GLY B 254 -3.14 25.08 -1.41
C GLY B 254 -2.93 25.80 -0.09
N ASP B 255 -2.80 25.06 1.02
CA ASP B 255 -2.56 25.63 2.36
C ASP B 255 -1.29 26.50 2.32
N GLU B 256 -0.23 26.02 1.67
CA GLU B 256 1.06 26.75 1.65
C GLU B 256 0.93 28.02 0.79
N MET B 257 0.14 27.99 -0.28
CA MET B 257 -0.14 29.20 -1.12
C MET B 257 -0.84 30.25 -0.24
N LYS B 258 -1.85 29.84 0.54
CA LYS B 258 -2.59 30.73 1.48
C LYS B 258 -1.60 31.34 2.47
N LYS B 259 -0.59 30.60 2.92
CA LYS B 259 0.40 31.12 3.89
C LYS B 259 1.32 32.16 3.22
N LEU B 260 1.49 32.09 1.89
CA LEU B 260 2.24 33.13 1.12
C LEU B 260 1.34 34.34 0.86
N GLY B 261 0.05 34.24 1.13
CA GLY B 261 -0.95 35.30 0.88
C GLY B 261 -1.48 35.25 -0.54
N ILE B 262 -1.58 34.05 -1.13
CA ILE B 262 -2.09 33.85 -2.52
C ILE B 262 -3.27 32.88 -2.45
N GLN B 263 -4.42 33.27 -3.00
CA GLN B 263 -5.59 32.36 -3.07
C GLN B 263 -5.24 31.26 -4.08
N PRO B 264 -5.22 29.98 -3.69
CA PRO B 264 -4.88 28.93 -4.65
C PRO B 264 -6.04 28.73 -5.62
N ILE B 265 -5.75 28.12 -6.77
CA ILE B 265 -6.79 27.63 -7.72
C ILE B 265 -7.67 26.63 -6.98
N PRO B 266 -8.93 26.43 -7.41
CA PRO B 266 -9.88 25.60 -6.66
C PRO B 266 -9.40 24.15 -6.43
N MET B 267 -8.69 23.61 -7.41
CA MET B 267 -8.15 22.23 -7.40
C MET B 267 -7.33 22.01 -6.11
N MET B 268 -6.63 23.04 -5.62
CA MET B 268 -5.69 22.96 -4.46
C MET B 268 -6.33 23.51 -3.19
N ASP B 269 -7.60 23.91 -3.24
CA ASP B 269 -8.31 24.55 -2.10
C ASP B 269 -9.14 23.50 -1.35
N ARG B 270 -8.76 23.16 -0.12
CA ARG B 270 -9.44 22.08 0.65
C ARG B 270 -10.85 22.53 1.07
N ASP B 271 -11.17 23.83 0.98
CA ASP B 271 -12.55 24.34 1.20
C ASP B 271 -13.43 24.10 -0.04
N LYS B 272 -12.87 23.67 -1.19
CA LYS B 272 -13.66 23.45 -2.44
C LYS B 272 -13.63 21.97 -2.83
N LYS B 273 -13.74 21.10 -1.83
CA LYS B 273 -13.72 19.62 -1.95
C LYS B 273 -14.87 19.12 -2.84
N ASP B 274 -16.01 19.81 -2.84
CA ASP B 274 -17.25 19.41 -3.58
C ASP B 274 -17.05 19.59 -5.10
N GLU B 275 -16.05 20.35 -5.54
CA GLU B 275 -15.76 20.59 -6.98
C GLU B 275 -14.85 19.48 -7.56
N VAL B 276 -14.44 18.49 -6.76
CA VAL B 276 -13.39 17.51 -7.19
C VAL B 276 -13.94 16.65 -8.34
N PRO B 277 -15.14 16.06 -8.22
CA PRO B 277 -15.69 15.24 -9.32
C PRO B 277 -15.65 15.96 -10.67
N GLN B 278 -16.04 17.24 -10.70
CA GLN B 278 -16.04 18.06 -11.94
C GLN B 278 -14.59 18.36 -12.35
N GLY B 279 -13.70 18.61 -11.38
CA GLY B 279 -12.25 18.77 -11.63
C GLY B 279 -11.66 17.53 -12.30
N GLN B 280 -12.04 16.34 -11.84
CA GLN B 280 -11.55 15.06 -12.43
C GLN B 280 -12.10 14.94 -13.87
N LEU B 281 -13.40 15.18 -14.09
CA LEU B 281 -14.04 15.23 -15.44
C LEU B 281 -13.24 16.18 -16.36
N GLY B 282 -12.90 17.37 -15.87
CA GLY B 282 -12.11 18.37 -16.61
C GLY B 282 -10.73 17.83 -16.98
N PHE B 283 -10.06 17.12 -16.07
CA PHE B 283 -8.69 16.61 -16.30
C PHE B 283 -8.72 15.49 -17.36
N TYR B 284 -9.70 14.59 -17.30
CA TYR B 284 -9.85 13.47 -18.28
C TYR B 284 -10.09 14.05 -19.68
N ASN B 285 -11.03 15.00 -19.82
CA ASN B 285 -11.41 15.63 -21.12
C ASN B 285 -10.24 16.44 -21.70
N ALA B 286 -9.51 17.20 -20.89
CA ALA B 286 -8.46 18.15 -21.35
C ALA B 286 -7.10 17.48 -21.49
N VAL B 287 -6.77 16.46 -20.67
CA VAL B 287 -5.37 15.92 -20.59
C VAL B 287 -5.36 14.41 -20.87
N ALA B 288 -6.00 13.60 -20.03
CA ALA B 288 -5.83 12.12 -20.05
C ALA B 288 -6.37 11.51 -21.36
N ILE B 289 -7.62 11.76 -21.76
CA ILE B 289 -8.23 11.11 -22.97
C ILE B 289 -7.42 11.45 -24.21
N PRO B 290 -7.09 12.74 -24.49
CA PRO B 290 -6.24 13.07 -25.63
C PRO B 290 -4.85 12.40 -25.59
N CYS B 291 -4.27 12.28 -24.38
CA CYS B 291 -2.98 11.59 -24.17
C CYS B 291 -3.10 10.14 -24.67
N TYR B 292 -4.05 9.37 -24.13
CA TYR B 292 -4.17 7.91 -24.44
C TYR B 292 -4.72 7.71 -25.86
N THR B 293 -5.49 8.67 -26.40
CA THR B 293 -5.99 8.60 -27.80
C THR B 293 -4.80 8.67 -28.75
N THR B 294 -3.95 9.69 -28.64
CA THR B 294 -2.78 9.88 -29.53
C THR B 294 -1.80 8.72 -29.35
N LEU B 295 -1.62 8.22 -28.12
CA LEU B 295 -0.72 7.06 -27.85
C LEU B 295 -1.24 5.83 -28.62
N THR B 296 -2.53 5.51 -28.51
CA THR B 296 -3.17 4.34 -29.17
C THR B 296 -3.00 4.45 -30.70
N GLN B 297 -3.17 5.64 -31.28
CA GLN B 297 -2.96 5.86 -32.73
C GLN B 297 -1.51 5.53 -33.11
N ILE B 298 -0.54 5.99 -32.34
CA ILE B 298 0.90 5.79 -32.67
C ILE B 298 1.30 4.36 -32.33
N LEU B 299 0.79 3.80 -31.22
CA LEU B 299 1.15 2.46 -30.69
C LEU B 299 -0.15 1.72 -30.36
N PRO B 300 -0.79 1.11 -31.38
CA PRO B 300 -2.08 0.44 -31.20
C PRO B 300 -2.19 -0.61 -30.10
N PRO B 301 -1.13 -1.37 -29.74
CA PRO B 301 -1.23 -2.27 -28.58
C PRO B 301 -1.39 -1.60 -27.19
N THR B 302 -1.26 -0.26 -27.08
CA THR B 302 -1.52 0.50 -25.82
C THR B 302 -3.03 0.81 -25.64
N GLU B 303 -3.87 0.23 -26.49
CA GLU B 303 -5.35 0.42 -26.47
C GLU B 303 -5.95 0.27 -25.07
N PRO B 304 -5.61 -0.77 -24.28
CA PRO B 304 -6.25 -0.98 -22.98
C PRO B 304 -6.07 0.21 -22.02
N LEU B 305 -5.05 1.05 -22.23
CA LEU B 305 -4.89 2.30 -21.44
C LEU B 305 -6.07 3.23 -21.76
N LEU B 306 -6.31 3.53 -23.04
CA LEU B 306 -7.44 4.40 -23.49
C LEU B 306 -8.77 3.84 -22.98
N LYS B 307 -8.98 2.52 -23.11
CA LYS B 307 -10.25 1.87 -22.69
C LYS B 307 -10.51 2.07 -21.19
N ALA B 308 -9.53 1.76 -20.33
CA ALA B 308 -9.67 1.88 -18.86
C ALA B 308 -9.90 3.35 -18.47
N CYS B 309 -9.25 4.29 -19.18
CA CYS B 309 -9.40 5.75 -19.00
C CYS B 309 -10.84 6.18 -19.32
N ARG B 310 -11.41 5.71 -20.44
CA ARG B 310 -12.83 5.96 -20.83
C ARG B 310 -13.75 5.40 -19.73
N ASP B 311 -13.47 4.19 -19.23
CA ASP B 311 -14.29 3.57 -18.14
C ASP B 311 -14.28 4.48 -16.91
N ASN B 312 -13.13 5.04 -16.53
CA ASN B 312 -13.01 5.85 -15.29
C ASN B 312 -13.71 7.19 -15.50
N LEU B 313 -13.60 7.78 -16.68
CA LEU B 313 -14.34 9.01 -17.08
C LEU B 313 -15.85 8.79 -16.81
N SER B 314 -16.36 7.67 -17.29
CA SER B 314 -17.78 7.26 -17.14
C SER B 314 -18.11 7.14 -15.64
N GLN B 315 -17.22 6.52 -14.84
CA GLN B 315 -17.42 6.41 -13.37
C GLN B 315 -17.47 7.80 -12.71
N TRP B 316 -16.65 8.77 -13.16
CA TRP B 316 -16.68 10.14 -12.58
C TRP B 316 -18.01 10.82 -12.97
N GLU B 317 -18.54 10.54 -14.17
CA GLU B 317 -19.83 11.10 -14.62
C GLU B 317 -20.94 10.60 -13.68
N LYS B 318 -20.88 9.34 -13.25
CA LYS B 318 -21.83 8.75 -12.24
C LYS B 318 -21.74 9.51 -10.92
N VAL B 319 -20.53 9.79 -10.42
CA VAL B 319 -20.30 10.57 -9.15
C VAL B 319 -21.00 11.93 -9.27
N ILE B 320 -20.81 12.66 -10.37
CA ILE B 320 -21.34 14.04 -10.53
C ILE B 320 -22.87 14.01 -10.53
N ARG B 321 -23.49 12.91 -10.98
CA ARG B 321 -24.96 12.69 -10.99
C ARG B 321 -25.41 11.97 -9.72
N GLY B 322 -24.59 11.95 -8.67
CA GLY B 322 -24.90 11.31 -7.37
C GLY B 322 -25.42 9.88 -7.51
N GLU B 323 -24.88 9.11 -8.46
CA GLU B 323 -25.21 7.67 -8.65
C GLU B 323 -24.07 6.79 -8.11
N GLU B 324 -22.95 7.41 -7.69
CA GLU B 324 -21.76 6.75 -7.08
C GLU B 324 -21.36 7.52 -5.81
N THR B 325 -20.78 6.81 -4.83
CA THR B 325 -20.22 7.36 -3.55
C THR B 325 -18.76 7.76 -3.76
N GLY C 12 21.33 -9.65 39.64
CA GLY C 12 19.94 -9.51 40.17
C GLY C 12 19.89 -8.63 41.41
N LEU C 13 20.61 -7.50 41.40
CA LEU C 13 20.71 -6.52 42.52
C LEU C 13 20.07 -5.18 42.11
N MET C 14 19.93 -4.93 40.81
CA MET C 14 19.20 -3.77 40.24
C MET C 14 17.74 -4.17 40.01
N GLN C 15 16.83 -3.66 40.81
CA GLN C 15 15.39 -3.99 40.74
C GLN C 15 14.60 -2.76 40.32
N PHE C 16 13.64 -2.97 39.43
CA PHE C 16 12.87 -1.89 38.79
C PHE C 16 11.77 -1.49 39.75
N THR C 17 11.50 -0.19 39.84
CA THR C 17 10.37 0.39 40.60
C THR C 17 9.54 1.21 39.63
N LEU C 18 8.25 1.34 39.89
CA LEU C 18 7.33 2.19 39.10
C LEU C 18 6.89 3.34 39.99
N PRO C 19 6.54 4.52 39.44
CA PRO C 19 5.86 5.54 40.21
C PRO C 19 4.67 4.86 40.90
N VAL C 20 4.27 5.39 42.05
CA VAL C 20 3.23 4.80 42.95
C VAL C 20 1.93 4.45 42.20
N ARG C 21 1.38 5.33 41.36
CA ARG C 21 0.10 5.01 40.66
C ARG C 21 0.31 3.77 39.78
N LEU C 22 1.43 3.66 39.07
CA LEU C 22 1.69 2.51 38.15
C LEU C 22 1.91 1.24 38.98
N CYS C 23 2.69 1.35 40.07
CA CYS C 23 3.00 0.23 41.00
C CYS C 23 1.70 -0.47 41.39
N LYS C 24 0.66 0.32 41.64
CA LYS C 24 -0.63 -0.12 42.22
C LYS C 24 -1.58 -0.58 41.09
N GLU C 25 -1.72 0.23 40.05
CA GLU C 25 -2.59 -0.02 38.87
C GLU C 25 -2.12 -1.27 38.11
N ILE C 26 -0.81 -1.54 38.04
CA ILE C 26 -0.27 -2.59 37.13
C ILE C 26 -0.76 -3.96 37.59
N GLU C 27 -1.17 -4.08 38.86
CA GLU C 27 -1.66 -5.35 39.44
C GLU C 27 -3.10 -5.62 38.98
N LEU C 28 -3.81 -4.63 38.43
CA LEU C 28 -5.23 -4.75 37.99
C LEU C 28 -5.28 -5.20 36.51
N PHE C 29 -6.33 -5.94 36.17
CA PHE C 29 -6.51 -6.51 34.81
C PHE C 29 -6.76 -5.39 33.80
N HIS C 30 -7.38 -4.28 34.21
CA HIS C 30 -7.81 -3.21 33.27
C HIS C 30 -6.74 -2.11 33.10
N PHE C 31 -5.56 -2.25 33.72
CA PHE C 31 -4.42 -1.32 33.55
C PHE C 31 -4.18 -1.00 32.06
N ASP C 32 -3.97 0.28 31.76
CA ASP C 32 -3.53 0.82 30.44
C ASP C 32 -2.06 1.25 30.60
N ILE C 33 -1.16 0.87 29.68
CA ILE C 33 0.31 1.09 29.87
C ILE C 33 0.71 2.56 29.58
N GLY C 34 -0.20 3.38 29.06
CA GLY C 34 0.03 4.82 28.86
C GLY C 34 0.69 5.12 27.53
N PRO C 35 0.76 6.42 27.14
CA PRO C 35 1.31 6.84 25.86
C PRO C 35 2.83 7.10 25.83
N PHE C 36 3.54 6.93 26.94
CA PHE C 36 5.01 7.15 26.99
C PHE C 36 5.72 5.85 26.64
N GLU C 37 6.10 5.66 25.37
CA GLU C 37 6.64 4.37 24.87
C GLU C 37 8.01 4.07 25.50
N ASN C 38 8.81 5.08 25.87
CA ASN C 38 10.14 4.84 26.51
C ASN C 38 9.96 4.22 27.91
N MET C 39 8.75 4.20 28.47
CA MET C 39 8.49 3.53 29.77
C MET C 39 8.14 2.04 29.61
N TRP C 40 7.76 1.60 28.41
CA TRP C 40 7.21 0.23 28.20
C TRP C 40 8.27 -0.84 28.45
N PRO C 41 9.55 -0.67 28.03
CA PRO C 41 10.59 -1.68 28.32
C PRO C 41 10.74 -1.93 29.82
N GLY C 42 10.85 -0.85 30.60
CA GLY C 42 10.96 -0.91 32.07
C GLY C 42 9.74 -1.58 32.71
N ILE C 43 8.54 -1.33 32.16
CA ILE C 43 7.27 -1.95 32.64
C ILE C 43 7.33 -3.46 32.40
N PHE C 44 7.82 -3.88 31.23
CA PHE C 44 7.97 -5.31 30.89
C PHE C 44 8.98 -5.96 31.83
N VAL C 45 10.14 -5.32 32.06
CA VAL C 45 11.18 -5.90 32.95
C VAL C 45 10.60 -6.07 34.37
N TYR C 46 9.94 -5.04 34.89
CA TYR C 46 9.27 -5.06 36.21
C TYR C 46 8.36 -6.30 36.31
N MET C 47 7.57 -6.57 35.28
CA MET C 47 6.61 -7.70 35.25
C MET C 47 7.39 -9.02 35.22
N VAL C 48 8.45 -9.12 34.42
CA VAL C 48 9.30 -10.34 34.37
C VAL C 48 9.94 -10.58 35.75
N HIS C 49 10.50 -9.56 36.39
CA HIS C 49 11.16 -9.69 37.72
C HIS C 49 10.17 -10.21 38.78
N ARG C 50 8.94 -9.70 38.79
CA ARG C 50 7.91 -10.06 39.79
C ARG C 50 7.26 -11.42 39.46
N SER C 51 7.19 -11.76 38.17
CA SER C 51 6.38 -12.88 37.63
C SER C 51 7.24 -14.14 37.53
N CYS C 52 8.50 -13.95 37.20
CA CYS C 52 9.47 -15.03 36.93
C CYS C 52 10.50 -15.07 38.06
N GLY C 53 11.09 -13.92 38.39
CA GLY C 53 12.16 -13.75 39.41
C GLY C 53 13.32 -12.96 38.84
N THR C 54 14.11 -12.31 39.69
CA THR C 54 15.28 -11.49 39.29
C THR C 54 16.36 -12.38 38.65
N SER C 55 16.30 -13.69 38.86
CA SER C 55 17.34 -14.65 38.42
C SER C 55 17.06 -15.17 37.00
N CYS C 56 15.82 -15.07 36.52
CA CYS C 56 15.31 -15.77 35.30
C CYS C 56 16.12 -15.41 34.05
N PHE C 57 16.49 -14.14 33.90
CA PHE C 57 17.18 -13.61 32.70
C PHE C 57 18.34 -12.72 33.14
N GLU C 58 19.42 -12.75 32.37
CA GLU C 58 20.53 -11.77 32.51
C GLU C 58 20.01 -10.43 31.98
N LEU C 59 20.07 -9.37 32.78
CA LEU C 59 19.36 -8.09 32.52
C LEU C 59 19.84 -7.47 31.21
N GLU C 60 21.15 -7.48 30.97
CA GLU C 60 21.75 -6.91 29.74
C GLU C 60 21.18 -7.61 28.50
N LYS C 61 21.07 -8.95 28.57
CA LYS C 61 20.56 -9.80 27.46
C LYS C 61 19.07 -9.51 27.25
N LEU C 62 18.31 -9.44 28.34
CA LEU C 62 16.86 -9.13 28.29
C LEU C 62 16.68 -7.79 27.59
N CME C 63 17.46 -6.78 27.97
CA CME C 63 17.30 -5.39 27.49
CB CME C 63 18.06 -4.37 28.30
SG CME C 63 17.21 -3.93 29.85
SD CME C 63 15.54 -2.93 29.21
CE CME C 63 15.75 -1.24 29.83
CZ CME C 63 15.43 -0.24 28.77
OH CME C 63 15.28 1.05 29.32
C CME C 63 17.55 -5.34 25.99
O CME C 63 16.75 -4.70 25.29
N ARG C 64 18.58 -6.00 25.48
CA ARG C 64 18.85 -5.91 24.03
C ARG C 64 17.84 -6.82 23.30
N PHE C 65 17.34 -7.90 23.92
CA PHE C 65 16.25 -8.73 23.31
C PHE C 65 15.01 -7.84 23.09
N ILE C 66 14.61 -7.12 24.14
CA ILE C 66 13.41 -6.22 24.14
C ILE C 66 13.57 -5.18 23.03
N MET C 67 14.75 -4.60 22.88
CA MET C 67 14.90 -3.47 21.93
C MET C 67 14.90 -4.00 20.49
N SER C 68 15.41 -5.20 20.23
CA SER C 68 15.35 -5.85 18.89
C SER C 68 13.89 -6.22 18.55
N VAL C 69 13.11 -6.68 19.53
CA VAL C 69 11.67 -6.99 19.34
C VAL C 69 10.94 -5.70 18.97
N LYS C 70 11.12 -4.63 19.76
CA LYS C 70 10.50 -3.30 19.48
C LYS C 70 10.79 -2.87 18.04
N LYS C 71 12.05 -2.98 17.63
CA LYS C 71 12.56 -2.57 16.30
C LYS C 71 11.81 -3.34 15.20
N ASN C 72 11.35 -4.57 15.45
CA ASN C 72 10.74 -5.44 14.41
C ASN C 72 9.20 -5.42 14.47
N TYR C 73 8.60 -4.56 15.32
CA TYR C 73 7.20 -4.13 15.19
C TYR C 73 7.16 -2.91 14.26
N ARG C 74 6.06 -2.73 13.53
CA ARG C 74 5.92 -1.68 12.49
C ARG C 74 4.98 -0.60 12.99
N ARG C 75 4.99 0.56 12.33
CA ARG C 75 4.13 1.71 12.68
C ARG C 75 2.81 1.52 11.95
N VAL C 76 1.97 0.65 12.49
CA VAL C 76 0.59 0.38 12.00
C VAL C 76 -0.34 0.84 13.11
N PRO C 77 -1.64 1.09 12.83
CA PRO C 77 -2.50 1.69 13.86
C PRO C 77 -2.74 0.85 15.12
N TYR C 78 -2.84 -0.48 15.02
CA TYR C 78 -3.23 -1.36 16.16
C TYR C 78 -2.17 -2.42 16.46
N HIS C 79 -1.74 -3.18 15.46
CA HIS C 79 -0.84 -4.36 15.64
C HIS C 79 0.62 -3.91 15.76
N ASN C 80 0.88 -3.08 16.78
CA ASN C 80 2.15 -2.34 16.98
C ASN C 80 2.78 -2.75 18.32
N TRP C 81 3.88 -2.10 18.67
CA TRP C 81 4.67 -2.32 19.91
C TRP C 81 3.79 -2.16 21.15
N LYS C 82 2.88 -1.18 21.14
CA LYS C 82 1.98 -0.92 22.28
C LYS C 82 1.07 -2.14 22.51
N HIS C 83 0.56 -2.78 21.46
CA HIS C 83 -0.28 -4.02 21.57
C HIS C 83 0.54 -5.16 22.19
N ALA C 84 1.78 -5.32 21.77
CA ALA C 84 2.68 -6.38 22.27
C ALA C 84 2.83 -6.27 23.79
N VAL C 85 3.08 -5.08 24.31
CA VAL C 85 3.32 -4.86 25.76
C VAL C 85 1.98 -5.02 26.51
N THR C 86 0.86 -4.56 25.92
CA THR C 86 -0.50 -4.65 26.50
C THR C 86 -0.88 -6.13 26.65
N VAL C 87 -0.55 -6.97 25.66
CA VAL C 87 -0.85 -8.42 25.71
C VAL C 87 0.04 -9.08 26.78
N ALA C 88 1.32 -8.70 26.86
CA ALA C 88 2.24 -9.20 27.92
C ALA C 88 1.68 -8.83 29.29
N HIS C 89 1.16 -7.61 29.47
CA HIS C 89 0.60 -7.18 30.79
C HIS C 89 -0.63 -8.02 31.16
N CYS C 90 -1.50 -8.38 30.23
CA CYS C 90 -2.66 -9.22 30.57
C CYS C 90 -2.16 -10.60 31.04
N MET C 91 -1.16 -11.16 30.36
CA MET C 91 -0.54 -12.44 30.77
C MET C 91 0.05 -12.28 32.18
N TYR C 92 0.73 -11.16 32.46
CA TYR C 92 1.30 -10.85 33.79
C TYR C 92 0.20 -10.98 34.86
N ALA C 93 -0.96 -10.36 34.64
CA ALA C 93 -2.07 -10.33 35.60
C ALA C 93 -2.61 -11.76 35.79
N ILE C 94 -2.75 -12.55 34.73
CA ILE C 94 -3.21 -13.96 34.85
C ILE C 94 -2.20 -14.77 35.68
N LEU C 95 -0.91 -14.72 35.33
CA LEU C 95 0.15 -15.47 36.05
C LEU C 95 0.18 -15.09 37.54
N GLN C 96 0.06 -13.81 37.90
CA GLN C 96 0.17 -13.34 39.30
C GLN C 96 -1.06 -13.73 40.13
N ASN C 97 -2.23 -13.93 39.52
CA ASN C 97 -3.47 -14.31 40.23
C ASN C 97 -3.67 -15.84 40.21
N ASN C 98 -2.77 -16.59 39.58
CA ASN C 98 -2.84 -18.07 39.44
C ASN C 98 -1.43 -18.64 39.68
N HIS C 99 -0.68 -18.04 40.60
CA HIS C 99 0.80 -18.20 40.63
C HIS C 99 1.22 -19.66 40.93
N THR C 100 0.36 -20.49 41.52
CA THR C 100 0.74 -21.88 41.91
C THR C 100 0.58 -22.85 40.73
N LEU C 101 0.01 -22.44 39.61
CA LEU C 101 -0.46 -23.36 38.54
C LEU C 101 0.60 -23.58 37.44
N PHE C 102 1.62 -22.72 37.30
CA PHE C 102 2.52 -22.75 36.11
C PHE C 102 3.98 -23.05 36.50
N THR C 103 4.70 -23.73 35.61
CA THR C 103 6.13 -24.09 35.83
C THR C 103 7.01 -22.87 35.64
N ASP C 104 8.28 -23.00 36.02
CA ASP C 104 9.32 -21.95 35.85
C ASP C 104 9.45 -21.66 34.34
N LEU C 105 9.56 -22.70 33.53
CA LEU C 105 9.73 -22.59 32.05
C LEU C 105 8.51 -21.88 31.45
N GLU C 106 7.29 -22.23 31.89
CA GLU C 106 6.04 -21.61 31.37
C GLU C 106 6.03 -20.11 31.71
N ARG C 107 6.45 -19.73 32.92
CA ARG C 107 6.49 -18.30 33.34
C ARG C 107 7.45 -17.51 32.44
N LYS C 108 8.66 -18.01 32.25
CA LYS C 108 9.69 -17.48 31.30
C LYS C 108 9.08 -17.35 29.91
N GLY C 109 8.59 -18.46 29.36
CA GLY C 109 8.12 -18.60 27.97
C GLY C 109 6.94 -17.71 27.63
N LEU C 110 5.98 -17.53 28.54
CA LEU C 110 4.65 -16.99 28.17
C LEU C 110 4.73 -15.47 28.01
N LEU C 111 5.45 -14.78 28.88
CA LEU C 111 5.63 -13.30 28.77
C LEU C 111 6.39 -12.96 27.48
N ILE C 112 7.39 -13.77 27.13
CA ILE C 112 8.21 -13.62 25.90
C ILE C 112 7.30 -13.88 24.69
N ALA C 113 6.48 -14.93 24.75
CA ALA C 113 5.55 -15.27 23.66
C ALA C 113 4.59 -14.11 23.41
N CYS C 114 4.03 -13.51 24.46
CA CYS C 114 3.08 -12.37 24.35
C CYS C 114 3.81 -11.16 23.74
N LEU C 115 5.01 -10.84 24.22
CA LEU C 115 5.80 -9.71 23.64
C LEU C 115 6.07 -9.97 22.15
N CYS C 116 6.27 -11.23 21.74
CA CYS C 116 6.70 -11.53 20.35
C CYS C 116 5.54 -11.91 19.42
N HIS C 117 4.29 -12.02 19.89
CA HIS C 117 3.22 -12.80 19.20
C HIS C 117 2.75 -12.15 17.90
N ASP C 118 2.98 -10.85 17.70
CA ASP C 118 2.60 -10.15 16.44
C ASP C 118 3.82 -9.51 15.74
N LEU C 119 5.02 -10.07 15.92
CA LEU C 119 6.28 -9.53 15.33
C LEU C 119 6.14 -9.36 13.82
N ASP C 120 6.44 -8.15 13.34
CA ASP C 120 6.50 -7.82 11.90
C ASP C 120 5.10 -7.87 11.25
N HIS C 121 4.04 -7.62 12.01
CA HIS C 121 2.65 -7.50 11.50
C HIS C 121 2.52 -6.26 10.60
N ARG C 122 1.81 -6.36 9.47
CA ARG C 122 1.65 -5.21 8.52
C ARG C 122 0.22 -4.71 8.55
N GLY C 123 -0.61 -5.22 9.46
CA GLY C 123 -2.02 -4.81 9.62
C GLY C 123 -2.96 -5.61 8.73
N PHE C 124 -2.50 -6.72 8.15
CA PHE C 124 -3.27 -7.54 7.18
C PHE C 124 -3.48 -8.96 7.72
N SER C 125 -4.68 -9.48 7.49
CA SER C 125 -5.15 -10.81 7.94
C SER C 125 -4.56 -11.91 7.07
N ASN C 126 -4.62 -13.15 7.53
CA ASN C 126 -4.20 -14.35 6.76
C ASN C 126 -5.03 -14.43 5.48
N SER C 127 -6.29 -14.04 5.55
CA SER C 127 -7.25 -14.08 4.41
C SER C 127 -6.72 -13.14 3.31
N TYR C 128 -6.26 -11.92 3.64
CA TYR C 128 -5.71 -10.99 2.63
C TYR C 128 -4.40 -11.53 2.04
N LEU C 129 -3.43 -11.99 2.85
CA LEU C 129 -2.17 -12.58 2.33
C LEU C 129 -2.51 -13.70 1.34
N GLN C 130 -3.58 -14.43 1.58
CA GLN C 130 -3.98 -15.59 0.76
C GLN C 130 -4.46 -15.10 -0.61
N LYS C 131 -5.40 -14.17 -0.63
CA LYS C 131 -5.97 -13.60 -1.88
C LYS C 131 -4.90 -12.80 -2.64
N PHE C 132 -4.03 -12.08 -1.93
CA PHE C 132 -2.91 -11.31 -2.54
C PHE C 132 -1.94 -12.31 -3.19
N ASP C 133 -1.82 -13.52 -2.63
CA ASP C 133 -0.85 -14.56 -3.06
C ASP C 133 0.55 -14.15 -2.59
N HIS C 134 0.65 -13.68 -1.34
CA HIS C 134 1.91 -13.25 -0.69
C HIS C 134 2.84 -14.46 -0.57
N PRO C 135 4.18 -14.30 -0.71
CA PRO C 135 5.11 -15.41 -0.49
C PRO C 135 4.90 -16.18 0.83
N LEU C 136 4.59 -15.47 1.92
CA LEU C 136 4.39 -16.08 3.27
C LEU C 136 3.27 -17.12 3.21
N ALA C 137 2.23 -16.93 2.39
CA ALA C 137 1.10 -17.88 2.26
C ALA C 137 1.52 -19.15 1.52
N ALA C 138 2.56 -19.10 0.68
CA ALA C 138 3.14 -20.31 0.03
C ALA C 138 3.99 -21.09 1.05
N LEU C 139 4.69 -20.38 1.93
CA LEU C 139 5.53 -20.94 3.02
C LEU C 139 4.63 -21.64 4.06
N TYR C 140 3.53 -21.01 4.48
CA TYR C 140 2.57 -21.54 5.48
C TYR C 140 1.13 -21.25 5.04
N SER C 141 0.39 -22.27 4.58
CA SER C 141 -1.00 -22.15 4.06
C SER C 141 -1.98 -21.86 5.20
N THR C 142 -1.70 -22.33 6.41
CA THR C 142 -2.58 -22.08 7.59
C THR C 142 -1.75 -21.34 8.65
N SER C 143 -2.42 -20.49 9.43
CA SER C 143 -1.79 -19.70 10.52
C SER C 143 -0.58 -18.94 9.94
N THR C 144 -0.77 -18.37 8.75
CA THR C 144 0.31 -17.78 7.90
C THR C 144 1.08 -16.73 8.71
N MET C 145 0.39 -15.72 9.25
CA MET C 145 1.07 -14.62 9.96
C MET C 145 1.71 -15.15 11.24
N GLU C 146 1.05 -16.09 11.93
CA GLU C 146 1.49 -16.59 13.26
C GLU C 146 2.76 -17.43 13.11
N GLN C 147 2.85 -18.24 12.07
CA GLN C 147 4.12 -18.96 11.73
C GLN C 147 5.22 -17.92 11.44
N HIS C 148 4.90 -16.85 10.74
CA HIS C 148 5.86 -15.74 10.50
C HIS C 148 6.25 -15.07 11.83
N HIS C 149 5.30 -14.84 12.75
CA HIS C 149 5.61 -14.23 14.08
C HIS C 149 6.63 -15.10 14.82
N PHE C 150 6.42 -16.42 14.86
CA PHE C 150 7.36 -17.36 15.53
C PHE C 150 8.73 -17.37 14.83
N SER C 151 8.78 -17.40 13.50
CA SER C 151 10.08 -17.47 12.78
C SER C 151 10.85 -16.15 13.02
N GLN C 152 10.16 -15.01 13.12
CA GLN C 152 10.79 -13.71 13.50
C GLN C 152 11.32 -13.80 14.94
N THR C 153 10.60 -14.45 15.85
CA THR C 153 11.03 -14.66 17.27
C THR C 153 12.37 -15.43 17.29
N VAL C 154 12.44 -16.57 16.59
CA VAL C 154 13.64 -17.44 16.47
C VAL C 154 14.81 -16.60 15.92
N SER C 155 14.59 -15.86 14.84
CA SER C 155 15.62 -14.99 14.20
C SER C 155 16.28 -14.08 15.24
N ILE C 156 15.48 -13.40 16.06
CA ILE C 156 15.97 -12.41 17.07
C ILE C 156 16.75 -13.16 18.15
N LEU C 157 16.24 -14.31 18.61
CA LEU C 157 16.90 -15.18 19.62
C LEU C 157 18.28 -15.65 19.11
N GLN C 158 18.47 -15.74 17.79
CA GLN C 158 19.72 -16.24 17.15
C GLN C 158 20.68 -15.10 16.80
N LEU C 159 20.30 -13.83 17.00
CA LEU C 159 21.22 -12.66 16.95
C LEU C 159 22.28 -12.81 18.07
N GLU C 160 23.51 -12.38 17.80
CA GLU C 160 24.65 -12.39 18.75
C GLU C 160 24.27 -11.57 19.98
N GLY C 161 24.42 -12.12 21.19
CA GLY C 161 24.11 -11.44 22.46
C GLY C 161 22.63 -11.46 22.85
N HIS C 162 21.76 -12.11 22.08
CA HIS C 162 20.28 -12.06 22.25
C HIS C 162 19.71 -13.35 22.85
N ASN C 163 20.53 -14.38 23.14
CA ASN C 163 19.96 -15.66 23.66
C ASN C 163 19.75 -15.52 25.16
N ILE C 164 18.58 -15.00 25.51
CA ILE C 164 18.07 -14.84 26.90
C ILE C 164 17.88 -16.21 27.56
N PHE C 165 17.96 -17.33 26.82
CA PHE C 165 17.75 -18.70 27.38
C PHE C 165 19.07 -19.48 27.42
N SER C 166 20.21 -18.77 27.45
CA SER C 166 21.58 -19.33 27.24
C SER C 166 21.99 -20.32 28.33
N THR C 167 21.41 -20.27 29.54
CA THR C 167 21.79 -21.18 30.66
C THR C 167 20.94 -22.46 30.67
N LEU C 168 19.91 -22.57 29.84
CA LEU C 168 19.07 -23.80 29.76
C LEU C 168 19.88 -24.87 29.02
N SER C 169 19.68 -26.14 29.35
CA SER C 169 20.14 -27.30 28.54
C SER C 169 19.41 -27.32 27.19
N SER C 170 19.93 -28.06 26.20
CA SER C 170 19.29 -28.26 24.87
C SER C 170 17.82 -28.70 25.04
N SER C 171 17.59 -29.63 25.96
CA SER C 171 16.25 -30.13 26.41
C SER C 171 15.30 -28.99 26.72
N GLU C 172 15.65 -28.23 27.74
CA GLU C 172 14.79 -27.17 28.33
C GLU C 172 14.64 -26.02 27.33
N TYR C 173 15.69 -25.72 26.57
CA TYR C 173 15.65 -24.67 25.53
C TYR C 173 14.57 -25.09 24.53
N GLU C 174 14.66 -26.32 24.04
CA GLU C 174 13.69 -26.89 23.08
C GLU C 174 12.28 -26.84 23.68
N GLN C 175 12.16 -27.13 24.98
CA GLN C 175 10.90 -27.10 25.75
C GLN C 175 10.29 -25.69 25.72
N VAL C 176 11.07 -24.66 26.06
CA VAL C 176 10.51 -23.28 26.21
C VAL C 176 10.18 -22.75 24.81
N LEU C 177 10.95 -23.11 23.78
CA LEU C 177 10.70 -22.67 22.39
C LEU C 177 9.43 -23.35 21.87
N GLU C 178 9.16 -24.57 22.33
CA GLU C 178 7.91 -25.29 21.98
C GLU C 178 6.72 -24.64 22.71
N ILE C 179 6.88 -24.24 23.98
CA ILE C 179 5.85 -23.44 24.71
C ILE C 179 5.58 -22.16 23.90
N ILE C 180 6.62 -21.47 23.46
CA ILE C 180 6.50 -20.18 22.73
C ILE C 180 5.79 -20.41 21.39
N ARG C 181 6.23 -21.42 20.62
CA ARG C 181 5.64 -21.74 19.29
C ARG C 181 4.12 -21.97 19.43
N LYS C 182 3.71 -22.88 20.31
CA LYS C 182 2.28 -23.26 20.49
C LYS C 182 1.48 -22.04 20.96
N ALA C 183 2.02 -21.25 21.89
CA ALA C 183 1.37 -20.02 22.39
C ALA C 183 1.15 -19.03 21.22
N ILE C 184 2.15 -18.81 20.38
CA ILE C 184 2.04 -17.83 19.25
C ILE C 184 1.07 -18.38 18.19
N ILE C 185 1.15 -19.66 17.87
CA ILE C 185 0.21 -20.26 16.86
C ILE C 185 -1.22 -20.13 17.40
N ALA C 186 -1.43 -20.29 18.72
CA ALA C 186 -2.77 -20.20 19.36
C ALA C 186 -3.43 -18.83 19.12
N THR C 187 -2.65 -17.77 18.87
CA THR C 187 -3.20 -16.41 18.64
C THR C 187 -3.86 -16.33 17.24
N ASP C 188 -3.77 -17.39 16.43
CA ASP C 188 -4.60 -17.49 15.20
C ASP C 188 -6.07 -17.70 15.62
N LEU C 189 -6.90 -16.67 15.51
CA LEU C 189 -8.27 -16.72 16.06
C LEU C 189 -9.09 -17.84 15.40
N ALA C 190 -8.74 -18.28 14.18
CA ALA C 190 -9.41 -19.40 13.48
C ALA C 190 -9.26 -20.70 14.28
N LEU C 191 -8.19 -20.85 15.08
CA LEU C 191 -7.94 -22.07 15.88
C LEU C 191 -8.66 -21.97 17.23
N TYR C 192 -8.96 -20.76 17.68
CA TYR C 192 -9.60 -20.51 18.99
C TYR C 192 -10.95 -21.24 19.09
N PHE C 193 -11.80 -21.18 18.05
CA PHE C 193 -13.18 -21.73 18.12
C PHE C 193 -13.13 -23.21 18.53
N GLY C 194 -12.38 -24.05 17.81
CA GLY C 194 -12.20 -25.48 18.13
C GLY C 194 -11.53 -25.72 19.48
N ASN C 195 -10.53 -24.90 19.85
CA ASN C 195 -9.81 -25.02 21.14
C ASN C 195 -10.78 -24.79 22.30
N ARG C 196 -11.54 -23.70 22.30
CA ARG C 196 -12.46 -23.37 23.41
C ARG C 196 -13.58 -24.43 23.54
N LYS C 197 -14.14 -24.89 22.42
CA LYS C 197 -15.20 -25.93 22.41
C LYS C 197 -14.66 -27.22 23.06
N GLN C 198 -13.46 -27.66 22.68
CA GLN C 198 -12.78 -28.84 23.27
C GLN C 198 -12.59 -28.61 24.76
N LEU C 199 -12.09 -27.44 25.16
CA LEU C 199 -11.81 -27.13 26.59
C LEU C 199 -13.10 -27.13 27.39
N GLU C 200 -14.16 -26.53 26.85
CA GLU C 200 -15.49 -26.44 27.51
C GLU C 200 -16.00 -27.85 27.84
N GLU C 201 -15.97 -28.76 26.86
CA GLU C 201 -16.38 -30.18 27.02
C GLU C 201 -15.55 -30.86 28.12
N MET C 202 -14.22 -30.72 28.11
CA MET C 202 -13.33 -31.33 29.14
C MET C 202 -13.68 -30.79 30.54
N TYR C 203 -13.87 -29.47 30.66
CA TYR C 203 -14.25 -28.83 31.94
C TYR C 203 -15.61 -29.36 32.44
N GLN C 204 -16.65 -29.37 31.59
CA GLN C 204 -18.02 -29.78 31.99
C GLN C 204 -18.07 -31.29 32.33
N THR C 205 -17.34 -32.17 31.63
CA THR C 205 -17.32 -33.63 31.91
C THR C 205 -16.39 -33.93 33.10
N GLY C 206 -15.54 -33.00 33.49
CA GLY C 206 -14.61 -33.20 34.62
C GLY C 206 -13.35 -33.93 34.18
N SER C 207 -13.12 -34.12 32.88
CA SER C 207 -11.92 -34.82 32.34
C SER C 207 -10.71 -33.89 32.28
N LEU C 208 -10.91 -32.56 32.28
CA LEU C 208 -9.81 -31.57 32.22
C LEU C 208 -8.78 -31.86 33.33
N ASN C 209 -7.51 -32.05 32.96
CA ASN C 209 -6.42 -32.50 33.86
C ASN C 209 -5.13 -31.73 33.54
N LEU C 210 -4.71 -30.83 34.42
CA LEU C 210 -3.55 -29.94 34.18
C LEU C 210 -2.22 -30.71 34.27
N ASN C 211 -2.26 -31.97 34.72
CA ASN C 211 -1.07 -32.87 34.71
C ASN C 211 -0.89 -33.41 33.30
N ASN C 212 -1.96 -33.44 32.49
CA ASN C 212 -1.91 -33.91 31.08
C ASN C 212 -1.41 -32.78 30.17
N GLN C 213 -0.21 -32.94 29.58
CA GLN C 213 0.51 -31.86 28.82
C GLN C 213 -0.38 -31.33 27.69
N SER C 214 -1.07 -32.18 26.95
CA SER C 214 -1.99 -31.80 25.83
C SER C 214 -3.15 -30.91 26.35
N HIS C 215 -3.61 -31.14 27.59
CA HIS C 215 -4.62 -30.28 28.26
C HIS C 215 -3.99 -28.93 28.63
N ARG C 216 -2.77 -28.95 29.17
CA ARG C 216 -2.03 -27.72 29.56
C ARG C 216 -1.88 -26.83 28.32
N ASP C 217 -1.54 -27.43 27.18
CA ASP C 217 -1.32 -26.72 25.89
C ASP C 217 -2.61 -25.97 25.51
N ARG C 218 -3.77 -26.59 25.69
CA ARG C 218 -5.09 -26.01 25.33
C ARG C 218 -5.41 -24.84 26.25
N VAL C 219 -5.18 -25.01 27.55
CA VAL C 219 -5.45 -23.95 28.57
C VAL C 219 -4.55 -22.75 28.26
N ILE C 220 -3.26 -23.00 27.94
CA ILE C 220 -2.33 -21.90 27.57
C ILE C 220 -2.84 -21.23 26.29
N GLY C 221 -3.31 -22.00 25.31
CA GLY C 221 -3.92 -21.46 24.08
C GLY C 221 -5.06 -20.49 24.38
N LEU C 222 -5.96 -20.86 25.29
CA LEU C 222 -7.10 -19.99 25.67
C LEU C 222 -6.59 -18.74 26.40
N MET C 223 -5.62 -18.89 27.31
CA MET C 223 -4.95 -17.75 27.98
C MET C 223 -4.39 -16.80 26.90
N MET C 224 -3.73 -17.32 25.87
CA MET C 224 -3.17 -16.46 24.78
C MET C 224 -4.33 -15.72 24.08
N THR C 225 -5.45 -16.40 23.78
CA THR C 225 -6.60 -15.74 23.12
C THR C 225 -7.06 -14.58 24.03
N ALA C 226 -7.21 -14.86 25.33
CA ALA C 226 -7.77 -13.93 26.33
C ALA C 226 -6.88 -12.68 26.41
N CYS C 227 -5.56 -12.87 26.44
CA CYS C 227 -4.59 -11.75 26.47
C CYS C 227 -4.64 -10.97 25.16
N ASP C 228 -4.75 -11.67 24.04
CA ASP C 228 -4.80 -11.03 22.70
C ASP C 228 -6.03 -10.11 22.59
N LEU C 229 -7.17 -10.55 23.13
CA LEU C 229 -8.44 -9.79 23.04
C LEU C 229 -8.55 -8.72 24.13
N CYS C 230 -7.59 -8.58 25.04
CA CYS C 230 -7.80 -7.86 26.34
C CYS C 230 -8.17 -6.38 26.15
N SER C 231 -8.08 -5.81 24.94
CA SER C 231 -8.58 -4.43 24.71
C SER C 231 -10.09 -4.34 25.05
N VAL C 232 -10.85 -5.44 24.91
CA VAL C 232 -12.32 -5.47 25.20
C VAL C 232 -12.57 -5.62 26.71
N THR C 233 -11.51 -5.69 27.54
CA THR C 233 -11.63 -5.84 29.02
C THR C 233 -11.12 -4.59 29.75
N LYS C 234 -10.82 -3.51 29.02
CA LYS C 234 -10.37 -2.25 29.63
C LYS C 234 -11.60 -1.46 30.08
N LEU C 235 -11.38 -0.35 30.78
CA LEU C 235 -12.47 0.62 31.05
C LEU C 235 -12.93 1.21 29.71
N TRP C 236 -14.22 1.55 29.63
CA TRP C 236 -14.94 1.97 28.39
C TRP C 236 -14.12 2.97 27.54
N PRO C 237 -13.61 4.06 28.13
CA PRO C 237 -12.91 5.07 27.33
C PRO C 237 -11.68 4.50 26.60
N VAL C 238 -10.95 3.58 27.26
CA VAL C 238 -9.79 2.86 26.64
C VAL C 238 -10.33 1.96 25.53
N THR C 239 -11.32 1.12 25.82
CA THR C 239 -11.93 0.15 24.86
C THR C 239 -12.45 0.91 23.63
N LYS C 240 -13.09 2.05 23.84
CA LYS C 240 -13.75 2.85 22.78
C LYS C 240 -12.66 3.40 21.85
N LEU C 241 -11.61 3.97 22.40
CA LEU C 241 -10.51 4.58 21.60
C LEU C 241 -9.71 3.49 20.88
N THR C 242 -9.48 2.33 21.51
CA THR C 242 -8.74 1.21 20.86
C THR C 242 -9.55 0.69 19.65
N ALA C 243 -10.89 0.69 19.70
CA ALA C 243 -11.73 0.26 18.55
C ALA C 243 -11.45 1.09 17.29
N ASN C 244 -11.16 2.40 17.44
CA ASN C 244 -10.76 3.26 16.30
C ASN C 244 -9.49 2.72 15.63
N ASP C 245 -8.50 2.31 16.42
CA ASP C 245 -7.20 1.80 15.87
C ASP C 245 -7.47 0.48 15.17
N ILE C 246 -8.31 -0.39 15.76
CA ILE C 246 -8.64 -1.71 15.17
C ILE C 246 -9.28 -1.49 13.80
N TYR C 247 -10.24 -0.57 13.70
CA TYR C 247 -11.05 -0.37 12.44
C TYR C 247 -10.23 0.43 11.41
N ALA C 248 -9.28 1.26 11.83
CA ALA C 248 -8.35 1.91 10.89
C ALA C 248 -7.60 0.82 10.11
N GLU C 249 -7.14 -0.26 10.78
CA GLU C 249 -6.49 -1.39 10.05
C GLU C 249 -7.50 -2.14 9.19
N PHE C 250 -8.66 -2.51 9.75
CA PHE C 250 -9.71 -3.24 8.98
C PHE C 250 -10.00 -2.48 7.67
N TRP C 251 -10.22 -1.18 7.74
CA TRP C 251 -10.68 -0.36 6.60
C TRP C 251 -9.60 -0.29 5.53
N ALA C 252 -8.33 -0.16 5.92
CA ALA C 252 -7.17 -0.23 5.00
C ALA C 252 -7.13 -1.60 4.30
N GLU C 253 -7.43 -2.68 5.02
CA GLU C 253 -7.43 -4.04 4.43
C GLU C 253 -8.61 -4.15 3.46
N GLY C 254 -9.78 -3.61 3.83
CA GLY C 254 -10.94 -3.51 2.92
C GLY C 254 -10.59 -2.78 1.62
N ASP C 255 -9.88 -1.66 1.72
CA ASP C 255 -9.41 -0.88 0.56
C ASP C 255 -8.53 -1.76 -0.32
N GLU C 256 -7.60 -2.51 0.27
CA GLU C 256 -6.65 -3.36 -0.50
C GLU C 256 -7.41 -4.52 -1.16
N MET C 257 -8.46 -5.01 -0.51
CA MET C 257 -9.33 -6.08 -1.05
C MET C 257 -9.99 -5.55 -2.34
N LYS C 258 -10.57 -4.34 -2.27
CA LYS C 258 -11.20 -3.66 -3.42
C LYS C 258 -10.20 -3.53 -4.58
N LYS C 259 -8.91 -3.32 -4.27
CA LYS C 259 -7.85 -3.16 -5.30
C LYS C 259 -7.49 -4.50 -5.96
N LEU C 260 -7.75 -5.64 -5.28
CA LEU C 260 -7.56 -6.98 -5.89
C LEU C 260 -8.78 -7.34 -6.74
N GLY C 261 -9.84 -6.53 -6.69
CA GLY C 261 -11.10 -6.77 -7.42
C GLY C 261 -12.04 -7.66 -6.62
N ILE C 262 -11.95 -7.61 -5.29
CA ILE C 262 -12.76 -8.46 -4.36
C ILE C 262 -13.51 -7.53 -3.42
N GLN C 263 -14.83 -7.68 -3.32
CA GLN C 263 -15.68 -6.91 -2.39
C GLN C 263 -15.38 -7.41 -0.98
N PRO C 264 -14.95 -6.54 -0.04
CA PRO C 264 -14.65 -6.97 1.33
C PRO C 264 -15.91 -7.24 2.15
N ILE C 265 -15.78 -8.05 3.19
CA ILE C 265 -16.84 -8.22 4.23
C ILE C 265 -17.09 -6.87 4.89
N PRO C 266 -18.35 -6.57 5.30
CA PRO C 266 -18.71 -5.25 5.82
C PRO C 266 -17.84 -4.74 6.98
N MET C 267 -17.26 -5.64 7.76
CA MET C 267 -16.36 -5.29 8.88
C MET C 267 -15.18 -4.46 8.36
N MET C 268 -14.72 -4.74 7.14
CA MET C 268 -13.49 -4.12 6.58
C MET C 268 -13.84 -3.05 5.53
N ASP C 269 -15.11 -2.69 5.40
CA ASP C 269 -15.58 -1.70 4.39
C ASP C 269 -15.81 -0.34 5.08
N ARG C 270 -15.01 0.66 4.71
CA ARG C 270 -15.09 2.01 5.34
C ARG C 270 -16.39 2.70 4.91
N ASP C 271 -17.06 2.24 3.86
CA ASP C 271 -18.37 2.79 3.41
C ASP C 271 -19.50 2.29 4.33
N LYS C 272 -19.27 1.25 5.14
CA LYS C 272 -20.30 0.62 6.01
C LYS C 272 -19.95 0.85 7.48
N LYS C 273 -19.47 2.06 7.78
CA LYS C 273 -18.96 2.50 9.11
C LYS C 273 -20.07 2.49 10.17
N ASP C 274 -21.30 2.80 9.77
CA ASP C 274 -22.48 2.90 10.67
C ASP C 274 -22.82 1.53 11.29
N GLU C 275 -22.37 0.41 10.69
CA GLU C 275 -22.68 -0.98 11.12
C GLU C 275 -21.71 -1.44 12.23
N VAL C 276 -20.76 -0.59 12.64
CA VAL C 276 -19.66 -0.95 13.57
C VAL C 276 -20.24 -1.32 14.94
N PRO C 277 -21.09 -0.49 15.60
CA PRO C 277 -21.67 -0.85 16.88
C PRO C 277 -22.29 -2.27 16.92
N GLN C 278 -23.05 -2.61 15.89
CA GLN C 278 -23.67 -3.95 15.71
C GLN C 278 -22.58 -5.00 15.49
N GLY C 279 -21.50 -4.65 14.78
CA GLY C 279 -20.33 -5.52 14.52
C GLY C 279 -19.66 -5.92 15.83
N GLN C 280 -19.49 -4.97 16.74
CA GLN C 280 -18.86 -5.17 18.07
C GLN C 280 -19.74 -6.13 18.90
N LEU C 281 -21.05 -5.83 19.03
CA LEU C 281 -22.05 -6.71 19.69
C LEU C 281 -21.83 -8.15 19.24
N GLY C 282 -21.83 -8.36 17.93
CA GLY C 282 -21.60 -9.68 17.30
C GLY C 282 -20.27 -10.28 17.72
N PHE C 283 -19.19 -9.49 17.72
CA PHE C 283 -17.86 -10.00 18.13
C PHE C 283 -17.88 -10.42 19.62
N TYR C 284 -18.45 -9.58 20.50
CA TYR C 284 -18.53 -9.84 21.96
C TYR C 284 -19.33 -11.12 22.24
N ASN C 285 -20.48 -11.28 21.55
CA ASN C 285 -21.41 -12.41 21.75
C ASN C 285 -20.79 -13.70 21.22
N ALA C 286 -20.18 -13.67 20.04
CA ALA C 286 -19.69 -14.87 19.32
C ALA C 286 -18.26 -15.26 19.76
N VAL C 287 -17.46 -14.31 20.27
CA VAL C 287 -15.99 -14.51 20.47
C VAL C 287 -15.59 -14.15 21.91
N ALA C 288 -15.66 -12.88 22.29
CA ALA C 288 -15.08 -12.35 23.55
C ALA C 288 -15.75 -12.98 24.78
N ILE C 289 -17.09 -12.95 24.87
CA ILE C 289 -17.82 -13.40 26.10
C ILE C 289 -17.55 -14.88 26.32
N PRO C 290 -17.76 -15.78 25.32
CA PRO C 290 -17.43 -17.20 25.48
C PRO C 290 -15.95 -17.44 25.84
N CYS C 291 -15.03 -16.64 25.30
CA CYS C 291 -13.58 -16.76 25.63
C CYS C 291 -13.39 -16.55 27.14
N TYR C 292 -13.78 -15.39 27.67
CA TYR C 292 -13.57 -15.04 29.10
C TYR C 292 -14.45 -15.91 30.01
N THR C 293 -15.59 -16.41 29.53
CA THR C 293 -16.50 -17.32 30.30
C THR C 293 -15.78 -18.64 30.60
N THR C 294 -15.23 -19.27 29.56
CA THR C 294 -14.52 -20.56 29.66
C THR C 294 -13.25 -20.35 30.49
N LEU C 295 -12.54 -19.23 30.30
CA LEU C 295 -11.29 -18.94 31.06
C LEU C 295 -11.63 -18.82 32.56
N THR C 296 -12.74 -18.15 32.88
CA THR C 296 -13.16 -17.94 34.29
C THR C 296 -13.54 -19.29 34.90
N GLN C 297 -14.21 -20.17 34.15
CA GLN C 297 -14.54 -21.55 34.61
C GLN C 297 -13.26 -22.32 34.97
N ILE C 298 -12.20 -22.24 34.15
CA ILE C 298 -10.94 -23.01 34.36
C ILE C 298 -10.05 -22.27 35.37
N LEU C 299 -10.00 -20.94 35.34
CA LEU C 299 -9.17 -20.10 36.24
C LEU C 299 -10.05 -19.02 36.87
N PRO C 300 -10.76 -19.35 37.96
CA PRO C 300 -11.67 -18.41 38.62
C PRO C 300 -11.09 -17.03 38.91
N PRO C 301 -9.82 -16.87 39.35
CA PRO C 301 -9.27 -15.53 39.56
C PRO C 301 -9.22 -14.59 38.34
N THR C 302 -9.50 -15.06 37.12
CA THR C 302 -9.50 -14.21 35.90
C THR C 302 -10.86 -13.55 35.73
N GLU C 303 -11.75 -13.69 36.72
CA GLU C 303 -13.16 -13.19 36.69
C GLU C 303 -13.21 -11.72 36.27
N PRO C 304 -12.34 -10.82 36.78
CA PRO C 304 -12.41 -9.40 36.39
C PRO C 304 -12.36 -9.20 34.86
N LEU C 305 -11.70 -10.08 34.09
CA LEU C 305 -11.65 -9.93 32.61
C LEU C 305 -13.07 -10.08 32.06
N LEU C 306 -13.81 -11.12 32.47
CA LEU C 306 -15.19 -11.42 32.00
C LEU C 306 -16.12 -10.27 32.41
N LYS C 307 -15.99 -9.80 33.65
CA LYS C 307 -16.83 -8.71 34.20
C LYS C 307 -16.63 -7.44 33.36
N ALA C 308 -15.38 -7.09 33.05
CA ALA C 308 -15.07 -5.85 32.30
C ALA C 308 -15.59 -5.98 30.86
N CYS C 309 -15.54 -7.17 30.30
CA CYS C 309 -16.04 -7.51 28.94
C CYS C 309 -17.58 -7.35 28.91
N ARG C 310 -18.29 -7.92 29.89
CA ARG C 310 -19.77 -7.76 30.04
C ARG C 310 -20.11 -6.26 30.17
N ASP C 311 -19.35 -5.48 30.94
CA ASP C 311 -19.60 -4.02 31.06
C ASP C 311 -19.49 -3.35 29.69
N ASN C 312 -18.51 -3.73 28.87
CA ASN C 312 -18.24 -3.05 27.57
C ASN C 312 -19.31 -3.47 26.56
N LEU C 313 -19.84 -4.69 26.67
CA LEU C 313 -20.97 -5.17 25.81
C LEU C 313 -22.21 -4.29 26.05
N SER C 314 -22.51 -4.02 27.32
CA SER C 314 -23.60 -3.12 27.77
C SER C 314 -23.38 -1.69 27.23
N GLN C 315 -22.13 -1.22 27.20
CA GLN C 315 -21.79 0.11 26.64
C GLN C 315 -22.09 0.12 25.13
N TRP C 316 -21.75 -0.94 24.41
CA TRP C 316 -22.03 -1.03 22.96
C TRP C 316 -23.55 -1.10 22.73
N GLU C 317 -24.31 -1.75 23.62
CA GLU C 317 -25.79 -1.85 23.50
C GLU C 317 -26.38 -0.43 23.63
N LYS C 318 -25.87 0.39 24.55
CA LYS C 318 -26.27 1.81 24.74
C LYS C 318 -26.00 2.59 23.45
N VAL C 319 -24.79 2.50 22.90
CA VAL C 319 -24.41 3.21 21.63
C VAL C 319 -25.45 2.87 20.56
N ILE C 320 -25.75 1.58 20.36
CA ILE C 320 -26.72 1.07 19.34
C ILE C 320 -28.11 1.71 19.56
N ARG C 321 -28.52 1.95 20.81
CA ARG C 321 -29.84 2.56 21.16
C ARG C 321 -29.76 4.09 21.08
N GLY C 322 -28.58 4.67 20.80
CA GLY C 322 -28.40 6.13 20.59
C GLY C 322 -28.43 6.92 21.89
N GLU C 323 -27.95 6.33 23.01
CA GLU C 323 -27.87 6.96 24.36
C GLU C 323 -26.43 7.40 24.64
N GLU C 324 -25.48 6.90 23.85
CA GLU C 324 -24.10 7.42 23.76
C GLU C 324 -23.48 6.93 22.44
N TRP D 10 -13.49 -56.88 -12.51
CA TRP D 10 -12.40 -57.89 -12.73
C TRP D 10 -11.77 -57.71 -14.12
N GLN D 11 -12.57 -57.34 -15.14
CA GLN D 11 -12.11 -57.04 -16.53
C GLN D 11 -11.95 -55.52 -16.73
N GLY D 12 -11.79 -54.75 -15.64
CA GLY D 12 -11.60 -53.29 -15.62
C GLY D 12 -10.18 -52.88 -15.23
N LEU D 13 -9.26 -53.85 -15.22
CA LEU D 13 -7.79 -53.68 -14.97
C LEU D 13 -7.03 -53.46 -16.29
N MET D 14 -7.75 -53.14 -17.37
CA MET D 14 -7.18 -52.97 -18.73
C MET D 14 -7.01 -51.48 -19.02
N GLN D 15 -5.81 -50.95 -18.74
CA GLN D 15 -5.51 -49.49 -18.82
C GLN D 15 -4.65 -49.21 -20.05
N PHE D 16 -4.81 -48.02 -20.63
CA PHE D 16 -4.07 -47.55 -21.82
C PHE D 16 -2.81 -46.81 -21.36
N THR D 17 -1.68 -47.08 -22.00
CA THR D 17 -0.39 -46.37 -21.74
C THR D 17 0.25 -45.95 -23.07
N LEU D 18 0.80 -44.74 -23.10
CA LEU D 18 1.49 -44.14 -24.26
C LEU D 18 2.99 -44.46 -24.19
N PRO D 19 3.69 -44.43 -25.33
CA PRO D 19 5.16 -44.38 -25.32
C PRO D 19 5.66 -43.20 -24.47
N VAL D 20 6.85 -43.34 -23.89
CA VAL D 20 7.42 -42.44 -22.84
C VAL D 20 7.29 -40.97 -23.30
N ARG D 21 7.73 -40.61 -24.51
CA ARG D 21 7.69 -39.20 -24.95
C ARG D 21 6.23 -38.69 -24.91
N LEU D 22 5.27 -39.48 -25.39
CA LEU D 22 3.85 -39.04 -25.48
C LEU D 22 3.26 -38.97 -24.07
N CYS D 23 3.55 -39.97 -23.24
CA CYS D 23 3.18 -40.03 -21.81
C CYS D 23 3.60 -38.73 -21.10
N LYS D 24 4.80 -38.23 -21.39
CA LYS D 24 5.33 -36.97 -20.79
C LYS D 24 4.72 -35.73 -21.49
N GLU D 25 4.75 -35.67 -22.82
CA GLU D 25 4.44 -34.41 -23.56
C GLU D 25 2.93 -34.17 -23.63
N ILE D 26 2.10 -35.23 -23.52
CA ILE D 26 0.61 -35.08 -23.64
C ILE D 26 0.10 -34.17 -22.51
N GLU D 27 0.90 -33.95 -21.46
CA GLU D 27 0.50 -33.16 -20.28
C GLU D 27 0.71 -31.67 -20.53
N LEU D 28 1.49 -31.30 -21.54
CA LEU D 28 1.72 -29.87 -21.90
C LEU D 28 0.65 -29.39 -22.89
N PHE D 29 0.18 -28.16 -22.71
CA PHE D 29 -0.81 -27.48 -23.58
C PHE D 29 -0.39 -27.55 -25.05
N HIS D 30 0.92 -27.48 -25.37
CA HIS D 30 1.42 -27.33 -26.77
C HIS D 30 1.62 -28.68 -27.46
N PHE D 31 1.33 -29.80 -26.79
CA PHE D 31 1.43 -31.17 -27.39
C PHE D 31 0.76 -31.21 -28.78
N ASP D 32 1.42 -31.89 -29.71
CA ASP D 32 0.90 -32.24 -31.07
C ASP D 32 0.66 -33.74 -31.09
N ILE D 33 -0.52 -34.18 -31.58
CA ILE D 33 -0.96 -35.59 -31.51
C ILE D 33 -0.26 -36.45 -32.59
N GLY D 34 0.48 -35.83 -33.51
CA GLY D 34 1.34 -36.56 -34.47
C GLY D 34 0.59 -36.92 -35.76
N PRO D 35 1.27 -37.54 -36.76
CA PRO D 35 0.64 -37.88 -38.03
C PRO D 35 0.13 -39.31 -38.20
N PHE D 36 0.22 -40.15 -37.15
CA PHE D 36 -0.26 -41.56 -37.15
C PHE D 36 -1.73 -41.61 -36.70
N GLU D 37 -2.66 -41.40 -37.65
CA GLU D 37 -4.14 -41.45 -37.47
C GLU D 37 -4.54 -42.59 -36.52
N ASN D 38 -3.98 -43.79 -36.68
CA ASN D 38 -4.47 -45.00 -35.96
C ASN D 38 -4.10 -44.94 -34.46
N MET D 39 -3.31 -43.96 -34.03
CA MET D 39 -2.95 -43.80 -32.59
C MET D 39 -3.91 -42.82 -31.89
N TRP D 40 -4.69 -42.04 -32.65
CA TRP D 40 -5.50 -40.93 -32.09
C TRP D 40 -6.62 -41.46 -31.20
N PRO D 41 -7.33 -42.55 -31.57
CA PRO D 41 -8.33 -43.17 -30.68
C PRO D 41 -7.78 -43.58 -29.29
N GLY D 42 -6.66 -44.32 -29.28
CA GLY D 42 -5.95 -44.74 -28.05
C GLY D 42 -5.55 -43.53 -27.22
N ILE D 43 -5.09 -42.46 -27.89
CA ILE D 43 -4.73 -41.18 -27.22
C ILE D 43 -5.99 -40.58 -26.59
N PHE D 44 -7.14 -40.67 -27.25
CA PHE D 44 -8.40 -40.05 -26.76
C PHE D 44 -8.87 -40.81 -25.51
N VAL D 45 -8.84 -42.14 -25.56
CA VAL D 45 -9.26 -43.02 -24.43
C VAL D 45 -8.36 -42.76 -23.22
N TYR D 46 -7.04 -42.71 -23.43
CA TYR D 46 -6.05 -42.42 -22.36
C TYR D 46 -6.45 -41.14 -21.64
N MET D 47 -6.78 -40.09 -22.42
CA MET D 47 -7.17 -38.78 -21.85
C MET D 47 -8.49 -38.94 -21.07
N VAL D 48 -9.44 -39.71 -21.62
CA VAL D 48 -10.75 -39.94 -20.93
C VAL D 48 -10.50 -40.69 -19.61
N HIS D 49 -9.66 -41.72 -19.59
CA HIS D 49 -9.39 -42.57 -18.38
C HIS D 49 -8.70 -41.73 -17.30
N ARG D 50 -7.78 -40.85 -17.67
CA ARG D 50 -7.01 -40.02 -16.70
C ARG D 50 -7.85 -38.79 -16.29
N SER D 51 -8.67 -38.27 -17.20
CA SER D 51 -9.40 -36.97 -17.08
C SER D 51 -10.60 -37.08 -16.14
N CYS D 52 -11.39 -38.14 -16.27
CA CYS D 52 -12.69 -38.29 -15.56
C CYS D 52 -12.82 -39.66 -14.90
N GLY D 53 -12.11 -40.69 -15.39
CA GLY D 53 -11.84 -41.92 -14.62
C GLY D 53 -11.94 -43.19 -15.45
N THR D 54 -11.52 -44.31 -14.87
CA THR D 54 -11.42 -45.65 -15.52
C THR D 54 -12.82 -46.25 -15.74
N SER D 55 -13.81 -45.84 -14.94
CA SER D 55 -15.12 -46.53 -14.79
C SER D 55 -16.27 -45.76 -15.46
N CYS D 56 -16.06 -44.53 -15.92
CA CYS D 56 -17.16 -43.62 -16.30
C CYS D 56 -17.76 -43.99 -17.67
N PHE D 57 -17.00 -44.67 -18.54
CA PHE D 57 -17.49 -45.22 -19.84
C PHE D 57 -17.06 -46.69 -19.95
N GLU D 58 -17.98 -47.55 -20.39
CA GLU D 58 -17.67 -48.96 -20.74
C GLU D 58 -16.85 -48.95 -22.03
N LEU D 59 -15.69 -49.64 -22.04
CA LEU D 59 -14.67 -49.51 -23.11
C LEU D 59 -15.25 -49.85 -24.48
N GLU D 60 -16.03 -50.94 -24.59
CA GLU D 60 -16.66 -51.39 -25.86
C GLU D 60 -17.46 -50.26 -26.49
N LYS D 61 -18.35 -49.62 -25.71
CA LYS D 61 -19.27 -48.57 -26.20
C LYS D 61 -18.47 -47.33 -26.61
N LEU D 62 -17.47 -46.98 -25.81
CA LEU D 62 -16.62 -45.78 -26.04
C LEU D 62 -15.89 -45.96 -27.38
N CME D 63 -15.25 -47.11 -27.57
CA CME D 63 -14.46 -47.40 -28.81
CB CME D 63 -13.69 -48.70 -28.72
SG CME D 63 -12.12 -48.55 -27.81
SD CME D 63 -10.95 -47.37 -29.00
CE CME D 63 -10.69 -48.35 -30.52
CZ CME D 63 -9.39 -49.10 -30.52
OH CME D 63 -8.95 -49.36 -31.84
C CME D 63 -15.39 -47.31 -30.03
O CME D 63 -15.00 -46.65 -31.00
N ARG D 64 -16.57 -47.92 -30.00
CA ARG D 64 -17.42 -47.88 -31.20
C ARG D 64 -18.00 -46.46 -31.35
N PHE D 65 -18.27 -45.73 -30.26
CA PHE D 65 -18.67 -44.29 -30.37
C PHE D 65 -17.57 -43.51 -31.14
N ILE D 66 -16.32 -43.68 -30.73
CA ILE D 66 -15.13 -42.97 -31.30
C ILE D 66 -15.04 -43.24 -32.82
N MET D 67 -15.26 -44.48 -33.24
CA MET D 67 -15.08 -44.89 -34.65
C MET D 67 -16.24 -44.37 -35.52
N SER D 68 -17.47 -44.29 -34.98
CA SER D 68 -18.60 -43.63 -35.70
C SER D 68 -18.33 -42.12 -35.81
N VAL D 69 -17.81 -41.48 -34.76
CA VAL D 69 -17.46 -40.03 -34.81
C VAL D 69 -16.42 -39.83 -35.92
N LYS D 70 -15.32 -40.56 -35.90
CA LYS D 70 -14.28 -40.54 -36.97
C LYS D 70 -14.91 -40.62 -38.36
N LYS D 71 -15.76 -41.61 -38.58
CA LYS D 71 -16.37 -41.88 -39.91
C LYS D 71 -17.24 -40.68 -40.35
N ASN D 72 -17.77 -39.87 -39.43
CA ASN D 72 -18.68 -38.75 -39.79
C ASN D 72 -17.95 -37.40 -39.91
N TYR D 73 -16.62 -37.37 -39.66
CA TYR D 73 -15.71 -36.27 -40.11
C TYR D 73 -15.29 -36.56 -41.56
N ARG D 74 -15.10 -35.51 -42.34
CA ARG D 74 -14.84 -35.60 -43.80
C ARG D 74 -13.37 -35.34 -44.08
N ARG D 75 -12.91 -35.64 -45.28
CA ARG D 75 -11.48 -35.48 -45.66
C ARG D 75 -11.31 -34.08 -46.25
N VAL D 76 -11.33 -33.07 -45.38
CA VAL D 76 -11.09 -31.64 -45.74
C VAL D 76 -9.76 -31.22 -45.13
N PRO D 77 -9.15 -30.12 -45.63
CA PRO D 77 -7.78 -29.77 -45.23
C PRO D 77 -7.60 -29.48 -43.72
N TYR D 78 -8.61 -28.91 -43.06
CA TYR D 78 -8.48 -28.44 -41.65
C TYR D 78 -9.58 -29.01 -40.74
N HIS D 79 -10.87 -28.83 -41.05
CA HIS D 79 -12.01 -29.19 -40.15
C HIS D 79 -12.27 -30.69 -40.19
N ASN D 80 -11.26 -31.47 -39.80
CA ASN D 80 -11.18 -32.94 -40.01
C ASN D 80 -11.00 -33.64 -38.66
N TRP D 81 -10.91 -34.97 -38.70
CA TRP D 81 -10.75 -35.85 -37.52
C TRP D 81 -9.58 -35.38 -36.65
N LYS D 82 -8.47 -34.97 -37.26
CA LYS D 82 -7.26 -34.51 -36.52
C LYS D 82 -7.58 -33.27 -35.66
N HIS D 83 -8.32 -32.30 -36.19
CA HIS D 83 -8.80 -31.10 -35.44
C HIS D 83 -9.63 -31.53 -34.21
N ALA D 84 -10.56 -32.46 -34.38
CA ALA D 84 -11.46 -32.96 -33.31
C ALA D 84 -10.62 -33.44 -32.11
N VAL D 85 -9.61 -34.26 -32.37
CA VAL D 85 -8.75 -34.88 -31.31
C VAL D 85 -7.81 -33.81 -30.73
N THR D 86 -7.34 -32.86 -31.52
CA THR D 86 -6.48 -31.72 -31.06
C THR D 86 -7.29 -30.87 -30.08
N VAL D 87 -8.52 -30.49 -30.45
CA VAL D 87 -9.40 -29.66 -29.57
C VAL D 87 -9.71 -30.42 -28.27
N ALA D 88 -9.94 -31.74 -28.35
CA ALA D 88 -10.18 -32.58 -27.15
C ALA D 88 -8.93 -32.57 -26.26
N HIS D 89 -7.75 -32.67 -26.84
CA HIS D 89 -6.47 -32.67 -26.08
C HIS D 89 -6.32 -31.38 -25.27
N CYS D 90 -6.63 -30.23 -25.85
CA CYS D 90 -6.52 -28.91 -25.18
C CYS D 90 -7.45 -28.92 -23.96
N MET D 91 -8.66 -29.48 -24.12
CA MET D 91 -9.69 -29.50 -23.05
C MET D 91 -9.19 -30.42 -21.94
N TYR D 92 -8.58 -31.54 -22.34
CA TYR D 92 -7.88 -32.49 -21.42
C TYR D 92 -6.86 -31.72 -20.57
N ALA D 93 -5.96 -30.97 -21.23
CA ALA D 93 -4.90 -30.19 -20.55
C ALA D 93 -5.53 -29.18 -19.59
N ILE D 94 -6.62 -28.50 -19.98
CA ILE D 94 -7.32 -27.52 -19.10
C ILE D 94 -7.86 -28.28 -17.89
N LEU D 95 -8.57 -29.39 -18.12
CA LEU D 95 -9.27 -30.11 -17.03
C LEU D 95 -8.24 -30.63 -16.00
N GLN D 96 -7.10 -31.17 -16.44
CA GLN D 96 -6.12 -31.77 -15.49
C GLN D 96 -5.46 -30.70 -14.63
N ASN D 97 -5.41 -29.44 -15.10
CA ASN D 97 -4.69 -28.29 -14.46
C ASN D 97 -5.67 -27.40 -13.68
N ASN D 98 -6.95 -27.74 -13.70
CA ASN D 98 -8.04 -27.07 -12.93
C ASN D 98 -8.95 -28.15 -12.35
N HIS D 99 -8.37 -29.25 -11.86
CA HIS D 99 -9.11 -30.52 -11.63
C HIS D 99 -10.07 -30.43 -10.43
N THR D 100 -9.98 -29.40 -9.57
CA THR D 100 -10.90 -29.24 -8.42
C THR D 100 -12.14 -28.44 -8.82
N LEU D 101 -12.18 -27.86 -10.03
CA LEU D 101 -13.21 -26.86 -10.44
C LEU D 101 -14.42 -27.49 -11.13
N PHE D 102 -14.36 -28.73 -11.62
CA PHE D 102 -15.42 -29.28 -12.52
C PHE D 102 -16.11 -30.51 -11.90
N THR D 103 -17.40 -30.64 -12.19
CA THR D 103 -18.28 -31.76 -11.74
C THR D 103 -17.99 -33.00 -12.59
N ASP D 104 -18.36 -34.18 -12.09
CA ASP D 104 -18.25 -35.49 -12.78
C ASP D 104 -18.86 -35.38 -14.19
N LEU D 105 -20.11 -34.92 -14.28
CA LEU D 105 -20.87 -34.75 -15.54
C LEU D 105 -20.14 -33.80 -16.51
N GLU D 106 -19.56 -32.70 -16.04
CA GLU D 106 -18.81 -31.74 -16.90
C GLU D 106 -17.59 -32.46 -17.50
N ARG D 107 -16.85 -33.22 -16.69
CA ARG D 107 -15.63 -33.93 -17.16
C ARG D 107 -16.04 -34.89 -18.29
N LYS D 108 -17.05 -35.75 -18.05
CA LYS D 108 -17.60 -36.73 -19.04
C LYS D 108 -18.01 -36.00 -20.32
N GLY D 109 -18.84 -34.96 -20.19
CA GLY D 109 -19.45 -34.21 -21.30
C GLY D 109 -18.44 -33.44 -22.14
N LEU D 110 -17.45 -32.80 -21.54
CA LEU D 110 -16.68 -31.73 -22.24
C LEU D 110 -15.69 -32.35 -23.23
N LEU D 111 -15.05 -33.49 -22.89
CA LEU D 111 -14.14 -34.20 -23.82
C LEU D 111 -14.94 -34.71 -25.03
N ILE D 112 -16.14 -35.27 -24.81
CA ILE D 112 -17.06 -35.75 -25.88
C ILE D 112 -17.48 -34.54 -26.72
N ALA D 113 -17.89 -33.44 -26.10
CA ALA D 113 -18.29 -32.19 -26.79
C ALA D 113 -17.17 -31.77 -27.76
N CYS D 114 -15.93 -31.83 -27.31
CA CYS D 114 -14.75 -31.37 -28.11
C CYS D 114 -14.55 -32.34 -29.28
N LEU D 115 -14.64 -33.64 -29.05
CA LEU D 115 -14.45 -34.64 -30.14
C LEU D 115 -15.52 -34.46 -31.22
N CYS D 116 -16.73 -34.02 -30.84
CA CYS D 116 -17.91 -33.98 -31.75
C CYS D 116 -18.18 -32.57 -32.31
N HIS D 117 -17.47 -31.53 -31.85
CA HIS D 117 -17.89 -30.11 -32.00
C HIS D 117 -17.93 -29.64 -33.47
N ASP D 118 -17.30 -30.35 -34.41
CA ASP D 118 -17.26 -29.97 -35.85
C ASP D 118 -17.73 -31.13 -36.75
N LEU D 119 -18.52 -32.07 -36.23
CA LEU D 119 -18.98 -33.27 -36.98
C LEU D 119 -19.65 -32.90 -38.31
N ASP D 120 -19.25 -33.60 -39.37
CA ASP D 120 -19.77 -33.49 -40.75
C ASP D 120 -19.49 -32.09 -41.32
N HIS D 121 -18.41 -31.45 -40.89
CA HIS D 121 -17.96 -30.14 -41.44
C HIS D 121 -17.49 -30.36 -42.89
N ARG D 122 -17.90 -29.49 -43.82
CA ARG D 122 -17.49 -29.56 -45.26
C ARG D 122 -16.44 -28.48 -45.58
N GLY D 123 -16.06 -27.66 -44.59
CA GLY D 123 -15.04 -26.60 -44.71
C GLY D 123 -15.65 -25.24 -45.01
N PHE D 124 -16.97 -25.08 -44.94
CA PHE D 124 -17.68 -23.82 -45.27
C PHE D 124 -18.30 -23.19 -44.01
N SER D 125 -18.20 -21.87 -43.92
CA SER D 125 -18.74 -21.01 -42.82
C SER D 125 -20.27 -20.88 -42.95
N ASN D 126 -20.93 -20.50 -41.85
CA ASN D 126 -22.40 -20.21 -41.78
C ASN D 126 -22.80 -19.17 -42.83
N SER D 127 -21.94 -18.19 -43.11
CA SER D 127 -22.15 -17.10 -44.11
C SER D 127 -22.32 -17.68 -45.51
N TYR D 128 -21.41 -18.57 -45.91
CA TYR D 128 -21.46 -19.21 -47.25
C TYR D 128 -22.76 -20.04 -47.35
N LEU D 129 -23.09 -20.85 -46.34
CA LEU D 129 -24.35 -21.65 -46.35
C LEU D 129 -25.54 -20.71 -46.60
N GLN D 130 -25.58 -19.57 -45.90
CA GLN D 130 -26.70 -18.58 -46.00
C GLN D 130 -26.81 -18.07 -47.44
N LYS D 131 -25.69 -17.70 -48.06
CA LYS D 131 -25.65 -17.09 -49.42
C LYS D 131 -25.84 -18.16 -50.52
N PHE D 132 -25.42 -19.40 -50.28
CA PHE D 132 -25.73 -20.56 -51.16
C PHE D 132 -27.24 -20.84 -51.10
N ASP D 133 -27.85 -20.53 -49.94
CA ASP D 133 -29.26 -20.87 -49.63
C ASP D 133 -29.32 -22.38 -49.35
N HIS D 134 -28.35 -22.88 -48.58
CA HIS D 134 -28.24 -24.32 -48.21
C HIS D 134 -29.43 -24.69 -47.33
N PRO D 135 -30.03 -25.88 -47.55
CA PRO D 135 -31.10 -26.40 -46.67
C PRO D 135 -30.84 -26.26 -45.17
N LEU D 136 -29.61 -26.45 -44.70
CA LEU D 136 -29.28 -26.33 -43.25
C LEU D 136 -29.58 -24.90 -42.75
N ALA D 137 -29.41 -23.87 -43.58
CA ALA D 137 -29.66 -22.44 -43.21
C ALA D 137 -31.16 -22.18 -43.00
N ALA D 138 -32.04 -22.89 -43.73
CA ALA D 138 -33.51 -22.82 -43.56
C ALA D 138 -33.91 -23.46 -42.22
N LEU D 139 -33.23 -24.54 -41.87
CA LEU D 139 -33.52 -25.37 -40.68
C LEU D 139 -32.98 -24.67 -39.42
N TYR D 140 -31.80 -24.04 -39.50
CA TYR D 140 -31.10 -23.32 -38.40
C TYR D 140 -30.64 -21.95 -38.91
N SER D 141 -31.41 -20.88 -38.65
CA SER D 141 -31.10 -19.50 -39.13
C SER D 141 -29.85 -18.97 -38.42
N THR D 142 -29.64 -19.36 -37.17
CA THR D 142 -28.50 -18.95 -36.30
C THR D 142 -27.62 -20.16 -35.96
N SER D 143 -26.30 -19.95 -35.89
CA SER D 143 -25.26 -20.97 -35.56
C SER D 143 -25.53 -22.22 -36.38
N THR D 144 -25.66 -22.05 -37.70
CA THR D 144 -26.19 -23.05 -38.66
C THR D 144 -25.39 -24.35 -38.52
N MET D 145 -24.09 -24.31 -38.77
CA MET D 145 -23.23 -25.53 -38.75
C MET D 145 -23.19 -26.09 -37.32
N GLU D 146 -23.15 -25.22 -36.31
CA GLU D 146 -22.95 -25.64 -34.90
C GLU D 146 -24.18 -26.44 -34.43
N GLN D 147 -25.38 -26.01 -34.81
CA GLN D 147 -26.63 -26.78 -34.55
C GLN D 147 -26.57 -28.09 -35.33
N HIS D 148 -25.99 -28.11 -36.53
CA HIS D 148 -25.81 -29.36 -37.33
C HIS D 148 -24.87 -30.31 -36.58
N HIS D 149 -23.74 -29.80 -36.06
CA HIS D 149 -22.76 -30.62 -35.31
C HIS D 149 -23.43 -31.29 -34.11
N PHE D 150 -24.25 -30.55 -33.35
CA PHE D 150 -24.95 -31.11 -32.17
C PHE D 150 -25.94 -32.18 -32.62
N SER D 151 -26.63 -31.93 -33.74
CA SER D 151 -27.65 -32.83 -34.32
C SER D 151 -27.00 -34.18 -34.68
N GLN D 152 -25.83 -34.12 -35.31
CA GLN D 152 -24.99 -35.27 -35.72
C GLN D 152 -24.53 -36.05 -34.48
N THR D 153 -24.23 -35.33 -33.40
CA THR D 153 -23.78 -35.91 -32.10
C THR D 153 -24.91 -36.76 -31.52
N VAL D 154 -26.16 -36.26 -31.53
CA VAL D 154 -27.36 -36.97 -30.99
C VAL D 154 -27.62 -38.21 -31.85
N SER D 155 -27.61 -38.06 -33.17
CA SER D 155 -27.80 -39.17 -34.14
C SER D 155 -26.84 -40.31 -33.80
N ILE D 156 -25.55 -40.02 -33.58
CA ILE D 156 -24.54 -41.07 -33.31
C ILE D 156 -24.83 -41.71 -31.95
N LEU D 157 -25.23 -40.92 -30.94
CA LEU D 157 -25.50 -41.44 -29.57
C LEU D 157 -26.71 -42.38 -29.56
N GLN D 158 -27.59 -42.28 -30.55
CA GLN D 158 -28.87 -43.04 -30.65
C GLN D 158 -28.67 -44.31 -31.49
N LEU D 159 -27.49 -44.48 -32.11
CA LEU D 159 -27.05 -45.72 -32.80
C LEU D 159 -26.99 -46.87 -31.78
N GLU D 160 -27.29 -48.10 -32.24
CA GLU D 160 -27.24 -49.35 -31.43
C GLU D 160 -25.85 -49.53 -30.80
N GLY D 161 -25.80 -49.71 -29.48
CA GLY D 161 -24.57 -49.96 -28.69
C GLY D 161 -23.63 -48.76 -28.61
N HIS D 162 -24.09 -47.55 -28.97
CA HIS D 162 -23.27 -46.31 -28.97
C HIS D 162 -23.60 -45.41 -27.77
N ASN D 163 -24.57 -45.77 -26.91
CA ASN D 163 -24.97 -44.85 -25.82
C ASN D 163 -23.99 -44.98 -24.65
N ILE D 164 -22.96 -44.14 -24.69
CA ILE D 164 -21.84 -44.09 -23.71
C ILE D 164 -22.33 -43.55 -22.36
N PHE D 165 -23.51 -42.91 -22.29
CA PHE D 165 -24.06 -42.36 -21.02
C PHE D 165 -25.19 -43.26 -20.49
N SER D 166 -25.31 -44.47 -21.04
CA SER D 166 -26.40 -45.47 -20.78
C SER D 166 -26.64 -45.72 -19.29
N THR D 167 -25.65 -45.51 -18.41
CA THR D 167 -25.77 -45.80 -16.96
C THR D 167 -26.15 -44.54 -16.15
N LEU D 168 -26.29 -43.37 -16.80
CA LEU D 168 -26.81 -42.14 -16.14
C LEU D 168 -28.34 -42.25 -16.03
N SER D 169 -28.95 -41.67 -14.99
CA SER D 169 -30.42 -41.46 -14.89
C SER D 169 -30.88 -40.58 -16.06
N SER D 170 -32.20 -40.54 -16.28
CA SER D 170 -32.85 -39.66 -17.28
C SER D 170 -32.44 -38.21 -17.03
N SER D 171 -32.52 -37.77 -15.77
CA SER D 171 -32.10 -36.45 -15.23
C SER D 171 -30.68 -36.07 -15.65
N GLU D 172 -29.74 -36.96 -15.33
CA GLU D 172 -28.29 -36.73 -15.50
C GLU D 172 -27.99 -36.83 -17.00
N TYR D 173 -28.66 -37.74 -17.70
CA TYR D 173 -28.52 -37.87 -19.17
C TYR D 173 -28.86 -36.54 -19.84
N GLU D 174 -30.01 -35.92 -19.54
CA GLU D 174 -30.41 -34.68 -20.27
C GLU D 174 -29.52 -33.52 -19.80
N GLN D 175 -29.03 -33.60 -18.57
CA GLN D 175 -28.05 -32.64 -18.00
C GLN D 175 -26.76 -32.66 -18.82
N VAL D 176 -26.14 -33.83 -19.05
CA VAL D 176 -24.84 -33.93 -19.79
C VAL D 176 -25.05 -33.57 -21.27
N LEU D 177 -26.20 -33.88 -21.86
CA LEU D 177 -26.48 -33.56 -23.29
C LEU D 177 -26.66 -32.05 -23.42
N GLU D 178 -27.17 -31.41 -22.36
CA GLU D 178 -27.34 -29.93 -22.29
C GLU D 178 -25.96 -29.26 -22.15
N ILE D 179 -25.05 -29.83 -21.34
CA ILE D 179 -23.61 -29.40 -21.25
C ILE D 179 -23.00 -29.45 -22.66
N ILE D 180 -23.23 -30.56 -23.38
CA ILE D 180 -22.63 -30.82 -24.72
C ILE D 180 -23.22 -29.82 -25.71
N ARG D 181 -24.54 -29.61 -25.65
CA ARG D 181 -25.25 -28.71 -26.58
C ARG D 181 -24.63 -27.31 -26.49
N LYS D 182 -24.54 -26.75 -25.28
CA LYS D 182 -24.07 -25.37 -25.06
C LYS D 182 -22.58 -25.27 -25.43
N ALA D 183 -21.80 -26.27 -25.07
CA ALA D 183 -20.35 -26.34 -25.43
C ALA D 183 -20.21 -26.25 -26.94
N ILE D 184 -20.97 -27.05 -27.72
CA ILE D 184 -20.83 -27.12 -29.21
C ILE D 184 -21.31 -25.81 -29.83
N ILE D 185 -22.46 -25.30 -29.39
CA ILE D 185 -23.04 -24.02 -29.87
C ILE D 185 -22.03 -22.87 -29.63
N ALA D 186 -21.29 -22.90 -28.52
CA ALA D 186 -20.32 -21.84 -28.11
C ALA D 186 -19.09 -21.78 -29.05
N THR D 187 -18.84 -22.81 -29.87
CA THR D 187 -17.75 -22.82 -30.89
C THR D 187 -18.13 -21.96 -32.09
N ASP D 188 -19.36 -21.41 -32.11
CA ASP D 188 -19.76 -20.35 -33.08
C ASP D 188 -19.02 -19.07 -32.69
N LEU D 189 -17.99 -18.69 -33.44
CA LEU D 189 -17.08 -17.58 -33.05
C LEU D 189 -17.87 -16.27 -32.93
N ALA D 190 -18.95 -16.08 -33.69
CA ALA D 190 -19.82 -14.88 -33.59
C ALA D 190 -20.27 -14.64 -32.13
N LEU D 191 -20.57 -15.72 -31.40
CA LEU D 191 -21.12 -15.66 -30.00
C LEU D 191 -20.00 -15.39 -29.00
N TYR D 192 -18.76 -15.74 -29.34
CA TYR D 192 -17.57 -15.63 -28.45
C TYR D 192 -17.39 -14.17 -27.99
N PHE D 193 -17.50 -13.21 -28.92
CA PHE D 193 -17.13 -11.77 -28.73
C PHE D 193 -17.88 -11.18 -27.53
N GLY D 194 -19.21 -11.28 -27.53
CA GLY D 194 -20.10 -10.93 -26.41
C GLY D 194 -19.80 -11.71 -25.14
N ASN D 195 -19.54 -13.03 -25.24
CA ASN D 195 -19.29 -13.92 -24.07
C ASN D 195 -17.98 -13.50 -23.37
N ARG D 196 -16.96 -13.09 -24.11
CA ARG D 196 -15.64 -12.73 -23.51
C ARG D 196 -15.79 -11.40 -22.74
N LYS D 197 -16.52 -10.45 -23.33
CA LYS D 197 -16.83 -9.10 -22.76
C LYS D 197 -17.61 -9.21 -21.44
N GLN D 198 -18.65 -10.05 -21.39
CA GLN D 198 -19.42 -10.34 -20.14
C GLN D 198 -18.47 -10.89 -19.08
N LEU D 199 -17.68 -11.93 -19.39
CA LEU D 199 -16.78 -12.60 -18.42
C LEU D 199 -15.70 -11.64 -17.90
N GLU D 200 -15.23 -10.74 -18.76
CA GLU D 200 -14.16 -9.77 -18.41
C GLU D 200 -14.73 -8.81 -17.36
N GLU D 201 -15.88 -8.20 -17.66
CA GLU D 201 -16.67 -7.34 -16.75
C GLU D 201 -16.90 -8.07 -15.42
N MET D 202 -17.52 -9.25 -15.45
CA MET D 202 -17.88 -10.05 -14.26
C MET D 202 -16.62 -10.37 -13.45
N TYR D 203 -15.50 -10.71 -14.11
CA TYR D 203 -14.24 -11.12 -13.42
C TYR D 203 -13.55 -9.91 -12.75
N GLN D 204 -13.39 -8.81 -13.50
CA GLN D 204 -12.65 -7.58 -13.06
C GLN D 204 -13.37 -6.90 -11.89
N THR D 205 -14.71 -6.83 -11.92
CA THR D 205 -15.56 -6.18 -10.88
C THR D 205 -15.91 -7.16 -9.75
N GLY D 206 -15.37 -8.39 -9.78
CA GLY D 206 -15.40 -9.33 -8.65
C GLY D 206 -16.72 -10.08 -8.47
N SER D 207 -17.65 -9.98 -9.43
CA SER D 207 -19.00 -10.59 -9.37
C SER D 207 -19.05 -12.00 -9.99
N LEU D 208 -18.00 -12.46 -10.68
CA LEU D 208 -18.00 -13.82 -11.30
C LEU D 208 -18.10 -14.86 -10.19
N ASN D 209 -19.09 -15.75 -10.28
CA ASN D 209 -19.43 -16.76 -9.25
C ASN D 209 -19.65 -18.12 -9.91
N LEU D 210 -18.70 -19.05 -9.79
CA LEU D 210 -18.74 -20.42 -10.39
C LEU D 210 -19.86 -21.28 -9.79
N ASN D 211 -20.54 -20.84 -8.72
CA ASN D 211 -21.69 -21.59 -8.13
C ASN D 211 -22.99 -21.16 -8.83
N ASN D 212 -22.94 -20.12 -9.66
CA ASN D 212 -24.05 -19.65 -10.52
C ASN D 212 -23.94 -20.38 -11.86
N GLN D 213 -24.86 -21.32 -12.14
CA GLN D 213 -24.84 -22.19 -13.35
C GLN D 213 -24.70 -21.34 -14.63
N SER D 214 -25.35 -20.18 -14.68
CA SER D 214 -25.35 -19.24 -15.83
C SER D 214 -23.93 -18.74 -16.10
N HIS D 215 -23.16 -18.55 -15.02
CA HIS D 215 -21.74 -18.11 -15.05
C HIS D 215 -20.86 -19.28 -15.53
N ARG D 216 -21.11 -20.48 -15.03
CA ARG D 216 -20.40 -21.72 -15.42
C ARG D 216 -20.50 -21.94 -16.93
N ASP D 217 -21.69 -21.75 -17.51
CA ASP D 217 -21.95 -21.91 -18.97
C ASP D 217 -21.05 -20.93 -19.75
N ARG D 218 -20.91 -19.69 -19.28
CA ARG D 218 -20.04 -18.68 -19.92
C ARG D 218 -18.58 -19.15 -19.85
N VAL D 219 -18.12 -19.62 -18.68
CA VAL D 219 -16.71 -20.07 -18.49
C VAL D 219 -16.47 -21.27 -19.42
N ILE D 220 -17.43 -22.22 -19.49
CA ILE D 220 -17.34 -23.38 -20.43
C ILE D 220 -17.33 -22.86 -21.88
N GLY D 221 -18.22 -21.93 -22.23
CA GLY D 221 -18.20 -21.23 -23.53
C GLY D 221 -16.81 -20.80 -23.95
N LEU D 222 -16.09 -20.11 -23.06
CA LEU D 222 -14.77 -19.52 -23.38
C LEU D 222 -13.71 -20.63 -23.43
N MET D 223 -13.80 -21.65 -22.58
CA MET D 223 -12.92 -22.85 -22.64
C MET D 223 -13.02 -23.48 -24.03
N MET D 224 -14.24 -23.55 -24.57
CA MET D 224 -14.50 -24.15 -25.91
C MET D 224 -13.85 -23.30 -27.00
N THR D 225 -13.99 -21.97 -26.96
CA THR D 225 -13.30 -21.04 -27.89
C THR D 225 -11.78 -21.31 -27.83
N ALA D 226 -11.22 -21.29 -26.62
CA ALA D 226 -9.77 -21.46 -26.33
C ALA D 226 -9.24 -22.78 -26.92
N CYS D 227 -9.90 -23.90 -26.64
CA CYS D 227 -9.59 -25.24 -27.21
C CYS D 227 -9.73 -25.22 -28.74
N ASP D 228 -10.79 -24.58 -29.24
CA ASP D 228 -11.12 -24.53 -30.68
C ASP D 228 -10.05 -23.72 -31.43
N LEU D 229 -9.50 -22.64 -30.84
CA LEU D 229 -8.47 -21.78 -31.48
C LEU D 229 -7.05 -22.32 -31.25
N CYS D 230 -6.88 -23.47 -30.57
CA CYS D 230 -5.63 -23.87 -29.86
C CYS D 230 -4.45 -24.14 -30.82
N SER D 231 -4.66 -24.19 -32.13
CA SER D 231 -3.53 -24.30 -33.09
C SER D 231 -2.64 -23.04 -33.03
N VAL D 232 -3.15 -21.90 -32.55
CA VAL D 232 -2.37 -20.63 -32.32
C VAL D 232 -1.53 -20.69 -31.03
N THR D 233 -1.62 -21.79 -30.24
CA THR D 233 -0.92 -21.97 -28.93
C THR D 233 0.09 -23.12 -29.00
N LYS D 234 0.40 -23.58 -30.21
CA LYS D 234 1.41 -24.64 -30.44
C LYS D 234 2.75 -23.95 -30.67
N LEU D 235 3.83 -24.72 -30.73
CA LEU D 235 5.16 -24.21 -31.11
C LEU D 235 5.07 -23.72 -32.56
N TRP D 236 5.84 -22.68 -32.91
CA TRP D 236 5.70 -21.91 -34.18
C TRP D 236 5.65 -22.83 -35.40
N PRO D 237 6.50 -23.88 -35.50
CA PRO D 237 6.46 -24.77 -36.67
C PRO D 237 5.11 -25.47 -36.88
N VAL D 238 4.41 -25.81 -35.80
CA VAL D 238 3.06 -26.46 -35.85
C VAL D 238 2.05 -25.40 -36.24
N THR D 239 2.11 -24.23 -35.60
CA THR D 239 1.16 -23.11 -35.81
C THR D 239 1.22 -22.67 -37.28
N LYS D 240 2.44 -22.58 -37.84
CA LYS D 240 2.66 -22.05 -39.21
C LYS D 240 2.13 -23.06 -40.23
N LEU D 241 2.44 -24.35 -40.05
CA LEU D 241 1.95 -25.42 -40.95
C LEU D 241 0.42 -25.56 -40.86
N THR D 242 -0.20 -25.45 -39.67
CA THR D 242 -1.67 -25.58 -39.51
C THR D 242 -2.38 -24.45 -40.28
N ALA D 243 -1.73 -23.27 -40.35
CA ALA D 243 -2.27 -22.08 -41.04
C ALA D 243 -2.48 -22.39 -42.52
N ASN D 244 -1.62 -23.21 -43.12
CA ASN D 244 -1.74 -23.60 -44.56
C ASN D 244 -3.01 -24.41 -44.76
N ASP D 245 -3.34 -25.29 -43.83
CA ASP D 245 -4.60 -26.08 -43.83
C ASP D 245 -5.78 -25.13 -43.71
N ILE D 246 -5.74 -24.22 -42.72
CA ILE D 246 -6.85 -23.27 -42.44
C ILE D 246 -7.13 -22.45 -43.71
N TYR D 247 -6.10 -21.92 -44.35
CA TYR D 247 -6.24 -20.98 -45.50
C TYR D 247 -6.60 -21.77 -46.78
N ALA D 248 -6.22 -23.04 -46.91
CA ALA D 248 -6.66 -23.89 -48.04
C ALA D 248 -8.19 -23.94 -48.05
N GLU D 249 -8.81 -24.10 -46.88
CA GLU D 249 -10.30 -24.05 -46.71
C GLU D 249 -10.83 -22.64 -47.04
N PHE D 250 -10.29 -21.60 -46.41
CA PHE D 250 -10.71 -20.19 -46.63
C PHE D 250 -10.75 -19.91 -48.14
N TRP D 251 -9.71 -20.30 -48.88
CA TRP D 251 -9.57 -19.98 -50.33
C TRP D 251 -10.58 -20.76 -51.18
N ALA D 252 -10.82 -22.04 -50.84
CA ALA D 252 -11.88 -22.87 -51.50
C ALA D 252 -13.24 -22.18 -51.31
N GLU D 253 -13.53 -21.69 -50.10
CA GLU D 253 -14.81 -20.98 -49.82
C GLU D 253 -14.83 -19.66 -50.58
N GLY D 254 -13.68 -19.01 -50.73
CA GLY D 254 -13.54 -17.77 -51.53
C GLY D 254 -13.91 -18.03 -52.97
N ASP D 255 -13.35 -19.10 -53.54
CA ASP D 255 -13.63 -19.57 -54.93
C ASP D 255 -15.15 -19.80 -55.08
N GLU D 256 -15.77 -20.45 -54.09
CA GLU D 256 -17.23 -20.75 -54.11
C GLU D 256 -18.05 -19.45 -54.00
N MET D 257 -17.55 -18.46 -53.24
CA MET D 257 -18.20 -17.12 -53.14
C MET D 257 -18.18 -16.47 -54.54
N LYS D 258 -17.04 -16.51 -55.23
CA LYS D 258 -16.90 -15.91 -56.59
C LYS D 258 -17.88 -16.58 -57.56
N LYS D 259 -18.13 -17.89 -57.38
CA LYS D 259 -19.04 -18.67 -58.25
C LYS D 259 -20.49 -18.24 -58.01
N LEU D 260 -20.82 -17.69 -56.84
CA LEU D 260 -22.17 -17.13 -56.54
C LEU D 260 -22.23 -15.66 -57.03
N GLY D 261 -21.19 -15.18 -57.73
CA GLY D 261 -21.08 -13.80 -58.23
C GLY D 261 -20.84 -12.80 -57.11
N ILE D 262 -20.31 -13.24 -55.97
CA ILE D 262 -20.02 -12.37 -54.79
C ILE D 262 -18.51 -12.31 -54.56
N GLN D 263 -17.99 -11.08 -54.39
CA GLN D 263 -16.58 -10.81 -54.05
C GLN D 263 -16.39 -11.18 -52.59
N PRO D 264 -15.53 -12.18 -52.27
CA PRO D 264 -15.32 -12.58 -50.89
C PRO D 264 -14.39 -11.58 -50.19
N ILE D 265 -14.45 -11.52 -48.85
CA ILE D 265 -13.49 -10.74 -48.01
C ILE D 265 -12.08 -11.17 -48.38
N PRO D 266 -11.05 -10.31 -48.15
CA PRO D 266 -9.67 -10.62 -48.49
C PRO D 266 -9.11 -11.93 -47.91
N MET D 267 -9.51 -12.27 -46.68
CA MET D 267 -9.04 -13.46 -45.92
C MET D 267 -9.27 -14.75 -46.75
N MET D 268 -10.35 -14.80 -47.54
CA MET D 268 -10.78 -15.99 -48.31
C MET D 268 -10.44 -15.86 -49.80
N ASP D 269 -9.80 -14.76 -50.22
CA ASP D 269 -9.45 -14.54 -51.65
C ASP D 269 -8.01 -15.01 -51.86
N ARG D 270 -7.83 -16.05 -52.69
CA ARG D 270 -6.50 -16.65 -52.96
C ARG D 270 -5.66 -15.72 -53.85
N ASP D 271 -6.27 -14.68 -54.45
CA ASP D 271 -5.54 -13.63 -55.22
C ASP D 271 -4.97 -12.58 -54.26
N LYS D 272 -5.29 -12.66 -52.96
CA LYS D 272 -4.83 -11.71 -51.93
C LYS D 272 -3.95 -12.46 -50.92
N LYS D 273 -3.20 -13.45 -51.42
CA LYS D 273 -2.36 -14.39 -50.64
C LYS D 273 -1.28 -13.65 -49.86
N ASP D 274 -0.69 -12.60 -50.46
CA ASP D 274 0.33 -11.71 -49.85
C ASP D 274 -0.20 -11.12 -48.52
N GLU D 275 -1.50 -10.84 -48.39
CA GLU D 275 -2.11 -10.11 -47.24
C GLU D 275 -2.32 -11.04 -46.03
N VAL D 276 -1.75 -12.25 -46.05
CA VAL D 276 -2.00 -13.32 -45.02
C VAL D 276 -1.31 -12.95 -43.71
N PRO D 277 0.01 -12.63 -43.68
CA PRO D 277 0.68 -12.28 -42.42
C PRO D 277 -0.01 -11.15 -41.63
N GLN D 278 -0.48 -10.11 -42.31
CA GLN D 278 -1.24 -8.97 -41.70
C GLN D 278 -2.62 -9.45 -41.22
N GLY D 279 -3.28 -10.35 -41.96
CA GLY D 279 -4.59 -10.91 -41.60
C GLY D 279 -4.53 -11.66 -40.28
N GLN D 280 -3.46 -12.45 -40.09
CA GLN D 280 -3.16 -13.24 -38.86
C GLN D 280 -2.93 -12.27 -37.70
N LEU D 281 -2.04 -11.30 -37.91
CA LEU D 281 -1.77 -10.19 -36.96
C LEU D 281 -3.13 -9.70 -36.45
N GLY D 282 -4.02 -9.31 -37.37
CA GLY D 282 -5.38 -8.84 -37.06
C GLY D 282 -6.11 -9.83 -36.17
N PHE D 283 -6.11 -11.11 -36.54
CA PHE D 283 -6.85 -12.20 -35.86
C PHE D 283 -6.34 -12.37 -34.42
N TYR D 284 -5.03 -12.42 -34.21
CA TYR D 284 -4.38 -12.56 -32.88
C TYR D 284 -4.79 -11.39 -31.97
N ASN D 285 -4.72 -10.16 -32.49
CA ASN D 285 -5.04 -8.90 -31.76
C ASN D 285 -6.55 -8.82 -31.48
N ALA D 286 -7.41 -9.04 -32.47
CA ALA D 286 -8.88 -8.89 -32.31
C ALA D 286 -9.53 -10.14 -31.67
N VAL D 287 -8.91 -11.34 -31.71
CA VAL D 287 -9.61 -12.60 -31.26
C VAL D 287 -8.78 -13.42 -30.28
N ALA D 288 -7.60 -13.92 -30.68
CA ALA D 288 -6.85 -14.97 -29.92
C ALA D 288 -6.26 -14.42 -28.61
N ILE D 289 -5.54 -13.30 -28.65
CA ILE D 289 -4.90 -12.71 -27.43
C ILE D 289 -5.99 -12.40 -26.40
N PRO D 290 -7.06 -11.66 -26.74
CA PRO D 290 -8.09 -11.37 -25.75
C PRO D 290 -8.66 -12.67 -25.15
N CYS D 291 -8.78 -13.71 -25.97
CA CYS D 291 -9.38 -15.01 -25.57
C CYS D 291 -8.58 -15.63 -24.41
N TYR D 292 -7.29 -15.88 -24.63
CA TYR D 292 -6.36 -16.53 -23.67
C TYR D 292 -5.99 -15.56 -22.53
N THR D 293 -6.03 -14.23 -22.74
CA THR D 293 -5.90 -13.20 -21.66
C THR D 293 -7.03 -13.42 -20.65
N THR D 294 -8.29 -13.29 -21.07
CA THR D 294 -9.48 -13.47 -20.20
C THR D 294 -9.48 -14.87 -19.54
N LEU D 295 -9.09 -15.91 -20.27
CA LEU D 295 -9.15 -17.31 -19.75
C LEU D 295 -8.07 -17.50 -18.68
N THR D 296 -6.86 -16.96 -18.91
CA THR D 296 -5.75 -16.95 -17.92
C THR D 296 -6.22 -16.17 -16.68
N GLN D 297 -6.95 -15.06 -16.84
CA GLN D 297 -7.55 -14.30 -15.70
C GLN D 297 -8.32 -15.32 -14.83
N ILE D 298 -9.31 -16.00 -15.41
CA ILE D 298 -10.34 -16.81 -14.68
C ILE D 298 -9.74 -18.13 -14.17
N LEU D 299 -8.89 -18.78 -14.98
CA LEU D 299 -8.26 -20.08 -14.66
C LEU D 299 -6.74 -19.93 -14.86
N PRO D 300 -6.03 -19.33 -13.87
CA PRO D 300 -4.60 -19.06 -13.98
C PRO D 300 -3.74 -20.19 -14.56
N PRO D 301 -3.99 -21.48 -14.23
CA PRO D 301 -3.15 -22.57 -14.76
C PRO D 301 -3.21 -22.77 -16.28
N THR D 302 -4.03 -22.00 -17.01
CA THR D 302 -4.09 -22.02 -18.51
C THR D 302 -3.12 -20.99 -19.11
N GLU D 303 -2.39 -20.24 -18.28
CA GLU D 303 -1.41 -19.20 -18.72
C GLU D 303 -0.50 -19.71 -19.85
N PRO D 304 0.01 -20.97 -19.85
CA PRO D 304 0.84 -21.44 -20.96
C PRO D 304 0.22 -21.28 -22.36
N LEU D 305 -1.11 -21.32 -22.49
CA LEU D 305 -1.82 -21.04 -23.77
C LEU D 305 -1.57 -19.57 -24.16
N LEU D 306 -1.78 -18.61 -23.25
CA LEU D 306 -1.55 -17.16 -23.51
C LEU D 306 -0.08 -16.95 -23.92
N LYS D 307 0.87 -17.56 -23.20
CA LYS D 307 2.34 -17.45 -23.44
C LYS D 307 2.69 -17.90 -24.87
N ALA D 308 2.29 -19.11 -25.26
CA ALA D 308 2.49 -19.68 -26.61
C ALA D 308 1.84 -18.76 -27.67
N CYS D 309 0.65 -18.22 -27.39
CA CYS D 309 -0.05 -17.29 -28.32
C CYS D 309 0.78 -16.01 -28.53
N ARG D 310 1.32 -15.41 -27.46
CA ARG D 310 2.11 -14.16 -27.57
C ARG D 310 3.36 -14.45 -28.42
N ASP D 311 4.00 -15.60 -28.22
CA ASP D 311 5.20 -16.00 -29.00
C ASP D 311 4.86 -16.02 -30.51
N ASN D 312 3.72 -16.63 -30.88
CA ASN D 312 3.30 -16.79 -32.30
C ASN D 312 2.94 -15.43 -32.90
N LEU D 313 2.34 -14.51 -32.12
CA LEU D 313 2.03 -13.13 -32.58
C LEU D 313 3.35 -12.48 -33.05
N SER D 314 4.40 -12.57 -32.22
CA SER D 314 5.74 -11.98 -32.50
C SER D 314 6.42 -12.71 -33.67
N GLN D 315 6.04 -13.97 -33.95
CA GLN D 315 6.54 -14.73 -35.13
C GLN D 315 5.89 -14.19 -36.42
N TRP D 316 4.58 -13.88 -36.39
CA TRP D 316 3.87 -13.26 -37.54
C TRP D 316 4.41 -11.84 -37.78
N GLU D 317 4.73 -11.10 -36.71
CA GLU D 317 5.30 -9.73 -36.80
C GLU D 317 6.67 -9.79 -37.48
N LYS D 318 7.47 -10.82 -37.17
CA LYS D 318 8.75 -11.11 -37.87
C LYS D 318 8.49 -11.31 -39.37
N VAL D 319 7.60 -12.26 -39.73
CA VAL D 319 7.26 -12.60 -41.14
C VAL D 319 6.91 -11.30 -41.89
N ILE D 320 6.13 -10.40 -41.28
CA ILE D 320 5.62 -9.15 -41.91
C ILE D 320 6.79 -8.26 -42.37
N ARG D 321 7.98 -8.39 -41.76
CA ARG D 321 9.18 -7.59 -42.12
C ARG D 321 10.29 -8.48 -42.73
N GLY D 322 10.24 -9.81 -42.53
CA GLY D 322 11.26 -10.74 -43.06
C GLY D 322 12.56 -10.66 -42.27
ZN ZN E . 6.98 26.40 22.86
MG MG F . 6.97 24.52 26.24
CL CL G . 21.70 44.34 13.66
C11 K1X H . -0.05 29.83 20.93
C13 K1X H . 1.01 27.26 24.25
C15 K1X H . -4.02 27.79 27.32
C16 K1X H . -3.64 27.51 28.62
C17 K1X H . -2.46 26.82 28.89
C18 K1X H . -1.66 26.40 27.83
C19 K1X H . -2.02 26.68 26.53
C21 K1X H . -4.17 29.05 30.30
C25 K1X H . 1.33 26.06 24.95
C26 K1X H . 0.12 27.15 23.15
C27 K1X H . 1.63 28.46 24.65
C1 K1X H . -5.14 27.92 23.18
C2 K1X H . -4.89 27.60 24.46
N3 K1X H . -3.58 27.67 24.91
N4 K1X H . -2.50 28.05 24.12
C5 K1X H . -2.74 28.35 22.87
C6 K1X H . -4.08 28.32 22.31
O7 K1X H . -4.31 28.62 21.12
C8 K1X H . -1.55 28.77 22.16
N9 K1X H . -0.29 28.25 22.34
N10 K1X H . 0.64 28.89 21.56
C12 K1X H . -1.41 29.80 21.26
C14 K1X H . -3.21 27.36 26.27
O20 K1X H . -4.46 27.92 29.67
F22 K1X H . -4.25 30.12 29.54
F23 K1X H . -5.04 29.25 31.28
F24 K1X H . -2.96 29.06 30.84
N28 K1X H . 0.79 24.84 24.62
C29 K1X H . 2.24 26.12 26.03
C30 K1X H . -0.40 25.92 22.84
C31 K1X H . 2.49 28.48 25.70
C32 K1X H . -0.05 24.82 23.60
C33 K1X H . 2.79 27.32 26.40
ZN ZN I . 5.27 11.29 -11.56
MG MG J . 7.04 14.78 -11.65
C1 GOL K . 12.53 18.98 2.80
O1 GOL K . 13.02 20.15 2.15
C2 GOL K . 11.15 18.63 2.30
O2 GOL K . 11.01 19.14 0.98
C3 GOL K . 10.03 19.16 3.18
O3 GOL K . 8.89 19.54 2.42
C11 K1X L . -2.58 11.41 -12.38
C13 K1X L . 0.24 14.74 -12.04
C15 K1X L . -3.39 19.18 -13.47
C16 K1X L . -2.52 20.20 -13.86
C17 K1X L . -1.18 20.16 -13.52
C18 K1X L . -0.69 19.10 -12.76
C19 K1X L . -1.53 18.08 -12.36
C21 K1X L . -3.18 21.10 -15.93
C25 K1X L . 1.10 15.67 -11.42
C26 K1X L . -0.89 14.28 -11.29
C27 K1X L . 0.53 14.31 -13.36
C1 K1X L . -5.82 16.25 -11.48
C2 K1X L . -5.07 17.30 -11.89
N3 K1X L . -3.77 17.06 -12.31
N4 K1X L . -3.17 15.80 -12.31
C5 K1X L . -3.89 14.78 -11.90
C6 K1X L . -5.27 14.92 -11.47
O7 K1X L . -5.96 13.93 -11.10
C8 K1X L . -3.19 13.52 -11.99
N9 K1X L . -1.86 13.33 -11.76
N10 K1X L . -1.47 12.03 -12.00
C12 K1X L . -3.68 12.26 -12.41
C14 K1X L . -2.89 18.12 -12.72
O20 K1X L . -3.04 21.26 -14.62
F22 K1X L . -3.82 20.00 -16.34
F23 K1X L . -3.90 22.12 -16.35
F24 K1X L . -2.03 21.12 -16.57
N28 K1X L . 0.89 16.16 -10.15
C29 K1X L . 2.23 16.15 -12.13
C30 K1X L . -1.08 14.79 -10.01
C31 K1X L . 1.63 14.78 -14.01
C32 K1X L . -0.17 15.71 -9.50
C33 K1X L . 2.48 15.69 -13.41
ZN ZN M . -2.24 -9.71 18.82
MG MG N . -1.75 -11.92 15.68
C11 K1X O . -9.74 -7.13 20.02
C13 K1X O . -8.00 -9.46 16.75
C15 K1X O . -13.05 -10.90 13.95
C16 K1X O . -12.71 -12.00 13.19
C17 K1X O . -11.38 -12.31 12.92
C18 K1X O . -10.38 -11.49 13.44
C19 K1X O . -10.70 -10.38 14.21
C21 K1X O . -14.16 -13.84 13.47
C25 K1X O . -7.30 -9.70 15.54
C26 K1X O . -8.68 -8.22 16.87
C27 K1X O . -8.00 -10.45 17.74
C1 K1X O . -13.76 -7.14 15.82
C2 K1X O . -13.51 -8.19 15.02
N3 K1X O . -12.38 -8.94 15.27
N4 K1X O . -11.48 -8.69 16.29
C5 K1X O . -11.71 -7.64 17.05
C6 K1X O . -12.86 -6.79 16.89
O7 K1X O . -13.08 -5.80 17.64
C8 K1X O . -10.76 -7.47 18.11
N9 K1X O . -9.43 -7.79 18.01
N10 K1X O . -8.78 -7.56 19.19
C12 K1X O . -10.98 -7.07 19.42
C14 K1X O . -12.04 -10.08 14.46
O20 K1X O . -13.74 -12.82 12.71
F22 K1X O . -14.58 -13.48 14.67
F23 K1X O . -15.17 -14.48 12.93
F24 K1X O . -13.21 -14.74 13.61
N28 K1X O . -7.24 -8.79 14.52
C29 K1X O . -6.62 -10.93 15.38
C30 K1X O . -8.61 -7.32 15.82
C31 K1X O . -7.33 -11.63 17.56
C32 K1X O . -7.90 -7.65 14.69
C33 K1X O . -6.64 -11.86 16.38
ZN ZN P . -13.38 -26.46 -34.56
MG MG Q . -16.94 -25.22 -35.84
C11 K1X R . -7.41 -21.06 -35.30
C13 K1X R . -11.59 -20.95 -36.72
C15 K1X R . -11.79 -15.33 -38.39
C16 K1X R . -13.14 -15.03 -38.35
C17 K1X R . -14.10 -16.03 -38.31
C18 K1X R . -13.70 -17.35 -38.32
C19 K1X R . -12.36 -17.69 -38.37
C21 K1X R . -14.00 -13.16 -37.17
C25 K1X R . -12.68 -21.20 -37.59
C26 K1X R . -10.29 -20.94 -37.28
C27 K1X R . -11.86 -20.75 -35.35
C1 K1X R . -7.83 -16.72 -39.22
C2 K1X R . -9.11 -16.31 -39.21
N3 K1X R . -10.01 -17.03 -38.44
N4 K1X R . -9.69 -18.12 -37.68
C5 K1X R . -8.44 -18.52 -37.68
C6 K1X R . -7.40 -17.83 -38.46
O7 K1X R . -6.19 -18.24 -38.44
C8 K1X R . -8.19 -19.64 -36.82
N9 K1X R . -9.06 -20.68 -36.61
N10 K1X R . -8.57 -21.58 -35.68
C12 K1X R . -7.11 -19.86 -35.95
C14 K1X R . -11.40 -16.68 -38.39
O20 K1X R . -13.54 -13.67 -38.32
F22 K1X R . -13.03 -13.20 -36.26
F23 K1X R . -14.37 -11.89 -37.28
F24 K1X R . -15.06 -13.79 -36.67
N28 K1X R . -12.51 -21.41 -38.94
C29 K1X R . -13.99 -21.25 -37.05
C30 K1X R . -10.16 -21.15 -38.65
C31 K1X R . -13.14 -20.79 -34.87
C32 K1X R . -11.29 -21.38 -39.41
C33 K1X R . -14.20 -21.04 -35.72
#